data_1S6A
# 
_entry.id   1S6A 
# 
_audit_conform.dict_name       mmcif_pdbx.dic 
_audit_conform.dict_version    5.399 
_audit_conform.dict_location   http://mmcif.pdb.org/dictionaries/ascii/mmcif_pdbx.dic 
# 
loop_
_database_2.database_id 
_database_2.database_code 
_database_2.pdbx_database_accession 
_database_2.pdbx_DOI 
PDB   1S6A         pdb_00001s6a 10.2210/pdb1s6a/pdb 
RCSB  RCSB021420   ?            ?                   
WWPDB D_1000021420 ?            ?                   
# 
loop_
_pdbx_audit_revision_history.ordinal 
_pdbx_audit_revision_history.data_content_type 
_pdbx_audit_revision_history.major_revision 
_pdbx_audit_revision_history.minor_revision 
_pdbx_audit_revision_history.revision_date 
1 'Structure model' 1 0 2004-09-21 
2 'Structure model' 1 1 2008-04-29 
3 'Structure model' 1 2 2011-07-13 
4 'Structure model' 1 3 2023-08-23 
5 'Structure model' 1 4 2024-11-20 
# 
_pdbx_audit_revision_details.ordinal             1 
_pdbx_audit_revision_details.revision_ordinal    1 
_pdbx_audit_revision_details.data_content_type   'Structure model' 
_pdbx_audit_revision_details.provider            repository 
_pdbx_audit_revision_details.type                'Initial release' 
_pdbx_audit_revision_details.description         ? 
_pdbx_audit_revision_details.details             ? 
# 
loop_
_pdbx_audit_revision_group.ordinal 
_pdbx_audit_revision_group.revision_ordinal 
_pdbx_audit_revision_group.data_content_type 
_pdbx_audit_revision_group.group 
1 2 'Structure model' 'Version format compliance' 
2 3 'Structure model' 'Source and taxonomy'       
3 3 'Structure model' 'Version format compliance' 
4 4 'Structure model' 'Data collection'           
5 4 'Structure model' 'Database references'       
6 4 'Structure model' 'Derived calculations'      
7 4 'Structure model' 'Refinement description'    
8 5 'Structure model' 'Structure summary'         
# 
loop_
_pdbx_audit_revision_category.ordinal 
_pdbx_audit_revision_category.revision_ordinal 
_pdbx_audit_revision_category.data_content_type 
_pdbx_audit_revision_category.category 
1 4 'Structure model' chem_comp_atom                
2 4 'Structure model' chem_comp_bond                
3 4 'Structure model' database_2                    
4 4 'Structure model' pdbx_initial_refinement_model 
5 4 'Structure model' struct_conn                   
6 4 'Structure model' struct_conn_type              
7 4 'Structure model' struct_site                   
8 5 'Structure model' pdbx_entry_details            
9 5 'Structure model' pdbx_modification_feature     
# 
loop_
_pdbx_audit_revision_item.ordinal 
_pdbx_audit_revision_item.revision_ordinal 
_pdbx_audit_revision_item.data_content_type 
_pdbx_audit_revision_item.item 
1  4 'Structure model' '_database_2.pdbx_DOI'                
2  4 'Structure model' '_database_2.pdbx_database_accession' 
3  4 'Structure model' '_struct_conn.conn_type_id'           
4  4 'Structure model' '_struct_conn.id'                     
5  4 'Structure model' '_struct_conn.pdbx_dist_value'        
6  4 'Structure model' '_struct_conn.pdbx_leaving_atom_flag' 
7  4 'Structure model' '_struct_conn.ptnr1_auth_comp_id'     
8  4 'Structure model' '_struct_conn.ptnr1_auth_seq_id'      
9  4 'Structure model' '_struct_conn.ptnr1_label_asym_id'    
10 4 'Structure model' '_struct_conn.ptnr1_label_atom_id'    
11 4 'Structure model' '_struct_conn.ptnr1_label_comp_id'    
12 4 'Structure model' '_struct_conn.ptnr1_label_seq_id'     
13 4 'Structure model' '_struct_conn.ptnr2_auth_comp_id'     
14 4 'Structure model' '_struct_conn.ptnr2_auth_seq_id'      
15 4 'Structure model' '_struct_conn.ptnr2_label_asym_id'    
16 4 'Structure model' '_struct_conn.ptnr2_label_atom_id'    
17 4 'Structure model' '_struct_conn.ptnr2_label_comp_id'    
18 4 'Structure model' '_struct_conn_type.id'                
19 4 'Structure model' '_struct_site.pdbx_auth_asym_id'      
20 4 'Structure model' '_struct_site.pdbx_auth_comp_id'      
21 4 'Structure model' '_struct_site.pdbx_auth_seq_id'       
# 
_pdbx_database_status.status_code                     REL 
_pdbx_database_status.entry_id                        1S6A 
_pdbx_database_status.recvd_initial_deposition_date   2004-01-22 
_pdbx_database_status.deposit_site                    RCSB 
_pdbx_database_status.process_site                    RCSB 
_pdbx_database_status.status_code_sf                  REL 
_pdbx_database_status.SG_entry                        . 
_pdbx_database_status.pdb_format_compatible           Y 
_pdbx_database_status.status_code_mr                  ? 
_pdbx_database_status.status_code_cs                  ? 
_pdbx_database_status.status_code_nmr_data            ? 
_pdbx_database_status.methods_development_category    ? 
# 
_pdbx_database_related.db_name        PDB 
_pdbx_database_related.db_id          1S69 
_pdbx_database_related.details        . 
_pdbx_database_related.content_type   unspecified 
# 
loop_
_audit_author.name 
_audit_author.pdbx_ordinal 
'Trent III, J.T.' 1 
'Kundu, S.'       2 
'Hoy, J.A.'       3 
'Hargrove, M.S.'  4 
# 
_citation.id                        primary 
_citation.title                     
;Crystallographic analysis of synechocystis cyanoglobin reveals the structural changes accompanying ligand binding in a hexacoordinate hemoglobin.
;
_citation.journal_abbrev            J.Mol.Biol. 
_citation.journal_volume            341 
_citation.page_first                1097 
_citation.page_last                 1108 
_citation.year                      2004 
_citation.journal_id_ASTM           JMOBAK 
_citation.country                   UK 
_citation.journal_id_ISSN           0022-2836 
_citation.journal_id_CSD            0070 
_citation.book_publisher            ? 
_citation.pdbx_database_id_PubMed   15289104 
_citation.pdbx_database_id_DOI      10.1016/j.jmb.2004.05.070 
# 
loop_
_citation_author.citation_id 
_citation_author.name 
_citation_author.ordinal 
_citation_author.identifier_ORCID 
primary 'Trent III, J.T.' 1 ? 
primary 'Kundu, S.'       2 ? 
primary 'Hoy, J.A.'       3 ? 
primary 'Hargrove, M.S.'  4 ? 
# 
loop_
_entity.id 
_entity.type 
_entity.src_method 
_entity.pdbx_description 
_entity.formula_weight 
_entity.pdbx_number_of_molecules 
_entity.pdbx_ec 
_entity.pdbx_mutation 
_entity.pdbx_fragment 
_entity.details 
1 polymer     man Cyanoglobin                       13888.623 1   ? ? ? ? 
2 non-polymer syn 'CITRATE ANION'                   189.100   1   ? ? ? ? 
3 non-polymer syn 'AZIDE ION'                       42.020    1   ? ? ? ? 
4 non-polymer syn 'PROTOPORPHYRIN IX CONTAINING FE' 616.487   1   ? ? ? ? 
5 water       nat water                             18.015    142 ? ? ? ? 
# 
_entity_name_com.entity_id   1 
_entity_name_com.name        'Hemoglobin, Hb' 
# 
_entity_poly.entity_id                      1 
_entity_poly.type                           'polypeptide(L)' 
_entity_poly.nstd_linkage                   no 
_entity_poly.nstd_monomer                   no 
_entity_poly.pdbx_seq_one_letter_code       
;MSTLYEKLGGTTAVDLAVDKFYERVLQDDRIKHFFADVDMAKQRAHQKAFLTYAFGGTDKYDGRYMREAHKELVENHGLN
GEHFDAVAEDLLATLKEMGVPEDLIAEVAAVAGAPAHKRDVLNQ
;
_entity_poly.pdbx_seq_one_letter_code_can   
;MSTLYEKLGGTTAVDLAVDKFYERVLQDDRIKHFFADVDMAKQRAHQKAFLTYAFGGTDKYDGRYMREAHKELVENHGLN
GEHFDAVAEDLLATLKEMGVPEDLIAEVAAVAGAPAHKRDVLNQ
;
_entity_poly.pdbx_strand_id                 A 
_entity_poly.pdbx_target_identifier         ? 
# 
loop_
_pdbx_entity_nonpoly.entity_id 
_pdbx_entity_nonpoly.name 
_pdbx_entity_nonpoly.comp_id 
2 'CITRATE ANION'                   FLC 
3 'AZIDE ION'                       AZI 
4 'PROTOPORPHYRIN IX CONTAINING FE' HEM 
5 water                             HOH 
# 
loop_
_entity_poly_seq.entity_id 
_entity_poly_seq.num 
_entity_poly_seq.mon_id 
_entity_poly_seq.hetero 
1 1   MET n 
1 2   SER n 
1 3   THR n 
1 4   LEU n 
1 5   TYR n 
1 6   GLU n 
1 7   LYS n 
1 8   LEU n 
1 9   GLY n 
1 10  GLY n 
1 11  THR n 
1 12  THR n 
1 13  ALA n 
1 14  VAL n 
1 15  ASP n 
1 16  LEU n 
1 17  ALA n 
1 18  VAL n 
1 19  ASP n 
1 20  LYS n 
1 21  PHE n 
1 22  TYR n 
1 23  GLU n 
1 24  ARG n 
1 25  VAL n 
1 26  LEU n 
1 27  GLN n 
1 28  ASP n 
1 29  ASP n 
1 30  ARG n 
1 31  ILE n 
1 32  LYS n 
1 33  HIS n 
1 34  PHE n 
1 35  PHE n 
1 36  ALA n 
1 37  ASP n 
1 38  VAL n 
1 39  ASP n 
1 40  MET n 
1 41  ALA n 
1 42  LYS n 
1 43  GLN n 
1 44  ARG n 
1 45  ALA n 
1 46  HIS n 
1 47  GLN n 
1 48  LYS n 
1 49  ALA n 
1 50  PHE n 
1 51  LEU n 
1 52  THR n 
1 53  TYR n 
1 54  ALA n 
1 55  PHE n 
1 56  GLY n 
1 57  GLY n 
1 58  THR n 
1 59  ASP n 
1 60  LYS n 
1 61  TYR n 
1 62  ASP n 
1 63  GLY n 
1 64  ARG n 
1 65  TYR n 
1 66  MET n 
1 67  ARG n 
1 68  GLU n 
1 69  ALA n 
1 70  HIS n 
1 71  LYS n 
1 72  GLU n 
1 73  LEU n 
1 74  VAL n 
1 75  GLU n 
1 76  ASN n 
1 77  HIS n 
1 78  GLY n 
1 79  LEU n 
1 80  ASN n 
1 81  GLY n 
1 82  GLU n 
1 83  HIS n 
1 84  PHE n 
1 85  ASP n 
1 86  ALA n 
1 87  VAL n 
1 88  ALA n 
1 89  GLU n 
1 90  ASP n 
1 91  LEU n 
1 92  LEU n 
1 93  ALA n 
1 94  THR n 
1 95  LEU n 
1 96  LYS n 
1 97  GLU n 
1 98  MET n 
1 99  GLY n 
1 100 VAL n 
1 101 PRO n 
1 102 GLU n 
1 103 ASP n 
1 104 LEU n 
1 105 ILE n 
1 106 ALA n 
1 107 GLU n 
1 108 VAL n 
1 109 ALA n 
1 110 ALA n 
1 111 VAL n 
1 112 ALA n 
1 113 GLY n 
1 114 ALA n 
1 115 PRO n 
1 116 ALA n 
1 117 HIS n 
1 118 LYS n 
1 119 ARG n 
1 120 ASP n 
1 121 VAL n 
1 122 LEU n 
1 123 ASN n 
1 124 GLN n 
# 
_entity_src_gen.entity_id                          1 
_entity_src_gen.pdbx_src_id                        1 
_entity_src_gen.pdbx_alt_source_flag               sample 
_entity_src_gen.pdbx_seq_type                      ? 
_entity_src_gen.pdbx_beg_seq_num                   ? 
_entity_src_gen.pdbx_end_seq_num                   ? 
_entity_src_gen.gene_src_common_name               ? 
_entity_src_gen.gene_src_genus                     Synechocystis 
_entity_src_gen.pdbx_gene_src_gene                 'GLBN, SLR2097' 
_entity_src_gen.gene_src_species                   ? 
_entity_src_gen.gene_src_strain                    'PCC 6803' 
_entity_src_gen.gene_src_tissue                    ? 
_entity_src_gen.gene_src_tissue_fraction           ? 
_entity_src_gen.gene_src_details                   ? 
_entity_src_gen.pdbx_gene_src_fragment             ? 
_entity_src_gen.pdbx_gene_src_scientific_name      'Synechocystis sp.' 
_entity_src_gen.pdbx_gene_src_ncbi_taxonomy_id     1148 
_entity_src_gen.pdbx_gene_src_variant              ? 
_entity_src_gen.pdbx_gene_src_cell_line            ? 
_entity_src_gen.pdbx_gene_src_atcc                 ? 
_entity_src_gen.pdbx_gene_src_organ                ? 
_entity_src_gen.pdbx_gene_src_organelle            ? 
_entity_src_gen.pdbx_gene_src_cell                 ? 
_entity_src_gen.pdbx_gene_src_cellular_location    ? 
_entity_src_gen.host_org_common_name               ? 
_entity_src_gen.pdbx_host_org_scientific_name      'Escherichia coli BL21(DE3)' 
_entity_src_gen.pdbx_host_org_ncbi_taxonomy_id     469008 
_entity_src_gen.host_org_genus                     Escherichia 
_entity_src_gen.pdbx_host_org_gene                 ? 
_entity_src_gen.pdbx_host_org_organ                ? 
_entity_src_gen.host_org_species                   'Escherichia coli' 
_entity_src_gen.pdbx_host_org_tissue               ? 
_entity_src_gen.pdbx_host_org_tissue_fraction      ? 
_entity_src_gen.pdbx_host_org_strain               'BL21(DE3)' 
_entity_src_gen.pdbx_host_org_variant              ? 
_entity_src_gen.pdbx_host_org_cell_line            ? 
_entity_src_gen.pdbx_host_org_atcc                 ? 
_entity_src_gen.pdbx_host_org_culture_collection   ? 
_entity_src_gen.pdbx_host_org_cell                 ? 
_entity_src_gen.pdbx_host_org_organelle            ? 
_entity_src_gen.pdbx_host_org_cellular_location    ? 
_entity_src_gen.pdbx_host_org_vector_type          Plasmid 
_entity_src_gen.pdbx_host_org_vector               ? 
_entity_src_gen.host_org_details                   ? 
_entity_src_gen.expression_system_id               ? 
_entity_src_gen.plasmid_name                       pET28c 
_entity_src_gen.plasmid_details                    ? 
_entity_src_gen.pdbx_description                   ? 
# 
loop_
_chem_comp.id 
_chem_comp.type 
_chem_comp.mon_nstd_flag 
_chem_comp.name 
_chem_comp.pdbx_synonyms 
_chem_comp.formula 
_chem_comp.formula_weight 
ALA 'L-peptide linking' y ALANINE                           ?    'C3 H7 N O2'       89.093  
ARG 'L-peptide linking' y ARGININE                          ?    'C6 H15 N4 O2 1'   175.209 
ASN 'L-peptide linking' y ASPARAGINE                        ?    'C4 H8 N2 O3'      132.118 
ASP 'L-peptide linking' y 'ASPARTIC ACID'                   ?    'C4 H7 N O4'       133.103 
AZI non-polymer         . 'AZIDE ION'                       ?    'N3 -1'            42.020  
FLC non-polymer         . 'CITRATE ANION'                   ?    'C6 H5 O7 -3'      189.100 
GLN 'L-peptide linking' y GLUTAMINE                         ?    'C5 H10 N2 O3'     146.144 
GLU 'L-peptide linking' y 'GLUTAMIC ACID'                   ?    'C5 H9 N O4'       147.129 
GLY 'peptide linking'   y GLYCINE                           ?    'C2 H5 N O2'       75.067  
HEM non-polymer         . 'PROTOPORPHYRIN IX CONTAINING FE' HEME 'C34 H32 Fe N4 O4' 616.487 
HIS 'L-peptide linking' y HISTIDINE                         ?    'C6 H10 N3 O2 1'   156.162 
HOH non-polymer         . WATER                             ?    'H2 O'             18.015  
ILE 'L-peptide linking' y ISOLEUCINE                        ?    'C6 H13 N O2'      131.173 
LEU 'L-peptide linking' y LEUCINE                           ?    'C6 H13 N O2'      131.173 
LYS 'L-peptide linking' y LYSINE                            ?    'C6 H15 N2 O2 1'   147.195 
MET 'L-peptide linking' y METHIONINE                        ?    'C5 H11 N O2 S'    149.211 
PHE 'L-peptide linking' y PHENYLALANINE                     ?    'C9 H11 N O2'      165.189 
PRO 'L-peptide linking' y PROLINE                           ?    'C5 H9 N O2'       115.130 
SER 'L-peptide linking' y SERINE                            ?    'C3 H7 N O3'       105.093 
THR 'L-peptide linking' y THREONINE                         ?    'C4 H9 N O3'       119.119 
TYR 'L-peptide linking' y TYROSINE                          ?    'C9 H11 N O3'      181.189 
VAL 'L-peptide linking' y VALINE                            ?    'C5 H11 N O2'      117.146 
# 
loop_
_pdbx_poly_seq_scheme.asym_id 
_pdbx_poly_seq_scheme.entity_id 
_pdbx_poly_seq_scheme.seq_id 
_pdbx_poly_seq_scheme.mon_id 
_pdbx_poly_seq_scheme.ndb_seq_num 
_pdbx_poly_seq_scheme.pdb_seq_num 
_pdbx_poly_seq_scheme.auth_seq_num 
_pdbx_poly_seq_scheme.pdb_mon_id 
_pdbx_poly_seq_scheme.auth_mon_id 
_pdbx_poly_seq_scheme.pdb_strand_id 
_pdbx_poly_seq_scheme.pdb_ins_code 
_pdbx_poly_seq_scheme.hetero 
A 1 1   MET 1   1   ?   ?   ?   A . n 
A 1 2   SER 2   2   2   SER SER A . n 
A 1 3   THR 3   3   3   THR THR A . n 
A 1 4   LEU 4   4   4   LEU LEU A . n 
A 1 5   TYR 5   5   5   TYR TYR A . n 
A 1 6   GLU 6   6   6   GLU GLU A . n 
A 1 7   LYS 7   7   7   LYS LYS A . n 
A 1 8   LEU 8   8   8   LEU LEU A . n 
A 1 9   GLY 9   9   9   GLY GLY A . n 
A 1 10  GLY 10  10  10  GLY GLY A . n 
A 1 11  THR 11  11  11  THR THR A . n 
A 1 12  THR 12  12  12  THR THR A . n 
A 1 13  ALA 13  13  13  ALA ALA A . n 
A 1 14  VAL 14  14  14  VAL VAL A . n 
A 1 15  ASP 15  15  15  ASP ASP A . n 
A 1 16  LEU 16  16  16  LEU LEU A . n 
A 1 17  ALA 17  17  17  ALA ALA A . n 
A 1 18  VAL 18  18  18  VAL VAL A . n 
A 1 19  ASP 19  19  19  ASP ASP A . n 
A 1 20  LYS 20  20  20  LYS LYS A . n 
A 1 21  PHE 21  21  21  PHE PHE A . n 
A 1 22  TYR 22  22  22  TYR TYR A . n 
A 1 23  GLU 23  23  23  GLU GLU A . n 
A 1 24  ARG 24  24  24  ARG ARG A . n 
A 1 25  VAL 25  25  25  VAL VAL A . n 
A 1 26  LEU 26  26  26  LEU LEU A . n 
A 1 27  GLN 27  27  27  GLN GLN A . n 
A 1 28  ASP 28  28  28  ASP ASP A . n 
A 1 29  ASP 29  29  29  ASP ASP A . n 
A 1 30  ARG 30  30  30  ARG ARG A . n 
A 1 31  ILE 31  31  31  ILE ILE A . n 
A 1 32  LYS 32  32  32  LYS LYS A . n 
A 1 33  HIS 33  33  33  HIS HIS A . n 
A 1 34  PHE 34  34  34  PHE PHE A . n 
A 1 35  PHE 35  35  35  PHE PHE A . n 
A 1 36  ALA 36  36  36  ALA ALA A . n 
A 1 37  ASP 37  37  37  ASP ASP A . n 
A 1 38  VAL 38  38  38  VAL VAL A . n 
A 1 39  ASP 39  39  39  ASP ASP A . n 
A 1 40  MET 40  40  40  MET MET A . n 
A 1 41  ALA 41  41  41  ALA ALA A . n 
A 1 42  LYS 42  42  42  LYS LYS A . n 
A 1 43  GLN 43  43  43  GLN GLN A . n 
A 1 44  ARG 44  44  44  ARG ARG A . n 
A 1 45  ALA 45  45  45  ALA ALA A . n 
A 1 46  HIS 46  46  46  HIS HIS A . n 
A 1 47  GLN 47  47  47  GLN GLN A . n 
A 1 48  LYS 48  48  48  LYS LYS A . n 
A 1 49  ALA 49  49  49  ALA ALA A . n 
A 1 50  PHE 50  50  50  PHE PHE A . n 
A 1 51  LEU 51  51  51  LEU LEU A . n 
A 1 52  THR 52  52  52  THR THR A . n 
A 1 53  TYR 53  53  53  TYR TYR A . n 
A 1 54  ALA 54  54  54  ALA ALA A . n 
A 1 55  PHE 55  55  55  PHE PHE A . n 
A 1 56  GLY 56  56  56  GLY GLY A . n 
A 1 57  GLY 57  57  57  GLY GLY A . n 
A 1 58  THR 58  58  58  THR THR A . n 
A 1 59  ASP 59  59  59  ASP ASP A . n 
A 1 60  LYS 60  60  60  LYS LYS A . n 
A 1 61  TYR 61  61  61  TYR TYR A . n 
A 1 62  ASP 62  62  62  ASP ASP A . n 
A 1 63  GLY 63  63  63  GLY GLY A . n 
A 1 64  ARG 64  64  64  ARG ARG A . n 
A 1 65  TYR 65  65  65  TYR TYR A . n 
A 1 66  MET 66  66  66  MET MET A . n 
A 1 67  ARG 67  67  67  ARG ARG A . n 
A 1 68  GLU 68  68  68  GLU GLU A . n 
A 1 69  ALA 69  69  69  ALA ALA A . n 
A 1 70  HIS 70  70  70  HIS HIS A . n 
A 1 71  LYS 71  71  71  LYS LYS A . n 
A 1 72  GLU 72  72  72  GLU GLU A . n 
A 1 73  LEU 73  73  73  LEU LEU A . n 
A 1 74  VAL 74  74  74  VAL VAL A . n 
A 1 75  GLU 75  75  75  GLU GLU A . n 
A 1 76  ASN 76  76  76  ASN ASN A . n 
A 1 77  HIS 77  77  77  HIS HIS A . n 
A 1 78  GLY 78  78  78  GLY GLY A . n 
A 1 79  LEU 79  79  79  LEU LEU A . n 
A 1 80  ASN 80  80  80  ASN ASN A . n 
A 1 81  GLY 81  81  81  GLY GLY A . n 
A 1 82  GLU 82  82  82  GLU GLU A . n 
A 1 83  HIS 83  83  83  HIS HIS A . n 
A 1 84  PHE 84  84  84  PHE PHE A . n 
A 1 85  ASP 85  85  85  ASP ASP A . n 
A 1 86  ALA 86  86  86  ALA ALA A . n 
A 1 87  VAL 87  87  87  VAL VAL A . n 
A 1 88  ALA 88  88  88  ALA ALA A . n 
A 1 89  GLU 89  89  89  GLU GLU A . n 
A 1 90  ASP 90  90  90  ASP ASP A . n 
A 1 91  LEU 91  91  91  LEU LEU A . n 
A 1 92  LEU 92  92  92  LEU LEU A . n 
A 1 93  ALA 93  93  93  ALA ALA A . n 
A 1 94  THR 94  94  94  THR THR A . n 
A 1 95  LEU 95  95  95  LEU LEU A . n 
A 1 96  LYS 96  96  96  LYS LYS A . n 
A 1 97  GLU 97  97  97  GLU GLU A . n 
A 1 98  MET 98  98  98  MET MET A . n 
A 1 99  GLY 99  99  99  GLY GLY A . n 
A 1 100 VAL 100 100 100 VAL VAL A . n 
A 1 101 PRO 101 101 101 PRO PRO A . n 
A 1 102 GLU 102 102 102 GLU GLU A . n 
A 1 103 ASP 103 103 103 ASP ASP A . n 
A 1 104 LEU 104 104 104 LEU LEU A . n 
A 1 105 ILE 105 105 105 ILE ILE A . n 
A 1 106 ALA 106 106 106 ALA ALA A . n 
A 1 107 GLU 107 107 107 GLU GLU A . n 
A 1 108 VAL 108 108 108 VAL VAL A . n 
A 1 109 ALA 109 109 109 ALA ALA A . n 
A 1 110 ALA 110 110 110 ALA ALA A . n 
A 1 111 VAL 111 111 111 VAL VAL A . n 
A 1 112 ALA 112 112 112 ALA ALA A . n 
A 1 113 GLY 113 113 113 GLY GLY A . n 
A 1 114 ALA 114 114 114 ALA ALA A . n 
A 1 115 PRO 115 115 115 PRO PRO A . n 
A 1 116 ALA 116 116 116 ALA ALA A . n 
A 1 117 HIS 117 117 117 HIS HIS A . n 
A 1 118 LYS 118 118 118 LYS LYS A . n 
A 1 119 ARG 119 119 119 ARG ARG A . n 
A 1 120 ASP 120 120 120 ASP ASP A . n 
A 1 121 VAL 121 121 121 VAL VAL A . n 
A 1 122 LEU 122 122 122 LEU LEU A . n 
A 1 123 ASN 123 123 123 ASN ASN A . n 
A 1 124 GLN 124 124 124 GLN GLN A . n 
# 
loop_
_pdbx_nonpoly_scheme.asym_id 
_pdbx_nonpoly_scheme.entity_id 
_pdbx_nonpoly_scheme.mon_id 
_pdbx_nonpoly_scheme.ndb_seq_num 
_pdbx_nonpoly_scheme.pdb_seq_num 
_pdbx_nonpoly_scheme.auth_seq_num 
_pdbx_nonpoly_scheme.pdb_mon_id 
_pdbx_nonpoly_scheme.auth_mon_id 
_pdbx_nonpoly_scheme.pdb_strand_id 
_pdbx_nonpoly_scheme.pdb_ins_code 
B 2 FLC 1   227 127 FLC FLC A . 
C 3 AZI 1   126 126 AZI AZI A . 
D 4 HEM 1   125 125 HEM HEM A . 
E 5 HOH 1   228 1   HOH HOH A . 
E 5 HOH 2   229 2   HOH HOH A . 
E 5 HOH 3   230 3   HOH HOH A . 
E 5 HOH 4   231 4   HOH HOH A . 
E 5 HOH 5   232 5   HOH HOH A . 
E 5 HOH 6   233 6   HOH HOH A . 
E 5 HOH 7   234 7   HOH HOH A . 
E 5 HOH 8   235 8   HOH HOH A . 
E 5 HOH 9   236 9   HOH HOH A . 
E 5 HOH 10  237 10  HOH HOH A . 
E 5 HOH 11  238 11  HOH HOH A . 
E 5 HOH 12  239 12  HOH HOH A . 
E 5 HOH 13  240 13  HOH HOH A . 
E 5 HOH 14  241 14  HOH HOH A . 
E 5 HOH 15  242 15  HOH HOH A . 
E 5 HOH 16  243 16  HOH HOH A . 
E 5 HOH 17  244 17  HOH HOH A . 
E 5 HOH 18  245 18  HOH HOH A . 
E 5 HOH 19  246 19  HOH HOH A . 
E 5 HOH 20  247 20  HOH HOH A . 
E 5 HOH 21  248 21  HOH HOH A . 
E 5 HOH 22  249 22  HOH HOH A . 
E 5 HOH 23  250 23  HOH HOH A . 
E 5 HOH 24  251 24  HOH HOH A . 
E 5 HOH 25  252 25  HOH HOH A . 
E 5 HOH 26  253 26  HOH HOH A . 
E 5 HOH 27  254 27  HOH HOH A . 
E 5 HOH 28  255 28  HOH HOH A . 
E 5 HOH 29  256 29  HOH HOH A . 
E 5 HOH 30  257 30  HOH HOH A . 
E 5 HOH 31  258 31  HOH HOH A . 
E 5 HOH 32  259 32  HOH HOH A . 
E 5 HOH 33  260 33  HOH HOH A . 
E 5 HOH 34  261 34  HOH HOH A . 
E 5 HOH 35  262 35  HOH HOH A . 
E 5 HOH 36  263 36  HOH HOH A . 
E 5 HOH 37  264 37  HOH HOH A . 
E 5 HOH 38  265 38  HOH HOH A . 
E 5 HOH 39  266 39  HOH HOH A . 
E 5 HOH 40  267 40  HOH HOH A . 
E 5 HOH 41  268 41  HOH HOH A . 
E 5 HOH 42  269 42  HOH HOH A . 
E 5 HOH 43  270 43  HOH HOH A . 
E 5 HOH 44  271 44  HOH HOH A . 
E 5 HOH 45  272 45  HOH HOH A . 
E 5 HOH 46  273 46  HOH HOH A . 
E 5 HOH 47  274 47  HOH HOH A . 
E 5 HOH 48  275 48  HOH HOH A . 
E 5 HOH 49  276 49  HOH HOH A . 
E 5 HOH 50  277 50  HOH HOH A . 
E 5 HOH 51  278 51  HOH HOH A . 
E 5 HOH 52  279 52  HOH HOH A . 
E 5 HOH 53  280 53  HOH HOH A . 
E 5 HOH 54  281 54  HOH HOH A . 
E 5 HOH 55  282 55  HOH HOH A . 
E 5 HOH 56  283 56  HOH HOH A . 
E 5 HOH 57  284 57  HOH HOH A . 
E 5 HOH 58  285 58  HOH HOH A . 
E 5 HOH 59  286 59  HOH HOH A . 
E 5 HOH 60  287 60  HOH HOH A . 
E 5 HOH 61  288 61  HOH HOH A . 
E 5 HOH 62  289 62  HOH HOH A . 
E 5 HOH 63  290 63  HOH HOH A . 
E 5 HOH 64  291 64  HOH HOH A . 
E 5 HOH 65  292 65  HOH HOH A . 
E 5 HOH 66  293 66  HOH HOH A . 
E 5 HOH 67  294 67  HOH HOH A . 
E 5 HOH 68  295 68  HOH HOH A . 
E 5 HOH 69  296 69  HOH HOH A . 
E 5 HOH 70  297 70  HOH HOH A . 
E 5 HOH 71  298 71  HOH HOH A . 
E 5 HOH 72  299 72  HOH HOH A . 
E 5 HOH 73  300 73  HOH HOH A . 
E 5 HOH 74  301 74  HOH HOH A . 
E 5 HOH 75  302 75  HOH HOH A . 
E 5 HOH 76  303 76  HOH HOH A . 
E 5 HOH 77  304 77  HOH HOH A . 
E 5 HOH 78  305 78  HOH HOH A . 
E 5 HOH 79  306 79  HOH HOH A . 
E 5 HOH 80  307 80  HOH HOH A . 
E 5 HOH 81  308 81  HOH HOH A . 
E 5 HOH 82  309 82  HOH HOH A . 
E 5 HOH 83  310 83  HOH HOH A . 
E 5 HOH 84  311 84  HOH HOH A . 
E 5 HOH 85  312 85  HOH HOH A . 
E 5 HOH 86  313 86  HOH HOH A . 
E 5 HOH 87  314 87  HOH HOH A . 
E 5 HOH 88  315 88  HOH HOH A . 
E 5 HOH 89  316 89  HOH HOH A . 
E 5 HOH 90  317 90  HOH HOH A . 
E 5 HOH 91  318 91  HOH HOH A . 
E 5 HOH 92  319 92  HOH HOH A . 
E 5 HOH 93  320 93  HOH HOH A . 
E 5 HOH 94  321 94  HOH HOH A . 
E 5 HOH 95  322 95  HOH HOH A . 
E 5 HOH 96  323 96  HOH HOH A . 
E 5 HOH 97  324 97  HOH HOH A . 
E 5 HOH 98  325 98  HOH HOH A . 
E 5 HOH 99  326 99  HOH HOH A . 
E 5 HOH 100 327 100 HOH HOH A . 
E 5 HOH 101 328 101 HOH HOH A . 
E 5 HOH 102 329 102 HOH HOH A . 
E 5 HOH 103 330 103 HOH HOH A . 
E 5 HOH 104 331 104 HOH HOH A . 
E 5 HOH 105 332 105 HOH HOH A . 
E 5 HOH 106 333 106 HOH HOH A . 
E 5 HOH 107 334 107 HOH HOH A . 
E 5 HOH 108 335 108 HOH HOH A . 
E 5 HOH 109 336 109 HOH HOH A . 
E 5 HOH 110 337 110 HOH HOH A . 
E 5 HOH 111 338 111 HOH HOH A . 
E 5 HOH 112 339 112 HOH HOH A . 
E 5 HOH 113 340 113 HOH HOH A . 
E 5 HOH 114 341 114 HOH HOH A . 
E 5 HOH 115 342 115 HOH HOH A . 
E 5 HOH 116 343 116 HOH HOH A . 
E 5 HOH 117 344 117 HOH HOH A . 
E 5 HOH 118 345 118 HOH HOH A . 
E 5 HOH 119 346 119 HOH HOH A . 
E 5 HOH 120 347 120 HOH HOH A . 
E 5 HOH 121 348 121 HOH HOH A . 
E 5 HOH 122 349 122 HOH HOH A . 
E 5 HOH 123 350 123 HOH HOH A . 
E 5 HOH 124 351 124 HOH HOH A . 
E 5 HOH 125 352 125 HOH HOH A . 
E 5 HOH 126 353 126 HOH HOH A . 
E 5 HOH 127 354 127 HOH HOH A . 
E 5 HOH 128 355 128 HOH HOH A . 
E 5 HOH 129 356 129 HOH HOH A . 
E 5 HOH 130 357 130 HOH HOH A . 
E 5 HOH 131 358 131 HOH HOH A . 
E 5 HOH 132 359 132 HOH HOH A . 
E 5 HOH 133 360 133 HOH HOH A . 
E 5 HOH 134 361 134 HOH HOH A . 
E 5 HOH 135 362 135 HOH HOH A . 
E 5 HOH 136 363 136 HOH HOH A . 
E 5 HOH 137 364 137 HOH HOH A . 
E 5 HOH 138 365 138 HOH HOH A . 
E 5 HOH 139 366 139 HOH HOH A . 
E 5 HOH 140 367 140 HOH HOH A . 
E 5 HOH 141 368 141 HOH HOH A . 
E 5 HOH 142 369 142 HOH HOH A . 
# 
loop_
_software.name 
_software.classification 
_software.version 
_software.citation_id 
_software.pdbx_ordinal 
REFMAC  refinement       5.1.24 ? 1 
CRYSTAL 'data reduction' VIEW   ? 2 
d*TREK  'data scaling'   .      ? 3 
AMoRE   phasing          .      ? 4 
# 
_cell.entry_id           1S6A 
_cell.length_a           83.350 
_cell.length_b           83.350 
_cell.length_c           65.180 
_cell.angle_alpha        90.00 
_cell.angle_beta         90.00 
_cell.angle_gamma        90.00 
_cell.Z_PDB              8 
_cell.pdbx_unique_axis   ? 
# 
_symmetry.entry_id                         1S6A 
_symmetry.space_group_name_H-M             'I 41' 
_symmetry.pdbx_full_space_group_name_H-M   ? 
_symmetry.cell_setting                     ? 
_symmetry.Int_Tables_number                80 
_symmetry.space_group_name_Hall            ? 
# 
_exptl.entry_id          1S6A 
_exptl.method            'X-RAY DIFFRACTION' 
_exptl.crystals_number   1 
# 
_exptl_crystal.id                    1 
_exptl_crystal.density_meas          ? 
_exptl_crystal.density_percent_sol   68.48 
_exptl_crystal.description           ? 
_exptl_crystal.density_Matthews      3.93 
_exptl_crystal.F_000                 ? 
_exptl_crystal.preparation           ? 
# 
_exptl_crystal_grow.crystal_id      1 
_exptl_crystal_grow.method          'VAPOR DIFFUSION, HANGING DROP' 
_exptl_crystal_grow.temp            277 
_exptl_crystal_grow.temp_details    ? 
_exptl_crystal_grow.pH              6.0 
_exptl_crystal_grow.pdbx_details    
'1.5M sodium citrate, 20% sucrose, 50mM sodium azide, pH 6.0, VAPOR DIFFUSION, HANGING DROP, temperature 277K' 
_exptl_crystal_grow.pdbx_pH_range   . 
# 
_diffrn.id                     1 
_diffrn.ambient_temp           100 
_diffrn.ambient_temp_details   ? 
_diffrn.crystal_id             1 
# 
_diffrn_detector.diffrn_id              1 
_diffrn_detector.detector               'IMAGE PLATE' 
_diffrn_detector.type                   'RIGAKU RAXIS IV' 
_diffrn_detector.pdbx_collection_date   2003-06-01 
_diffrn_detector.details                ? 
# 
_diffrn_radiation.diffrn_id                        1 
_diffrn_radiation.wavelength_id                    1 
_diffrn_radiation.pdbx_monochromatic_or_laue_m_l   M 
_diffrn_radiation.monochromator                    ? 
_diffrn_radiation.pdbx_diffrn_protocol             'SINGLE WAVELENGTH' 
_diffrn_radiation.pdbx_scattering_type             x-ray 
# 
_diffrn_radiation_wavelength.id           1 
_diffrn_radiation_wavelength.wavelength   1.5418 
_diffrn_radiation_wavelength.wt           1.0 
# 
_diffrn_source.diffrn_id                   1 
_diffrn_source.source                      'ROTATING ANODE' 
_diffrn_source.type                        RIGAKU 
_diffrn_source.pdbx_synchrotron_site       ? 
_diffrn_source.pdbx_synchrotron_beamline   ? 
_diffrn_source.pdbx_wavelength             ? 
_diffrn_source.pdbx_wavelength_list        1.5418 
# 
_reflns.entry_id                     1S6A 
_reflns.observed_criterion_sigma_F   3.0 
_reflns.observed_criterion_sigma_I   3.0 
_reflns.d_resolution_high            1.69 
_reflns.d_resolution_low             41.68 
_reflns.number_all                   ? 
_reflns.number_obs                   34919 
_reflns.percent_possible_obs         70.5 
_reflns.pdbx_Rmerge_I_obs            0.048 
_reflns.pdbx_Rsym_value              ? 
_reflns.pdbx_netI_over_sigmaI        9.9 
_reflns.B_iso_Wilson_estimate        ? 
_reflns.pdbx_redundancy              1.73 
_reflns.R_free_details               ? 
_reflns.limit_h_max                  ? 
_reflns.limit_h_min                  ? 
_reflns.limit_k_max                  ? 
_reflns.limit_k_min                  ? 
_reflns.limit_l_max                  ? 
_reflns.limit_l_min                  ? 
_reflns.observed_criterion_F_max     ? 
_reflns.observed_criterion_F_min     ? 
_reflns.pdbx_chi_squared             ? 
_reflns.pdbx_scaling_rejects         ? 
_reflns.pdbx_ordinal                 1 
_reflns.pdbx_diffrn_id               1 
# 
_reflns_shell.d_res_high             1.69 
_reflns_shell.d_res_low              1.75 
_reflns_shell.percent_possible_all   9.9 
_reflns_shell.Rmerge_I_obs           0.257 
_reflns_shell.pdbx_Rsym_value        ? 
_reflns_shell.meanI_over_sigI_obs    2.4 
_reflns_shell.pdbx_redundancy        1.04 
_reflns_shell.percent_possible_obs   ? 
_reflns_shell.number_unique_all      488 
_reflns_shell.number_measured_all    ? 
_reflns_shell.number_measured_obs    ? 
_reflns_shell.number_unique_obs      ? 
_reflns_shell.pdbx_chi_squared       ? 
_reflns_shell.pdbx_ordinal           1 
_reflns_shell.pdbx_diffrn_id         1 
# 
_refine.entry_id                                 1S6A 
_refine.ls_number_reflns_obs                     20036 
_refine.ls_number_reflns_all                     21116 
_refine.pdbx_ls_sigma_I                          3.0 
_refine.pdbx_ls_sigma_F                          3.0 
_refine.pdbx_data_cutoff_high_absF               ? 
_refine.pdbx_data_cutoff_low_absF                ? 
_refine.pdbx_data_cutoff_high_rms_absF           ? 
_refine.ls_d_res_low                             32.4 
_refine.ls_d_res_high                            1.69 
_refine.ls_percent_reflns_obs                    83.69 
_refine.ls_R_factor_obs                          0.19787 
_refine.ls_R_factor_all                          0.21928 
_refine.ls_R_factor_R_work                       0.19672 
_refine.ls_R_factor_R_free                       0.21928 
_refine.ls_R_factor_R_free_error                 ? 
_refine.ls_R_factor_R_free_error_details         ? 
_refine.ls_percent_reflns_R_free                 5.1 
_refine.ls_number_reflns_R_free                  1080 
_refine.ls_number_parameters                     ? 
_refine.ls_number_restraints                     ? 
_refine.occupancy_min                            ? 
_refine.occupancy_max                            ? 
_refine.correlation_coeff_Fo_to_Fc               0.949 
_refine.correlation_coeff_Fo_to_Fc_free          0.938 
_refine.B_iso_mean                               24.302 
_refine.aniso_B[1][1]                            -0.75 
_refine.aniso_B[2][2]                            -0.75 
_refine.aniso_B[3][3]                            1.49 
_refine.aniso_B[1][2]                            0.00 
_refine.aniso_B[1][3]                            0.00 
_refine.aniso_B[2][3]                            0.00 
_refine.solvent_model_details                    'BABINET MODEL WITH MASK' 
_refine.solvent_model_param_ksol                 ? 
_refine.solvent_model_param_bsol                 ? 
_refine.pdbx_solvent_vdw_probe_radii             1.40 
_refine.pdbx_solvent_ion_probe_radii             0.80 
_refine.pdbx_solvent_shrinkage_radii             0.80 
_refine.pdbx_ls_cross_valid_method               THROUGHOUT 
_refine.details                                  ? 
_refine.pdbx_starting_model                      'cyanide bound Synechocystis cyanoglobin, PDb entry 1S69' 
_refine.pdbx_method_to_determine_struct          'MOLECULAR REPLACEMENT' 
_refine.pdbx_isotropic_thermal_model             ? 
_refine.pdbx_stereochemistry_target_values       'MAXIMUM LIKELIHOOD' 
_refine.pdbx_stereochem_target_val_spec_case     ? 
_refine.pdbx_R_Free_selection_details            RANDOM 
_refine.pdbx_overall_ESU_R                       0.087 
_refine.pdbx_overall_ESU_R_Free                  0.096 
_refine.overall_SU_ML                            0.080 
_refine.overall_SU_B                             2.768 
_refine.ls_redundancy_reflns_obs                 ? 
_refine.B_iso_min                                ? 
_refine.B_iso_max                                ? 
_refine.overall_SU_R_Cruickshank_DPI             ? 
_refine.overall_SU_R_free                        ? 
_refine.ls_wR_factor_R_free                      ? 
_refine.ls_wR_factor_R_work                      ? 
_refine.overall_FOM_free_R_set                   ? 
_refine.overall_FOM_work_R_set                   ? 
_refine.pdbx_refine_id                           'X-RAY DIFFRACTION' 
_refine.pdbx_diffrn_id                           1 
_refine.pdbx_TLS_residual_ADP_flag               ? 
_refine.pdbx_overall_phase_error                 ? 
_refine.pdbx_overall_SU_R_free_Cruickshank_DPI   ? 
_refine.pdbx_overall_SU_R_Blow_DPI               ? 
_refine.pdbx_overall_SU_R_free_Blow_DPI          ? 
# 
_refine_hist.pdbx_refine_id                   'X-RAY DIFFRACTION' 
_refine_hist.cycle_id                         LAST 
_refine_hist.pdbx_number_atoms_protein        969 
_refine_hist.pdbx_number_atoms_nucleic_acid   0 
_refine_hist.pdbx_number_atoms_ligand         59 
_refine_hist.number_atoms_solvent             142 
_refine_hist.number_atoms_total               1170 
_refine_hist.d_res_high                       1.69 
_refine_hist.d_res_low                        32.4 
# 
_refine_ls_shell.pdbx_total_number_of_bins_used   20 
_refine_ls_shell.d_res_high                       1.686 
_refine_ls_shell.d_res_low                        1.730 
_refine_ls_shell.number_reflns_R_work             244 
_refine_ls_shell.R_factor_R_work                  0.388 
_refine_ls_shell.percent_reflns_obs               ? 
_refine_ls_shell.R_factor_R_free                  0.327 
_refine_ls_shell.R_factor_R_free_error            ? 
_refine_ls_shell.percent_reflns_R_free            ? 
_refine_ls_shell.number_reflns_R_free             15 
_refine_ls_shell.number_reflns_obs                ? 
_refine_ls_shell.redundancy_reflns_obs            ? 
_refine_ls_shell.number_reflns_all                ? 
_refine_ls_shell.pdbx_refine_id                   'X-RAY DIFFRACTION' 
_refine_ls_shell.R_factor_all                     ? 
# 
_struct.entry_id                  1S6A 
_struct.title                     
;The X-ray structure of the cyanobacteria Synechocystis hemoglobin "cyanoglobin" with azide ligand
;
_struct.pdbx_model_details        ? 
_struct.pdbx_CASP_flag            ? 
_struct.pdbx_model_type_details   ? 
# 
_struct_keywords.entry_id        1S6A 
_struct_keywords.pdbx_keywords   'OXYGEN STORAGE/TRANSPORT' 
_struct_keywords.text            
;2 on 2 helical fold, globin, heme, iron, hemoglobin, cyanobacteria, oxygen binding, hexacoordinate, truncated, OXYGEN STORAGE-TRANSPORT COMPLEX
;
# 
loop_
_struct_asym.id 
_struct_asym.pdbx_blank_PDB_chainid_flag 
_struct_asym.pdbx_modified 
_struct_asym.entity_id 
_struct_asym.details 
A N N 1 ? 
B N N 2 ? 
C N N 3 ? 
D N N 4 ? 
E N N 5 ? 
# 
_struct_ref.id                         1 
_struct_ref.db_name                    UNP 
_struct_ref.db_code                    GLBN_SYNY3 
_struct_ref.pdbx_db_accession          P73925 
_struct_ref.entity_id                  1 
_struct_ref.pdbx_seq_one_letter_code   
;MSTLYEKLGGTTAVDLAVDKFYERVLQDDRIKHFFADVDMAKQRAHQKAFLTYAFGGTDKYDGRYMREAHKELVENHGLN
GEHFDAVAEDLLATLKEMGVPEDLIAEVAAVAGAPAHKRDVLNQ
;
_struct_ref.pdbx_align_begin           1 
_struct_ref.pdbx_db_isoform            ? 
# 
_struct_ref_seq.align_id                      1 
_struct_ref_seq.ref_id                        1 
_struct_ref_seq.pdbx_PDB_id_code              1S6A 
_struct_ref_seq.pdbx_strand_id                A 
_struct_ref_seq.seq_align_beg                 1 
_struct_ref_seq.pdbx_seq_align_beg_ins_code   ? 
_struct_ref_seq.seq_align_end                 124 
_struct_ref_seq.pdbx_seq_align_end_ins_code   ? 
_struct_ref_seq.pdbx_db_accession             P73925 
_struct_ref_seq.db_align_beg                  1 
_struct_ref_seq.pdbx_db_align_beg_ins_code    ? 
_struct_ref_seq.db_align_end                  124 
_struct_ref_seq.pdbx_db_align_end_ins_code    ? 
_struct_ref_seq.pdbx_auth_seq_align_beg       1 
_struct_ref_seq.pdbx_auth_seq_align_end       124 
# 
_pdbx_struct_assembly.id                   1 
_pdbx_struct_assembly.details              author_defined_assembly 
_pdbx_struct_assembly.method_details       ? 
_pdbx_struct_assembly.oligomeric_details   monomeric 
_pdbx_struct_assembly.oligomeric_count     1 
# 
_pdbx_struct_assembly_gen.assembly_id       1 
_pdbx_struct_assembly_gen.oper_expression   1 
_pdbx_struct_assembly_gen.asym_id_list      A,B,C,D,E 
# 
_pdbx_struct_oper_list.id                   1 
_pdbx_struct_oper_list.type                 'identity operation' 
_pdbx_struct_oper_list.name                 1_555 
_pdbx_struct_oper_list.symmetry_operation   x,y,z 
_pdbx_struct_oper_list.matrix[1][1]         1.0000000000 
_pdbx_struct_oper_list.matrix[1][2]         0.0000000000 
_pdbx_struct_oper_list.matrix[1][3]         0.0000000000 
_pdbx_struct_oper_list.vector[1]            0.0000000000 
_pdbx_struct_oper_list.matrix[2][1]         0.0000000000 
_pdbx_struct_oper_list.matrix[2][2]         1.0000000000 
_pdbx_struct_oper_list.matrix[2][3]         0.0000000000 
_pdbx_struct_oper_list.vector[2]            0.0000000000 
_pdbx_struct_oper_list.matrix[3][1]         0.0000000000 
_pdbx_struct_oper_list.matrix[3][2]         0.0000000000 
_pdbx_struct_oper_list.matrix[3][3]         1.0000000000 
_pdbx_struct_oper_list.vector[3]            0.0000000000 
# 
_struct_biol.id                    1 
_struct_biol.pdbx_parent_biol_id   ? 
_struct_biol.details               ? 
# 
loop_
_struct_conf.conf_type_id 
_struct_conf.id 
_struct_conf.pdbx_PDB_helix_id 
_struct_conf.beg_label_comp_id 
_struct_conf.beg_label_asym_id 
_struct_conf.beg_label_seq_id 
_struct_conf.pdbx_beg_PDB_ins_code 
_struct_conf.end_label_comp_id 
_struct_conf.end_label_asym_id 
_struct_conf.end_label_seq_id 
_struct_conf.pdbx_end_PDB_ins_code 
_struct_conf.beg_auth_comp_id 
_struct_conf.beg_auth_asym_id 
_struct_conf.beg_auth_seq_id 
_struct_conf.end_auth_comp_id 
_struct_conf.end_auth_asym_id 
_struct_conf.end_auth_seq_id 
_struct_conf.pdbx_PDB_helix_class 
_struct_conf.details 
_struct_conf.pdbx_PDB_helix_length 
HELX_P HELX_P1 1 THR A 3   ? GLY A 9   ? THR A 3   GLY A 9   1 ? 7  
HELX_P HELX_P2 2 GLY A 9   ? GLN A 27  ? GLY A 9   GLN A 27  1 ? 19 
HELX_P HELX_P3 3 ILE A 31  ? ALA A 36  ? ILE A 31  ALA A 36  5 ? 6  
HELX_P HELX_P4 4 ASP A 39  ? PHE A 55  ? ASP A 39  PHE A 55  1 ? 17 
HELX_P HELX_P5 5 TYR A 65  ? GLY A 78  ? TYR A 65  GLY A 78  1 ? 14 
HELX_P HELX_P6 6 ASN A 80  ? GLY A 99  ? ASN A 80  GLY A 99  1 ? 20 
HELX_P HELX_P7 7 PRO A 101 ? ALA A 114 ? PRO A 101 ALA A 114 1 ? 14 
HELX_P HELX_P8 8 ALA A 114 ? LEU A 122 ? ALA A 114 LEU A 122 1 ? 9  
# 
_struct_conf_type.id          HELX_P 
_struct_conf_type.criteria    ? 
_struct_conf_type.reference   ? 
# 
loop_
_struct_conn.id 
_struct_conn.conn_type_id 
_struct_conn.pdbx_leaving_atom_flag 
_struct_conn.pdbx_PDB_id 
_struct_conn.ptnr1_label_asym_id 
_struct_conn.ptnr1_label_comp_id 
_struct_conn.ptnr1_label_seq_id 
_struct_conn.ptnr1_label_atom_id 
_struct_conn.pdbx_ptnr1_label_alt_id 
_struct_conn.pdbx_ptnr1_PDB_ins_code 
_struct_conn.pdbx_ptnr1_standard_comp_id 
_struct_conn.ptnr1_symmetry 
_struct_conn.ptnr2_label_asym_id 
_struct_conn.ptnr2_label_comp_id 
_struct_conn.ptnr2_label_seq_id 
_struct_conn.ptnr2_label_atom_id 
_struct_conn.pdbx_ptnr2_label_alt_id 
_struct_conn.pdbx_ptnr2_PDB_ins_code 
_struct_conn.ptnr1_auth_asym_id 
_struct_conn.ptnr1_auth_comp_id 
_struct_conn.ptnr1_auth_seq_id 
_struct_conn.ptnr2_auth_asym_id 
_struct_conn.ptnr2_auth_comp_id 
_struct_conn.ptnr2_auth_seq_id 
_struct_conn.ptnr2_symmetry 
_struct_conn.pdbx_ptnr3_label_atom_id 
_struct_conn.pdbx_ptnr3_label_seq_id 
_struct_conn.pdbx_ptnr3_label_comp_id 
_struct_conn.pdbx_ptnr3_label_asym_id 
_struct_conn.pdbx_ptnr3_label_alt_id 
_struct_conn.pdbx_ptnr3_PDB_ins_code 
_struct_conn.details 
_struct_conn.pdbx_dist_value 
_struct_conn.pdbx_value_order 
_struct_conn.pdbx_role 
covale1 covale none ? A HIS 117 NE2 ? ? ? 1_555 D HEM . CAB ? ? A HIS 117 A HEM 125 1_555 ? ? ? ? ? ? ? 1.737 ? ? 
metalc1 metalc ?    ? A HIS 70  NE2 ? ? ? 1_555 D HEM . FE  ? ? A HIS 70  A HEM 125 1_555 ? ? ? ? ? ? ? 2.051 ? ? 
metalc2 metalc ?    ? D HEM .   FE  ? ? ? 1_555 C AZI . N3  ? ? A HEM 125 A AZI 126 1_555 ? ? ? ? ? ? ? 1.644 ? ? 
metalc3 metalc ?    ? D HEM .   FE  ? ? ? 1_555 C AZI . N2  ? ? A HEM 125 A AZI 126 1_555 ? ? ? ? ? ? ? 2.738 ? ? 
# 
loop_
_struct_conn_type.id 
_struct_conn_type.criteria 
_struct_conn_type.reference 
covale ? ? 
metalc ? ? 
# 
loop_
_pdbx_struct_conn_angle.id 
_pdbx_struct_conn_angle.ptnr1_label_atom_id 
_pdbx_struct_conn_angle.ptnr1_label_alt_id 
_pdbx_struct_conn_angle.ptnr1_label_asym_id 
_pdbx_struct_conn_angle.ptnr1_label_comp_id 
_pdbx_struct_conn_angle.ptnr1_label_seq_id 
_pdbx_struct_conn_angle.ptnr1_auth_atom_id 
_pdbx_struct_conn_angle.ptnr1_auth_asym_id 
_pdbx_struct_conn_angle.ptnr1_auth_comp_id 
_pdbx_struct_conn_angle.ptnr1_auth_seq_id 
_pdbx_struct_conn_angle.ptnr1_PDB_ins_code 
_pdbx_struct_conn_angle.ptnr1_symmetry 
_pdbx_struct_conn_angle.ptnr2_label_atom_id 
_pdbx_struct_conn_angle.ptnr2_label_alt_id 
_pdbx_struct_conn_angle.ptnr2_label_asym_id 
_pdbx_struct_conn_angle.ptnr2_label_comp_id 
_pdbx_struct_conn_angle.ptnr2_label_seq_id 
_pdbx_struct_conn_angle.ptnr2_auth_atom_id 
_pdbx_struct_conn_angle.ptnr2_auth_asym_id 
_pdbx_struct_conn_angle.ptnr2_auth_comp_id 
_pdbx_struct_conn_angle.ptnr2_auth_seq_id 
_pdbx_struct_conn_angle.ptnr2_PDB_ins_code 
_pdbx_struct_conn_angle.ptnr2_symmetry 
_pdbx_struct_conn_angle.ptnr3_label_atom_id 
_pdbx_struct_conn_angle.ptnr3_label_alt_id 
_pdbx_struct_conn_angle.ptnr3_label_asym_id 
_pdbx_struct_conn_angle.ptnr3_label_comp_id 
_pdbx_struct_conn_angle.ptnr3_label_seq_id 
_pdbx_struct_conn_angle.ptnr3_auth_atom_id 
_pdbx_struct_conn_angle.ptnr3_auth_asym_id 
_pdbx_struct_conn_angle.ptnr3_auth_comp_id 
_pdbx_struct_conn_angle.ptnr3_auth_seq_id 
_pdbx_struct_conn_angle.ptnr3_PDB_ins_code 
_pdbx_struct_conn_angle.ptnr3_symmetry 
_pdbx_struct_conn_angle.value 
_pdbx_struct_conn_angle.value_esd 
1  NE2 ? A HIS 70 ? A HIS 70  ? 1_555 FE ? D HEM . ? A HEM 125 ? 1_555 NA ? D HEM . ? A HEM 125 ? 1_555 92.1  ? 
2  NE2 ? A HIS 70 ? A HIS 70  ? 1_555 FE ? D HEM . ? A HEM 125 ? 1_555 NB ? D HEM . ? A HEM 125 ? 1_555 91.6  ? 
3  NA  ? D HEM .  ? A HEM 125 ? 1_555 FE ? D HEM . ? A HEM 125 ? 1_555 NB ? D HEM . ? A HEM 125 ? 1_555 89.4  ? 
4  NE2 ? A HIS 70 ? A HIS 70  ? 1_555 FE ? D HEM . ? A HEM 125 ? 1_555 NC ? D HEM . ? A HEM 125 ? 1_555 90.5  ? 
5  NA  ? D HEM .  ? A HEM 125 ? 1_555 FE ? D HEM . ? A HEM 125 ? 1_555 NC ? D HEM . ? A HEM 125 ? 1_555 176.8 ? 
6  NB  ? D HEM .  ? A HEM 125 ? 1_555 FE ? D HEM . ? A HEM 125 ? 1_555 NC ? D HEM . ? A HEM 125 ? 1_555 88.6  ? 
7  NE2 ? A HIS 70 ? A HIS 70  ? 1_555 FE ? D HEM . ? A HEM 125 ? 1_555 ND ? D HEM . ? A HEM 125 ? 1_555 89.0  ? 
8  NA  ? D HEM .  ? A HEM 125 ? 1_555 FE ? D HEM . ? A HEM 125 ? 1_555 ND ? D HEM . ? A HEM 125 ? 1_555 87.9  ? 
9  NB  ? D HEM .  ? A HEM 125 ? 1_555 FE ? D HEM . ? A HEM 125 ? 1_555 ND ? D HEM . ? A HEM 125 ? 1_555 177.2 ? 
10 NC  ? D HEM .  ? A HEM 125 ? 1_555 FE ? D HEM . ? A HEM 125 ? 1_555 ND ? D HEM . ? A HEM 125 ? 1_555 94.1  ? 
11 NE2 ? A HIS 70 ? A HIS 70  ? 1_555 FE ? D HEM . ? A HEM 125 ? 1_555 N3 ? C AZI . ? A AZI 126 ? 1_555 176.7 ? 
12 NA  ? D HEM .  ? A HEM 125 ? 1_555 FE ? D HEM . ? A HEM 125 ? 1_555 N3 ? C AZI . ? A AZI 126 ? 1_555 84.7  ? 
13 NB  ? D HEM .  ? A HEM 125 ? 1_555 FE ? D HEM . ? A HEM 125 ? 1_555 N3 ? C AZI . ? A AZI 126 ? 1_555 88.6  ? 
14 NC  ? D HEM .  ? A HEM 125 ? 1_555 FE ? D HEM . ? A HEM 125 ? 1_555 N3 ? C AZI . ? A AZI 126 ? 1_555 92.8  ? 
15 ND  ? D HEM .  ? A HEM 125 ? 1_555 FE ? D HEM . ? A HEM 125 ? 1_555 N3 ? C AZI . ? A AZI 126 ? 1_555 90.6  ? 
16 NE2 ? A HIS 70 ? A HIS 70  ? 1_555 FE ? D HEM . ? A HEM 125 ? 1_555 N2 ? C AZI . ? A AZI 126 ? 1_555 178.2 ? 
17 NA  ? D HEM .  ? A HEM 125 ? 1_555 FE ? D HEM . ? A HEM 125 ? 1_555 N2 ? C AZI . ? A AZI 126 ? 1_555 89.6  ? 
18 NB  ? D HEM .  ? A HEM 125 ? 1_555 FE ? D HEM . ? A HEM 125 ? 1_555 N2 ? C AZI . ? A AZI 126 ? 1_555 88.8  ? 
19 NC  ? D HEM .  ? A HEM 125 ? 1_555 FE ? D HEM . ? A HEM 125 ? 1_555 N2 ? C AZI . ? A AZI 126 ? 1_555 87.8  ? 
20 ND  ? D HEM .  ? A HEM 125 ? 1_555 FE ? D HEM . ? A HEM 125 ? 1_555 N2 ? C AZI . ? A AZI 126 ? 1_555 90.6  ? 
21 N3  ? C AZI .  ? A AZI 126 ? 1_555 FE ? D HEM . ? A HEM 125 ? 1_555 N2 ? C AZI . ? A AZI 126 ? 1_555 5.0   ? 
# 
_pdbx_modification_feature.ordinal                            1 
_pdbx_modification_feature.label_comp_id                      HEM 
_pdbx_modification_feature.label_asym_id                      D 
_pdbx_modification_feature.label_seq_id                       . 
_pdbx_modification_feature.label_alt_id                       ? 
_pdbx_modification_feature.modified_residue_label_comp_id     HIS 
_pdbx_modification_feature.modified_residue_label_asym_id     A 
_pdbx_modification_feature.modified_residue_label_seq_id      117 
_pdbx_modification_feature.modified_residue_label_alt_id      ? 
_pdbx_modification_feature.auth_comp_id                       HEM 
_pdbx_modification_feature.auth_asym_id                       A 
_pdbx_modification_feature.auth_seq_id                        125 
_pdbx_modification_feature.PDB_ins_code                       ? 
_pdbx_modification_feature.symmetry                           1_555 
_pdbx_modification_feature.modified_residue_auth_comp_id      HIS 
_pdbx_modification_feature.modified_residue_auth_asym_id      A 
_pdbx_modification_feature.modified_residue_auth_seq_id       117 
_pdbx_modification_feature.modified_residue_PDB_ins_code      ? 
_pdbx_modification_feature.modified_residue_symmetry          1_555 
_pdbx_modification_feature.comp_id_linking_atom               CAB 
_pdbx_modification_feature.modified_residue_id_linking_atom   NE2 
_pdbx_modification_feature.modified_residue_id                HIS 
_pdbx_modification_feature.ref_pcm_id                         6 
_pdbx_modification_feature.ref_comp_id                        HEM 
_pdbx_modification_feature.type                               None 
_pdbx_modification_feature.category                           Heme/heme-like 
# 
loop_
_struct_site.id 
_struct_site.pdbx_evidence_code 
_struct_site.pdbx_auth_asym_id 
_struct_site.pdbx_auth_comp_id 
_struct_site.pdbx_auth_seq_id 
_struct_site.pdbx_auth_ins_code 
_struct_site.pdbx_num_residues 
_struct_site.details 
AC1 Software A FLC 227 ? 16 'BINDING SITE FOR RESIDUE FLC A 227' 
AC2 Software A AZI 126 ? 7  'BINDING SITE FOR RESIDUE AZI A 126' 
AC3 Software A HEM 125 ? 25 'BINDING SITE FOR RESIDUE HEM A 125' 
# 
loop_
_struct_site_gen.id 
_struct_site_gen.site_id 
_struct_site_gen.pdbx_num_res 
_struct_site_gen.label_comp_id 
_struct_site_gen.label_asym_id 
_struct_site_gen.label_seq_id 
_struct_site_gen.pdbx_auth_ins_code 
_struct_site_gen.auth_comp_id 
_struct_site_gen.auth_asym_id 
_struct_site_gen.auth_seq_id 
_struct_site_gen.label_atom_id 
_struct_site_gen.label_alt_id 
_struct_site_gen.symmetry 
_struct_site_gen.details 
1  AC1 16 PHE A 50  ? PHE A 50  . ? 1_555 ? 
2  AC1 16 TYR A 53  ? TYR A 53  . ? 1_555 ? 
3  AC1 16 TYR A 65  ? TYR A 65  . ? 1_555 ? 
4  AC1 16 MET A 66  ? MET A 66  . ? 1_555 ? 
5  AC1 16 HIS A 77  ? HIS A 77  . ? 7_654 ? 
6  AC1 16 ALA A 116 ? ALA A 116 . ? 1_555 ? 
7  AC1 16 HIS A 117 ? HIS A 117 . ? 1_555 ? 
8  AC1 16 ASP A 120 ? ASP A 120 . ? 1_555 ? 
9  AC1 16 HOH E .   ? HOH A 228 . ? 1_555 ? 
10 AC1 16 HOH E .   ? HOH A 230 . ? 1_555 ? 
11 AC1 16 HOH E .   ? HOH A 231 . ? 1_555 ? 
12 AC1 16 HOH E .   ? HOH A 238 . ? 1_555 ? 
13 AC1 16 HOH E .   ? HOH A 253 . ? 1_555 ? 
14 AC1 16 HOH E .   ? HOH A 265 . ? 1_555 ? 
15 AC1 16 HOH E .   ? HOH A 306 . ? 1_555 ? 
16 AC1 16 HOH E .   ? HOH A 325 . ? 7_654 ? 
17 AC2 7  PHE A 21  ? PHE A 21  . ? 1_555 ? 
18 AC2 7  TYR A 22  ? TYR A 22  . ? 1_555 ? 
19 AC2 7  PHE A 35  ? PHE A 35  . ? 1_555 ? 
20 AC2 7  GLN A 43  ? GLN A 43  . ? 1_555 ? 
21 AC2 7  GLN A 47  ? GLN A 47  . ? 1_555 ? 
22 AC2 7  HIS A 70  ? HIS A 70  . ? 1_555 ? 
23 AC2 7  HEM D .   ? HEM A 125 . ? 1_555 ? 
24 AC3 25 ILE A 31  ? ILE A 31  . ? 1_555 ? 
25 AC3 25 PHE A 34  ? PHE A 34  . ? 1_555 ? 
26 AC3 25 PHE A 35  ? PHE A 35  . ? 1_555 ? 
27 AC3 25 VAL A 38  ? VAL A 38  . ? 1_555 ? 
28 AC3 25 GLN A 43  ? GLN A 43  . ? 1_555 ? 
29 AC3 25 GLN A 47  ? GLN A 47  . ? 1_555 ? 
30 AC3 25 PHE A 50  ? PHE A 50  . ? 1_555 ? 
31 AC3 25 TYR A 61  ? TYR A 61  . ? 1_555 ? 
32 AC3 25 GLY A 63  ? GLY A 63  . ? 1_555 ? 
33 AC3 25 ARG A 64  ? ARG A 64  . ? 1_555 ? 
34 AC3 25 MET A 66  ? MET A 66  . ? 1_555 ? 
35 AC3 25 HIS A 70  ? HIS A 70  . ? 1_555 ? 
36 AC3 25 LEU A 73  ? LEU A 73  . ? 1_555 ? 
37 AC3 25 LEU A 79  ? LEU A 79  . ? 1_555 ? 
38 AC3 25 PHE A 84  ? PHE A 84  . ? 1_555 ? 
39 AC3 25 VAL A 87  ? VAL A 87  . ? 1_555 ? 
40 AC3 25 HIS A 117 ? HIS A 117 . ? 1_555 ? 
41 AC3 25 VAL A 121 ? VAL A 121 . ? 1_555 ? 
42 AC3 25 AZI C .   ? AZI A 126 . ? 1_555 ? 
43 AC3 25 HOH E .   ? HOH A 239 . ? 1_555 ? 
44 AC3 25 HOH E .   ? HOH A 268 . ? 1_555 ? 
45 AC3 25 HOH E .   ? HOH A 274 . ? 1_555 ? 
46 AC3 25 HOH E .   ? HOH A 308 . ? 1_555 ? 
47 AC3 25 HOH E .   ? HOH A 335 . ? 1_555 ? 
48 AC3 25 HOH E .   ? HOH A 352 . ? 1_555 ? 
# 
_pdbx_entry_details.entry_id                   1S6A 
_pdbx_entry_details.compound_details           ? 
_pdbx_entry_details.source_details             ? 
_pdbx_entry_details.nonpolymer_details         ? 
_pdbx_entry_details.sequence_details           ? 
_pdbx_entry_details.has_ligand_of_interest     ? 
_pdbx_entry_details.has_protein_modification   Y 
# 
loop_
_pdbx_validate_close_contact.id 
_pdbx_validate_close_contact.PDB_model_num 
_pdbx_validate_close_contact.auth_atom_id_1 
_pdbx_validate_close_contact.auth_asym_id_1 
_pdbx_validate_close_contact.auth_comp_id_1 
_pdbx_validate_close_contact.auth_seq_id_1 
_pdbx_validate_close_contact.PDB_ins_code_1 
_pdbx_validate_close_contact.label_alt_id_1 
_pdbx_validate_close_contact.auth_atom_id_2 
_pdbx_validate_close_contact.auth_asym_id_2 
_pdbx_validate_close_contact.auth_comp_id_2 
_pdbx_validate_close_contact.auth_seq_id_2 
_pdbx_validate_close_contact.PDB_ins_code_2 
_pdbx_validate_close_contact.label_alt_id_2 
_pdbx_validate_close_contact.dist 
1 1 O   A HOH 274 ? ? O A HOH 365 ? ? 1.93 
2 1 OD2 A ASP 37  ? ? O A HOH 351 ? ? 2.11 
# 
loop_
_pdbx_validate_rmsd_angle.id 
_pdbx_validate_rmsd_angle.PDB_model_num 
_pdbx_validate_rmsd_angle.auth_atom_id_1 
_pdbx_validate_rmsd_angle.auth_asym_id_1 
_pdbx_validate_rmsd_angle.auth_comp_id_1 
_pdbx_validate_rmsd_angle.auth_seq_id_1 
_pdbx_validate_rmsd_angle.PDB_ins_code_1 
_pdbx_validate_rmsd_angle.label_alt_id_1 
_pdbx_validate_rmsd_angle.auth_atom_id_2 
_pdbx_validate_rmsd_angle.auth_asym_id_2 
_pdbx_validate_rmsd_angle.auth_comp_id_2 
_pdbx_validate_rmsd_angle.auth_seq_id_2 
_pdbx_validate_rmsd_angle.PDB_ins_code_2 
_pdbx_validate_rmsd_angle.label_alt_id_2 
_pdbx_validate_rmsd_angle.auth_atom_id_3 
_pdbx_validate_rmsd_angle.auth_asym_id_3 
_pdbx_validate_rmsd_angle.auth_comp_id_3 
_pdbx_validate_rmsd_angle.auth_seq_id_3 
_pdbx_validate_rmsd_angle.PDB_ins_code_3 
_pdbx_validate_rmsd_angle.label_alt_id_3 
_pdbx_validate_rmsd_angle.angle_value 
_pdbx_validate_rmsd_angle.angle_target_value 
_pdbx_validate_rmsd_angle.angle_deviation 
_pdbx_validate_rmsd_angle.angle_standard_deviation 
_pdbx_validate_rmsd_angle.linker_flag 
1 1 CB A ASP 15 ? ? CG A ASP 15 ? ? OD2 A ASP 15 ? ? 125.02 118.30 6.72 0.90 N 
2 1 CB A ASP 37 ? ? CG A ASP 37 ? ? OD2 A ASP 37 ? ? 124.81 118.30 6.51 0.90 N 
3 1 CB A ASP 62 ? ? CG A ASP 62 ? ? OD2 A ASP 62 ? ? 123.75 118.30 5.45 0.90 N 
# 
_pdbx_unobs_or_zero_occ_residues.id               1 
_pdbx_unobs_or_zero_occ_residues.PDB_model_num    1 
_pdbx_unobs_or_zero_occ_residues.polymer_flag     Y 
_pdbx_unobs_or_zero_occ_residues.occupancy_flag   1 
_pdbx_unobs_or_zero_occ_residues.auth_asym_id     A 
_pdbx_unobs_or_zero_occ_residues.auth_comp_id     MET 
_pdbx_unobs_or_zero_occ_residues.auth_seq_id      1 
_pdbx_unobs_or_zero_occ_residues.PDB_ins_code     ? 
_pdbx_unobs_or_zero_occ_residues.label_asym_id    A 
_pdbx_unobs_or_zero_occ_residues.label_comp_id    MET 
_pdbx_unobs_or_zero_occ_residues.label_seq_id     1 
# 
loop_
_chem_comp_atom.comp_id 
_chem_comp_atom.atom_id 
_chem_comp_atom.type_symbol 
_chem_comp_atom.pdbx_aromatic_flag 
_chem_comp_atom.pdbx_stereo_config 
_chem_comp_atom.pdbx_ordinal 
ALA N    N  N N 1   
ALA CA   C  N S 2   
ALA C    C  N N 3   
ALA O    O  N N 4   
ALA CB   C  N N 5   
ALA OXT  O  N N 6   
ALA H    H  N N 7   
ALA H2   H  N N 8   
ALA HA   H  N N 9   
ALA HB1  H  N N 10  
ALA HB2  H  N N 11  
ALA HB3  H  N N 12  
ALA HXT  H  N N 13  
ARG N    N  N N 14  
ARG CA   C  N S 15  
ARG C    C  N N 16  
ARG O    O  N N 17  
ARG CB   C  N N 18  
ARG CG   C  N N 19  
ARG CD   C  N N 20  
ARG NE   N  N N 21  
ARG CZ   C  N N 22  
ARG NH1  N  N N 23  
ARG NH2  N  N N 24  
ARG OXT  O  N N 25  
ARG H    H  N N 26  
ARG H2   H  N N 27  
ARG HA   H  N N 28  
ARG HB2  H  N N 29  
ARG HB3  H  N N 30  
ARG HG2  H  N N 31  
ARG HG3  H  N N 32  
ARG HD2  H  N N 33  
ARG HD3  H  N N 34  
ARG HE   H  N N 35  
ARG HH11 H  N N 36  
ARG HH12 H  N N 37  
ARG HH21 H  N N 38  
ARG HH22 H  N N 39  
ARG HXT  H  N N 40  
ASN N    N  N N 41  
ASN CA   C  N S 42  
ASN C    C  N N 43  
ASN O    O  N N 44  
ASN CB   C  N N 45  
ASN CG   C  N N 46  
ASN OD1  O  N N 47  
ASN ND2  N  N N 48  
ASN OXT  O  N N 49  
ASN H    H  N N 50  
ASN H2   H  N N 51  
ASN HA   H  N N 52  
ASN HB2  H  N N 53  
ASN HB3  H  N N 54  
ASN HD21 H  N N 55  
ASN HD22 H  N N 56  
ASN HXT  H  N N 57  
ASP N    N  N N 58  
ASP CA   C  N S 59  
ASP C    C  N N 60  
ASP O    O  N N 61  
ASP CB   C  N N 62  
ASP CG   C  N N 63  
ASP OD1  O  N N 64  
ASP OD2  O  N N 65  
ASP OXT  O  N N 66  
ASP H    H  N N 67  
ASP H2   H  N N 68  
ASP HA   H  N N 69  
ASP HB2  H  N N 70  
ASP HB3  H  N N 71  
ASP HD2  H  N N 72  
ASP HXT  H  N N 73  
AZI N1   N  N N 74  
AZI N2   N  N N 75  
AZI N3   N  N N 76  
FLC CAC  C  N N 77  
FLC CA   C  N N 78  
FLC CB   C  N N 79  
FLC CBC  C  N N 80  
FLC CG   C  N N 81  
FLC CGC  C  N N 82  
FLC OA1  O  N N 83  
FLC OA2  O  N N 84  
FLC OB1  O  N N 85  
FLC OB2  O  N N 86  
FLC OG1  O  N N 87  
FLC OG2  O  N N 88  
FLC OHB  O  N N 89  
FLC HA1  H  N N 90  
FLC HA2  H  N N 91  
FLC HG1  H  N N 92  
FLC HG2  H  N N 93  
FLC HOB  H  N N 94  
GLN N    N  N N 95  
GLN CA   C  N S 96  
GLN C    C  N N 97  
GLN O    O  N N 98  
GLN CB   C  N N 99  
GLN CG   C  N N 100 
GLN CD   C  N N 101 
GLN OE1  O  N N 102 
GLN NE2  N  N N 103 
GLN OXT  O  N N 104 
GLN H    H  N N 105 
GLN H2   H  N N 106 
GLN HA   H  N N 107 
GLN HB2  H  N N 108 
GLN HB3  H  N N 109 
GLN HG2  H  N N 110 
GLN HG3  H  N N 111 
GLN HE21 H  N N 112 
GLN HE22 H  N N 113 
GLN HXT  H  N N 114 
GLU N    N  N N 115 
GLU CA   C  N S 116 
GLU C    C  N N 117 
GLU O    O  N N 118 
GLU CB   C  N N 119 
GLU CG   C  N N 120 
GLU CD   C  N N 121 
GLU OE1  O  N N 122 
GLU OE2  O  N N 123 
GLU OXT  O  N N 124 
GLU H    H  N N 125 
GLU H2   H  N N 126 
GLU HA   H  N N 127 
GLU HB2  H  N N 128 
GLU HB3  H  N N 129 
GLU HG2  H  N N 130 
GLU HG3  H  N N 131 
GLU HE2  H  N N 132 
GLU HXT  H  N N 133 
GLY N    N  N N 134 
GLY CA   C  N N 135 
GLY C    C  N N 136 
GLY O    O  N N 137 
GLY OXT  O  N N 138 
GLY H    H  N N 139 
GLY H2   H  N N 140 
GLY HA2  H  N N 141 
GLY HA3  H  N N 142 
GLY HXT  H  N N 143 
HEM CHA  C  N N 144 
HEM CHB  C  N N 145 
HEM CHC  C  N N 146 
HEM CHD  C  N N 147 
HEM C1A  C  Y N 148 
HEM C2A  C  Y N 149 
HEM C3A  C  Y N 150 
HEM C4A  C  Y N 151 
HEM CMA  C  N N 152 
HEM CAA  C  N N 153 
HEM CBA  C  N N 154 
HEM CGA  C  N N 155 
HEM O1A  O  N N 156 
HEM O2A  O  N N 157 
HEM C1B  C  N N 158 
HEM C2B  C  N N 159 
HEM C3B  C  N N 160 
HEM C4B  C  N N 161 
HEM CMB  C  N N 162 
HEM CAB  C  N N 163 
HEM CBB  C  N N 164 
HEM C1C  C  Y N 165 
HEM C2C  C  Y N 166 
HEM C3C  C  Y N 167 
HEM C4C  C  Y N 168 
HEM CMC  C  N N 169 
HEM CAC  C  N N 170 
HEM CBC  C  N N 171 
HEM C1D  C  N N 172 
HEM C2D  C  N N 173 
HEM C3D  C  N N 174 
HEM C4D  C  N N 175 
HEM CMD  C  N N 176 
HEM CAD  C  N N 177 
HEM CBD  C  N N 178 
HEM CGD  C  N N 179 
HEM O1D  O  N N 180 
HEM O2D  O  N N 181 
HEM NA   N  Y N 182 
HEM NB   N  N N 183 
HEM NC   N  Y N 184 
HEM ND   N  N N 185 
HEM FE   FE N N 186 
HEM HHB  H  N N 187 
HEM HHC  H  N N 188 
HEM HHD  H  N N 189 
HEM HMA  H  N N 190 
HEM HMAA H  N N 191 
HEM HMAB H  N N 192 
HEM HAA  H  N N 193 
HEM HAAA H  N N 194 
HEM HBA  H  N N 195 
HEM HBAA H  N N 196 
HEM HMB  H  N N 197 
HEM HMBA H  N N 198 
HEM HMBB H  N N 199 
HEM HAB  H  N N 200 
HEM HBB  H  N N 201 
HEM HBBA H  N N 202 
HEM HMC  H  N N 203 
HEM HMCA H  N N 204 
HEM HMCB H  N N 205 
HEM HAC  H  N N 206 
HEM HBC  H  N N 207 
HEM HBCA H  N N 208 
HEM HMD  H  N N 209 
HEM HMDA H  N N 210 
HEM HMDB H  N N 211 
HEM HAD  H  N N 212 
HEM HADA H  N N 213 
HEM HBD  H  N N 214 
HEM HBDA H  N N 215 
HEM H2A  H  N N 216 
HEM H2D  H  N N 217 
HEM HHA  H  N N 218 
HIS N    N  N N 219 
HIS CA   C  N S 220 
HIS C    C  N N 221 
HIS O    O  N N 222 
HIS CB   C  N N 223 
HIS CG   C  Y N 224 
HIS ND1  N  Y N 225 
HIS CD2  C  Y N 226 
HIS CE1  C  Y N 227 
HIS NE2  N  Y N 228 
HIS OXT  O  N N 229 
HIS H    H  N N 230 
HIS H2   H  N N 231 
HIS HA   H  N N 232 
HIS HB2  H  N N 233 
HIS HB3  H  N N 234 
HIS HD1  H  N N 235 
HIS HD2  H  N N 236 
HIS HE1  H  N N 237 
HIS HE2  H  N N 238 
HIS HXT  H  N N 239 
HOH O    O  N N 240 
HOH H1   H  N N 241 
HOH H2   H  N N 242 
ILE N    N  N N 243 
ILE CA   C  N S 244 
ILE C    C  N N 245 
ILE O    O  N N 246 
ILE CB   C  N S 247 
ILE CG1  C  N N 248 
ILE CG2  C  N N 249 
ILE CD1  C  N N 250 
ILE OXT  O  N N 251 
ILE H    H  N N 252 
ILE H2   H  N N 253 
ILE HA   H  N N 254 
ILE HB   H  N N 255 
ILE HG12 H  N N 256 
ILE HG13 H  N N 257 
ILE HG21 H  N N 258 
ILE HG22 H  N N 259 
ILE HG23 H  N N 260 
ILE HD11 H  N N 261 
ILE HD12 H  N N 262 
ILE HD13 H  N N 263 
ILE HXT  H  N N 264 
LEU N    N  N N 265 
LEU CA   C  N S 266 
LEU C    C  N N 267 
LEU O    O  N N 268 
LEU CB   C  N N 269 
LEU CG   C  N N 270 
LEU CD1  C  N N 271 
LEU CD2  C  N N 272 
LEU OXT  O  N N 273 
LEU H    H  N N 274 
LEU H2   H  N N 275 
LEU HA   H  N N 276 
LEU HB2  H  N N 277 
LEU HB3  H  N N 278 
LEU HG   H  N N 279 
LEU HD11 H  N N 280 
LEU HD12 H  N N 281 
LEU HD13 H  N N 282 
LEU HD21 H  N N 283 
LEU HD22 H  N N 284 
LEU HD23 H  N N 285 
LEU HXT  H  N N 286 
LYS N    N  N N 287 
LYS CA   C  N S 288 
LYS C    C  N N 289 
LYS O    O  N N 290 
LYS CB   C  N N 291 
LYS CG   C  N N 292 
LYS CD   C  N N 293 
LYS CE   C  N N 294 
LYS NZ   N  N N 295 
LYS OXT  O  N N 296 
LYS H    H  N N 297 
LYS H2   H  N N 298 
LYS HA   H  N N 299 
LYS HB2  H  N N 300 
LYS HB3  H  N N 301 
LYS HG2  H  N N 302 
LYS HG3  H  N N 303 
LYS HD2  H  N N 304 
LYS HD3  H  N N 305 
LYS HE2  H  N N 306 
LYS HE3  H  N N 307 
LYS HZ1  H  N N 308 
LYS HZ2  H  N N 309 
LYS HZ3  H  N N 310 
LYS HXT  H  N N 311 
MET N    N  N N 312 
MET CA   C  N S 313 
MET C    C  N N 314 
MET O    O  N N 315 
MET CB   C  N N 316 
MET CG   C  N N 317 
MET SD   S  N N 318 
MET CE   C  N N 319 
MET OXT  O  N N 320 
MET H    H  N N 321 
MET H2   H  N N 322 
MET HA   H  N N 323 
MET HB2  H  N N 324 
MET HB3  H  N N 325 
MET HG2  H  N N 326 
MET HG3  H  N N 327 
MET HE1  H  N N 328 
MET HE2  H  N N 329 
MET HE3  H  N N 330 
MET HXT  H  N N 331 
PHE N    N  N N 332 
PHE CA   C  N S 333 
PHE C    C  N N 334 
PHE O    O  N N 335 
PHE CB   C  N N 336 
PHE CG   C  Y N 337 
PHE CD1  C  Y N 338 
PHE CD2  C  Y N 339 
PHE CE1  C  Y N 340 
PHE CE2  C  Y N 341 
PHE CZ   C  Y N 342 
PHE OXT  O  N N 343 
PHE H    H  N N 344 
PHE H2   H  N N 345 
PHE HA   H  N N 346 
PHE HB2  H  N N 347 
PHE HB3  H  N N 348 
PHE HD1  H  N N 349 
PHE HD2  H  N N 350 
PHE HE1  H  N N 351 
PHE HE2  H  N N 352 
PHE HZ   H  N N 353 
PHE HXT  H  N N 354 
PRO N    N  N N 355 
PRO CA   C  N S 356 
PRO C    C  N N 357 
PRO O    O  N N 358 
PRO CB   C  N N 359 
PRO CG   C  N N 360 
PRO CD   C  N N 361 
PRO OXT  O  N N 362 
PRO H    H  N N 363 
PRO HA   H  N N 364 
PRO HB2  H  N N 365 
PRO HB3  H  N N 366 
PRO HG2  H  N N 367 
PRO HG3  H  N N 368 
PRO HD2  H  N N 369 
PRO HD3  H  N N 370 
PRO HXT  H  N N 371 
SER N    N  N N 372 
SER CA   C  N S 373 
SER C    C  N N 374 
SER O    O  N N 375 
SER CB   C  N N 376 
SER OG   O  N N 377 
SER OXT  O  N N 378 
SER H    H  N N 379 
SER H2   H  N N 380 
SER HA   H  N N 381 
SER HB2  H  N N 382 
SER HB3  H  N N 383 
SER HG   H  N N 384 
SER HXT  H  N N 385 
THR N    N  N N 386 
THR CA   C  N S 387 
THR C    C  N N 388 
THR O    O  N N 389 
THR CB   C  N R 390 
THR OG1  O  N N 391 
THR CG2  C  N N 392 
THR OXT  O  N N 393 
THR H    H  N N 394 
THR H2   H  N N 395 
THR HA   H  N N 396 
THR HB   H  N N 397 
THR HG1  H  N N 398 
THR HG21 H  N N 399 
THR HG22 H  N N 400 
THR HG23 H  N N 401 
THR HXT  H  N N 402 
TYR N    N  N N 403 
TYR CA   C  N S 404 
TYR C    C  N N 405 
TYR O    O  N N 406 
TYR CB   C  N N 407 
TYR CG   C  Y N 408 
TYR CD1  C  Y N 409 
TYR CD2  C  Y N 410 
TYR CE1  C  Y N 411 
TYR CE2  C  Y N 412 
TYR CZ   C  Y N 413 
TYR OH   O  N N 414 
TYR OXT  O  N N 415 
TYR H    H  N N 416 
TYR H2   H  N N 417 
TYR HA   H  N N 418 
TYR HB2  H  N N 419 
TYR HB3  H  N N 420 
TYR HD1  H  N N 421 
TYR HD2  H  N N 422 
TYR HE1  H  N N 423 
TYR HE2  H  N N 424 
TYR HH   H  N N 425 
TYR HXT  H  N N 426 
VAL N    N  N N 427 
VAL CA   C  N S 428 
VAL C    C  N N 429 
VAL O    O  N N 430 
VAL CB   C  N N 431 
VAL CG1  C  N N 432 
VAL CG2  C  N N 433 
VAL OXT  O  N N 434 
VAL H    H  N N 435 
VAL H2   H  N N 436 
VAL HA   H  N N 437 
VAL HB   H  N N 438 
VAL HG11 H  N N 439 
VAL HG12 H  N N 440 
VAL HG13 H  N N 441 
VAL HG21 H  N N 442 
VAL HG22 H  N N 443 
VAL HG23 H  N N 444 
VAL HXT  H  N N 445 
# 
loop_
_chem_comp_bond.comp_id 
_chem_comp_bond.atom_id_1 
_chem_comp_bond.atom_id_2 
_chem_comp_bond.value_order 
_chem_comp_bond.pdbx_aromatic_flag 
_chem_comp_bond.pdbx_stereo_config 
_chem_comp_bond.pdbx_ordinal 
ALA N   CA   sing N N 1   
ALA N   H    sing N N 2   
ALA N   H2   sing N N 3   
ALA CA  C    sing N N 4   
ALA CA  CB   sing N N 5   
ALA CA  HA   sing N N 6   
ALA C   O    doub N N 7   
ALA C   OXT  sing N N 8   
ALA CB  HB1  sing N N 9   
ALA CB  HB2  sing N N 10  
ALA CB  HB3  sing N N 11  
ALA OXT HXT  sing N N 12  
ARG N   CA   sing N N 13  
ARG N   H    sing N N 14  
ARG N   H2   sing N N 15  
ARG CA  C    sing N N 16  
ARG CA  CB   sing N N 17  
ARG CA  HA   sing N N 18  
ARG C   O    doub N N 19  
ARG C   OXT  sing N N 20  
ARG CB  CG   sing N N 21  
ARG CB  HB2  sing N N 22  
ARG CB  HB3  sing N N 23  
ARG CG  CD   sing N N 24  
ARG CG  HG2  sing N N 25  
ARG CG  HG3  sing N N 26  
ARG CD  NE   sing N N 27  
ARG CD  HD2  sing N N 28  
ARG CD  HD3  sing N N 29  
ARG NE  CZ   sing N N 30  
ARG NE  HE   sing N N 31  
ARG CZ  NH1  sing N N 32  
ARG CZ  NH2  doub N N 33  
ARG NH1 HH11 sing N N 34  
ARG NH1 HH12 sing N N 35  
ARG NH2 HH21 sing N N 36  
ARG NH2 HH22 sing N N 37  
ARG OXT HXT  sing N N 38  
ASN N   CA   sing N N 39  
ASN N   H    sing N N 40  
ASN N   H2   sing N N 41  
ASN CA  C    sing N N 42  
ASN CA  CB   sing N N 43  
ASN CA  HA   sing N N 44  
ASN C   O    doub N N 45  
ASN C   OXT  sing N N 46  
ASN CB  CG   sing N N 47  
ASN CB  HB2  sing N N 48  
ASN CB  HB3  sing N N 49  
ASN CG  OD1  doub N N 50  
ASN CG  ND2  sing N N 51  
ASN ND2 HD21 sing N N 52  
ASN ND2 HD22 sing N N 53  
ASN OXT HXT  sing N N 54  
ASP N   CA   sing N N 55  
ASP N   H    sing N N 56  
ASP N   H2   sing N N 57  
ASP CA  C    sing N N 58  
ASP CA  CB   sing N N 59  
ASP CA  HA   sing N N 60  
ASP C   O    doub N N 61  
ASP C   OXT  sing N N 62  
ASP CB  CG   sing N N 63  
ASP CB  HB2  sing N N 64  
ASP CB  HB3  sing N N 65  
ASP CG  OD1  doub N N 66  
ASP CG  OD2  sing N N 67  
ASP OD2 HD2  sing N N 68  
ASP OXT HXT  sing N N 69  
AZI N1  N2   doub N N 70  
AZI N2  N3   doub N N 71  
FLC CAC CA   sing N N 72  
FLC CAC OA1  doub N N 73  
FLC CAC OA2  sing N N 74  
FLC CA  CB   sing N N 75  
FLC CA  HA1  sing N N 76  
FLC CA  HA2  sing N N 77  
FLC CB  CBC  sing N N 78  
FLC CB  CG   sing N N 79  
FLC CB  OHB  sing N N 80  
FLC CBC OB1  doub N N 81  
FLC CBC OB2  sing N N 82  
FLC CG  CGC  sing N N 83  
FLC CG  HG1  sing N N 84  
FLC CG  HG2  sing N N 85  
FLC CGC OG1  doub N N 86  
FLC CGC OG2  sing N N 87  
FLC OHB HOB  sing N N 88  
GLN N   CA   sing N N 89  
GLN N   H    sing N N 90  
GLN N   H2   sing N N 91  
GLN CA  C    sing N N 92  
GLN CA  CB   sing N N 93  
GLN CA  HA   sing N N 94  
GLN C   O    doub N N 95  
GLN C   OXT  sing N N 96  
GLN CB  CG   sing N N 97  
GLN CB  HB2  sing N N 98  
GLN CB  HB3  sing N N 99  
GLN CG  CD   sing N N 100 
GLN CG  HG2  sing N N 101 
GLN CG  HG3  sing N N 102 
GLN CD  OE1  doub N N 103 
GLN CD  NE2  sing N N 104 
GLN NE2 HE21 sing N N 105 
GLN NE2 HE22 sing N N 106 
GLN OXT HXT  sing N N 107 
GLU N   CA   sing N N 108 
GLU N   H    sing N N 109 
GLU N   H2   sing N N 110 
GLU CA  C    sing N N 111 
GLU CA  CB   sing N N 112 
GLU CA  HA   sing N N 113 
GLU C   O    doub N N 114 
GLU C   OXT  sing N N 115 
GLU CB  CG   sing N N 116 
GLU CB  HB2  sing N N 117 
GLU CB  HB3  sing N N 118 
GLU CG  CD   sing N N 119 
GLU CG  HG2  sing N N 120 
GLU CG  HG3  sing N N 121 
GLU CD  OE1  doub N N 122 
GLU CD  OE2  sing N N 123 
GLU OE2 HE2  sing N N 124 
GLU OXT HXT  sing N N 125 
GLY N   CA   sing N N 126 
GLY N   H    sing N N 127 
GLY N   H2   sing N N 128 
GLY CA  C    sing N N 129 
GLY CA  HA2  sing N N 130 
GLY CA  HA3  sing N N 131 
GLY C   O    doub N N 132 
GLY C   OXT  sing N N 133 
GLY OXT HXT  sing N N 134 
HEM CHA C1A  sing N N 135 
HEM CHA C4D  doub N N 136 
HEM CHA HHA  sing N N 137 
HEM CHB C4A  sing N N 138 
HEM CHB C1B  doub N N 139 
HEM CHB HHB  sing N N 140 
HEM CHC C4B  sing N N 141 
HEM CHC C1C  doub N N 142 
HEM CHC HHC  sing N N 143 
HEM CHD C4C  doub N N 144 
HEM CHD C1D  sing N N 145 
HEM CHD HHD  sing N N 146 
HEM C1A C2A  doub Y N 147 
HEM C1A NA   sing Y N 148 
HEM C2A C3A  sing Y N 149 
HEM C2A CAA  sing N N 150 
HEM C3A C4A  doub Y N 151 
HEM C3A CMA  sing N N 152 
HEM C4A NA   sing Y N 153 
HEM CMA HMA  sing N N 154 
HEM CMA HMAA sing N N 155 
HEM CMA HMAB sing N N 156 
HEM CAA CBA  sing N N 157 
HEM CAA HAA  sing N N 158 
HEM CAA HAAA sing N N 159 
HEM CBA CGA  sing N N 160 
HEM CBA HBA  sing N N 161 
HEM CBA HBAA sing N N 162 
HEM CGA O1A  doub N N 163 
HEM CGA O2A  sing N N 164 
HEM C1B C2B  sing N N 165 
HEM C1B NB   sing N N 166 
HEM C2B C3B  doub N N 167 
HEM C2B CMB  sing N N 168 
HEM C3B C4B  sing N N 169 
HEM C3B CAB  sing N N 170 
HEM C4B NB   doub N N 171 
HEM CMB HMB  sing N N 172 
HEM CMB HMBA sing N N 173 
HEM CMB HMBB sing N N 174 
HEM CAB CBB  doub N N 175 
HEM CAB HAB  sing N N 176 
HEM CBB HBB  sing N N 177 
HEM CBB HBBA sing N N 178 
HEM C1C C2C  sing Y N 179 
HEM C1C NC   sing Y N 180 
HEM C2C C3C  doub Y N 181 
HEM C2C CMC  sing N N 182 
HEM C3C C4C  sing Y N 183 
HEM C3C CAC  sing N N 184 
HEM C4C NC   sing Y N 185 
HEM CMC HMC  sing N N 186 
HEM CMC HMCA sing N N 187 
HEM CMC HMCB sing N N 188 
HEM CAC CBC  doub N N 189 
HEM CAC HAC  sing N N 190 
HEM CBC HBC  sing N N 191 
HEM CBC HBCA sing N N 192 
HEM C1D C2D  sing N N 193 
HEM C1D ND   doub N N 194 
HEM C2D C3D  doub N N 195 
HEM C2D CMD  sing N N 196 
HEM C3D C4D  sing N N 197 
HEM C3D CAD  sing N N 198 
HEM C4D ND   sing N N 199 
HEM CMD HMD  sing N N 200 
HEM CMD HMDA sing N N 201 
HEM CMD HMDB sing N N 202 
HEM CAD CBD  sing N N 203 
HEM CAD HAD  sing N N 204 
HEM CAD HADA sing N N 205 
HEM CBD CGD  sing N N 206 
HEM CBD HBD  sing N N 207 
HEM CBD HBDA sing N N 208 
HEM CGD O1D  doub N N 209 
HEM CGD O2D  sing N N 210 
HEM O2A H2A  sing N N 211 
HEM O2D H2D  sing N N 212 
HEM FE  NA   sing N N 213 
HEM FE  NB   sing N N 214 
HEM FE  NC   sing N N 215 
HEM FE  ND   sing N N 216 
HIS N   CA   sing N N 217 
HIS N   H    sing N N 218 
HIS N   H2   sing N N 219 
HIS CA  C    sing N N 220 
HIS CA  CB   sing N N 221 
HIS CA  HA   sing N N 222 
HIS C   O    doub N N 223 
HIS C   OXT  sing N N 224 
HIS CB  CG   sing N N 225 
HIS CB  HB2  sing N N 226 
HIS CB  HB3  sing N N 227 
HIS CG  ND1  sing Y N 228 
HIS CG  CD2  doub Y N 229 
HIS ND1 CE1  doub Y N 230 
HIS ND1 HD1  sing N N 231 
HIS CD2 NE2  sing Y N 232 
HIS CD2 HD2  sing N N 233 
HIS CE1 NE2  sing Y N 234 
HIS CE1 HE1  sing N N 235 
HIS NE2 HE2  sing N N 236 
HIS OXT HXT  sing N N 237 
HOH O   H1   sing N N 238 
HOH O   H2   sing N N 239 
ILE N   CA   sing N N 240 
ILE N   H    sing N N 241 
ILE N   H2   sing N N 242 
ILE CA  C    sing N N 243 
ILE CA  CB   sing N N 244 
ILE CA  HA   sing N N 245 
ILE C   O    doub N N 246 
ILE C   OXT  sing N N 247 
ILE CB  CG1  sing N N 248 
ILE CB  CG2  sing N N 249 
ILE CB  HB   sing N N 250 
ILE CG1 CD1  sing N N 251 
ILE CG1 HG12 sing N N 252 
ILE CG1 HG13 sing N N 253 
ILE CG2 HG21 sing N N 254 
ILE CG2 HG22 sing N N 255 
ILE CG2 HG23 sing N N 256 
ILE CD1 HD11 sing N N 257 
ILE CD1 HD12 sing N N 258 
ILE CD1 HD13 sing N N 259 
ILE OXT HXT  sing N N 260 
LEU N   CA   sing N N 261 
LEU N   H    sing N N 262 
LEU N   H2   sing N N 263 
LEU CA  C    sing N N 264 
LEU CA  CB   sing N N 265 
LEU CA  HA   sing N N 266 
LEU C   O    doub N N 267 
LEU C   OXT  sing N N 268 
LEU CB  CG   sing N N 269 
LEU CB  HB2  sing N N 270 
LEU CB  HB3  sing N N 271 
LEU CG  CD1  sing N N 272 
LEU CG  CD2  sing N N 273 
LEU CG  HG   sing N N 274 
LEU CD1 HD11 sing N N 275 
LEU CD1 HD12 sing N N 276 
LEU CD1 HD13 sing N N 277 
LEU CD2 HD21 sing N N 278 
LEU CD2 HD22 sing N N 279 
LEU CD2 HD23 sing N N 280 
LEU OXT HXT  sing N N 281 
LYS N   CA   sing N N 282 
LYS N   H    sing N N 283 
LYS N   H2   sing N N 284 
LYS CA  C    sing N N 285 
LYS CA  CB   sing N N 286 
LYS CA  HA   sing N N 287 
LYS C   O    doub N N 288 
LYS C   OXT  sing N N 289 
LYS CB  CG   sing N N 290 
LYS CB  HB2  sing N N 291 
LYS CB  HB3  sing N N 292 
LYS CG  CD   sing N N 293 
LYS CG  HG2  sing N N 294 
LYS CG  HG3  sing N N 295 
LYS CD  CE   sing N N 296 
LYS CD  HD2  sing N N 297 
LYS CD  HD3  sing N N 298 
LYS CE  NZ   sing N N 299 
LYS CE  HE2  sing N N 300 
LYS CE  HE3  sing N N 301 
LYS NZ  HZ1  sing N N 302 
LYS NZ  HZ2  sing N N 303 
LYS NZ  HZ3  sing N N 304 
LYS OXT HXT  sing N N 305 
MET N   CA   sing N N 306 
MET N   H    sing N N 307 
MET N   H2   sing N N 308 
MET CA  C    sing N N 309 
MET CA  CB   sing N N 310 
MET CA  HA   sing N N 311 
MET C   O    doub N N 312 
MET C   OXT  sing N N 313 
MET CB  CG   sing N N 314 
MET CB  HB2  sing N N 315 
MET CB  HB3  sing N N 316 
MET CG  SD   sing N N 317 
MET CG  HG2  sing N N 318 
MET CG  HG3  sing N N 319 
MET SD  CE   sing N N 320 
MET CE  HE1  sing N N 321 
MET CE  HE2  sing N N 322 
MET CE  HE3  sing N N 323 
MET OXT HXT  sing N N 324 
PHE N   CA   sing N N 325 
PHE N   H    sing N N 326 
PHE N   H2   sing N N 327 
PHE CA  C    sing N N 328 
PHE CA  CB   sing N N 329 
PHE CA  HA   sing N N 330 
PHE C   O    doub N N 331 
PHE C   OXT  sing N N 332 
PHE CB  CG   sing N N 333 
PHE CB  HB2  sing N N 334 
PHE CB  HB3  sing N N 335 
PHE CG  CD1  doub Y N 336 
PHE CG  CD2  sing Y N 337 
PHE CD1 CE1  sing Y N 338 
PHE CD1 HD1  sing N N 339 
PHE CD2 CE2  doub Y N 340 
PHE CD2 HD2  sing N N 341 
PHE CE1 CZ   doub Y N 342 
PHE CE1 HE1  sing N N 343 
PHE CE2 CZ   sing Y N 344 
PHE CE2 HE2  sing N N 345 
PHE CZ  HZ   sing N N 346 
PHE OXT HXT  sing N N 347 
PRO N   CA   sing N N 348 
PRO N   CD   sing N N 349 
PRO N   H    sing N N 350 
PRO CA  C    sing N N 351 
PRO CA  CB   sing N N 352 
PRO CA  HA   sing N N 353 
PRO C   O    doub N N 354 
PRO C   OXT  sing N N 355 
PRO CB  CG   sing N N 356 
PRO CB  HB2  sing N N 357 
PRO CB  HB3  sing N N 358 
PRO CG  CD   sing N N 359 
PRO CG  HG2  sing N N 360 
PRO CG  HG3  sing N N 361 
PRO CD  HD2  sing N N 362 
PRO CD  HD3  sing N N 363 
PRO OXT HXT  sing N N 364 
SER N   CA   sing N N 365 
SER N   H    sing N N 366 
SER N   H2   sing N N 367 
SER CA  C    sing N N 368 
SER CA  CB   sing N N 369 
SER CA  HA   sing N N 370 
SER C   O    doub N N 371 
SER C   OXT  sing N N 372 
SER CB  OG   sing N N 373 
SER CB  HB2  sing N N 374 
SER CB  HB3  sing N N 375 
SER OG  HG   sing N N 376 
SER OXT HXT  sing N N 377 
THR N   CA   sing N N 378 
THR N   H    sing N N 379 
THR N   H2   sing N N 380 
THR CA  C    sing N N 381 
THR CA  CB   sing N N 382 
THR CA  HA   sing N N 383 
THR C   O    doub N N 384 
THR C   OXT  sing N N 385 
THR CB  OG1  sing N N 386 
THR CB  CG2  sing N N 387 
THR CB  HB   sing N N 388 
THR OG1 HG1  sing N N 389 
THR CG2 HG21 sing N N 390 
THR CG2 HG22 sing N N 391 
THR CG2 HG23 sing N N 392 
THR OXT HXT  sing N N 393 
TYR N   CA   sing N N 394 
TYR N   H    sing N N 395 
TYR N   H2   sing N N 396 
TYR CA  C    sing N N 397 
TYR CA  CB   sing N N 398 
TYR CA  HA   sing N N 399 
TYR C   O    doub N N 400 
TYR C   OXT  sing N N 401 
TYR CB  CG   sing N N 402 
TYR CB  HB2  sing N N 403 
TYR CB  HB3  sing N N 404 
TYR CG  CD1  doub Y N 405 
TYR CG  CD2  sing Y N 406 
TYR CD1 CE1  sing Y N 407 
TYR CD1 HD1  sing N N 408 
TYR CD2 CE2  doub Y N 409 
TYR CD2 HD2  sing N N 410 
TYR CE1 CZ   doub Y N 411 
TYR CE1 HE1  sing N N 412 
TYR CE2 CZ   sing Y N 413 
TYR CE2 HE2  sing N N 414 
TYR CZ  OH   sing N N 415 
TYR OH  HH   sing N N 416 
TYR OXT HXT  sing N N 417 
VAL N   CA   sing N N 418 
VAL N   H    sing N N 419 
VAL N   H2   sing N N 420 
VAL CA  C    sing N N 421 
VAL CA  CB   sing N N 422 
VAL CA  HA   sing N N 423 
VAL C   O    doub N N 424 
VAL C   OXT  sing N N 425 
VAL CB  CG1  sing N N 426 
VAL CB  CG2  sing N N 427 
VAL CB  HB   sing N N 428 
VAL CG1 HG11 sing N N 429 
VAL CG1 HG12 sing N N 430 
VAL CG1 HG13 sing N N 431 
VAL CG2 HG21 sing N N 432 
VAL CG2 HG22 sing N N 433 
VAL CG2 HG23 sing N N 434 
VAL OXT HXT  sing N N 435 
# 
_pdbx_initial_refinement_model.id               1 
_pdbx_initial_refinement_model.entity_id_list   ? 
_pdbx_initial_refinement_model.type             'experimental model' 
_pdbx_initial_refinement_model.source_name      PDB 
_pdbx_initial_refinement_model.accession_code   1S69 
_pdbx_initial_refinement_model.details          'cyanide bound Synechocystis cyanoglobin, PDb entry 1S69' 
# 
_atom_sites.entry_id                    1S6A 
_atom_sites.fract_transf_matrix[1][1]   -0.01123195 
_atom_sites.fract_transf_matrix[1][2]   0.00109279 
_atom_sites.fract_transf_matrix[1][3]   -0.00407445 
_atom_sites.fract_transf_matrix[2][1]   0.00003762 
_atom_sites.fract_transf_matrix[2][2]   0.01161392 
_atom_sites.fract_transf_matrix[2][3]   0.00301121 
_atom_sites.fract_transf_matrix[3][1]   0.00539397 
_atom_sites.fract_transf_matrix[3][2]   0.00358829 
_atom_sites.fract_transf_matrix[3][3]   -0.01390706 
_atom_sites.fract_transf_vector[1]      0.817476 
_atom_sites.fract_transf_vector[2]      0.504239 
_atom_sites.fract_transf_vector[3]      -0.001935 
# 
loop_
_atom_type.symbol 
C  
FE 
N  
O  
S  
# 
loop_
_atom_site.group_PDB 
_atom_site.id 
_atom_site.type_symbol 
_atom_site.label_atom_id 
_atom_site.label_alt_id 
_atom_site.label_comp_id 
_atom_site.label_asym_id 
_atom_site.label_entity_id 
_atom_site.label_seq_id 
_atom_site.pdbx_PDB_ins_code 
_atom_site.Cartn_x 
_atom_site.Cartn_y 
_atom_site.Cartn_z 
_atom_site.occupancy 
_atom_site.B_iso_or_equiv 
_atom_site.pdbx_formal_charge 
_atom_site.auth_seq_id 
_atom_site.auth_comp_id 
_atom_site.auth_asym_id 
_atom_site.auth_atom_id 
_atom_site.pdbx_PDB_model_num 
ATOM   1    N  N   . SER A 1 2   ? -18.746 -11.412 2.989   1.00 18.46 ? 2   SER A N   1 
ATOM   2    C  CA  . SER A 1 2   ? -17.304 -11.745 2.909   1.00 19.15 ? 2   SER A CA  1 
ATOM   3    C  C   . SER A 1 2   ? -16.564 -10.410 2.817   1.00 18.88 ? 2   SER A C   1 
ATOM   4    O  O   . SER A 1 2   ? -17.096 -9.447  2.250   1.00 18.59 ? 2   SER A O   1 
ATOM   5    C  CB  . SER A 1 2   ? -17.042 -12.657 1.711   1.00 19.11 ? 2   SER A CB  1 
ATOM   6    O  OG  . SER A 1 2   ? -17.537 -12.060 0.515   1.00 20.49 ? 2   SER A OG  1 
ATOM   7    N  N   . THR A 1 3   ? -15.424 -10.297 3.474   1.00 19.37 ? 3   THR A N   1 
ATOM   8    C  CA  . THR A 1 3   ? -14.649 -9.029  3.427   1.00 19.15 ? 3   THR A CA  1 
ATOM   9    C  C   . THR A 1 3   ? -13.874 -8.967  2.138   1.00 19.53 ? 3   THR A C   1 
ATOM   10   O  O   . THR A 1 3   ? -13.701 -9.981  1.456   1.00 20.17 ? 3   THR A O   1 
ATOM   11   C  CB  . THR A 1 3   ? -13.661 -8.971  4.565   1.00 18.28 ? 3   THR A CB  1 
ATOM   12   O  OG1 . THR A 1 3   ? -12.814 -10.141 4.504   1.00 16.57 ? 3   THR A OG1 1 
ATOM   13   C  CG2 . THR A 1 3   ? -14.404 -9.066  5.913   1.00 18.59 ? 3   THR A CG2 1 
ATOM   14   N  N   . LEU A 1 4   ? -13.367 -7.756  1.809   1.00 20.13 ? 4   LEU A N   1 
ATOM   15   C  CA  . LEU A 1 4   ? -12.474 -7.592  0.684   1.00 20.22 ? 4   LEU A CA  1 
ATOM   16   C  C   . LEU A 1 4   ? -11.251 -8.520  0.821   1.00 19.58 ? 4   LEU A C   1 
ATOM   17   O  O   . LEU A 1 4   ? -10.821 -9.146  -0.145  1.00 20.21 ? 4   LEU A O   1 
ATOM   18   C  CB  . LEU A 1 4   ? -12.035 -6.123  0.528   1.00 19.67 ? 4   LEU A CB  1 
ATOM   19   C  CG  . LEU A 1 4   ? -11.005 -5.809  -0.563  1.00 20.36 ? 4   LEU A CG  1 
ATOM   20   C  CD1 . LEU A 1 4   ? -11.479 -6.153  -1.982  1.00 20.36 ? 4   LEU A CD1 1 
ATOM   21   C  CD2 . LEU A 1 4   ? -10.704 -4.309  -0.428  1.00 22.03 ? 4   LEU A CD2 1 
ATOM   22   N  N   . TYR A 1 5   ? -10.704 -8.589  2.022   1.00 18.83 ? 5   TYR A N   1 
ATOM   23   C  CA  . TYR A 1 5   ? -9.615  -9.498  2.316   1.00 19.92 ? 5   TYR A CA  1 
ATOM   24   C  C   . TYR A 1 5   ? -9.962  -10.946 1.925   1.00 20.20 ? 5   TYR A C   1 
ATOM   25   O  O   . TYR A 1 5   ? -9.200  -11.597 1.238   1.00 19.61 ? 5   TYR A O   1 
ATOM   26   C  CB  . TYR A 1 5   ? -9.331  -9.424  3.788   1.00 19.44 ? 5   TYR A CB  1 
ATOM   27   C  CG  . TYR A 1 5   ? -8.251  -10.339 4.293   1.00 23.33 ? 5   TYR A CG  1 
ATOM   28   C  CD1 . TYR A 1 5   ? -6.916  -10.089 4.016   1.00 23.40 ? 5   TYR A CD1 1 
ATOM   29   C  CD2 . TYR A 1 5   ? -8.573  -11.418 5.116   1.00 26.47 ? 5   TYR A CD2 1 
ATOM   30   C  CE1 . TYR A 1 5   ? -5.915  -10.911 4.509   1.00 25.56 ? 5   TYR A CE1 1 
ATOM   31   C  CE2 . TYR A 1 5   ? -7.589  -12.235 5.614   1.00 28.32 ? 5   TYR A CE2 1 
ATOM   32   C  CZ  . TYR A 1 5   ? -6.265  -11.961 5.310   1.00 27.81 ? 5   TYR A CZ  1 
ATOM   33   O  OH  . TYR A 1 5   ? -5.280  -12.765 5.828   1.00 32.75 ? 5   TYR A OH  1 
ATOM   34   N  N   . GLU A 1 6   ? -11.108 -11.444 2.385   1.00 20.02 ? 6   GLU A N   1 
ATOM   35   C  CA  . GLU A 1 6   ? -11.537 -12.800 1.996   1.00 21.63 ? 6   GLU A CA  1 
ATOM   36   C  C   . GLU A 1 6   ? -11.700 -12.970 0.471   1.00 20.77 ? 6   GLU A C   1 
ATOM   37   O  O   . GLU A 1 6   ? -11.221 -13.960 -0.131  1.00 21.10 ? 6   GLU A O   1 
ATOM   38   C  CB  . GLU A 1 6   ? -12.804 -13.131 2.735   1.00 21.82 ? 6   GLU A CB  1 
ATOM   39   C  CG  . GLU A 1 6   ? -12.461 -13.437 4.171   1.00 26.22 ? 6   GLU A CG  1 
ATOM   40   C  CD  . GLU A 1 6   ? -13.639 -13.448 5.078   1.00 30.92 ? 6   GLU A CD  1 
ATOM   41   O  OE1 . GLU A 1 6   ? -14.717 -12.832 4.758   1.00 31.91 ? 6   GLU A OE1 1 
ATOM   42   O  OE2 . GLU A 1 6   ? -13.473 -14.100 6.140   1.00 33.71 ? 6   GLU A OE2 1 
ATOM   43   N  N   . LYS A 1 7   ? -12.367 -11.998 -0.153  1.00 21.57 ? 7   LYS A N   1 
ATOM   44   C  CA  . LYS A 1 7   ? -12.669 -12.070 -1.582  1.00 21.55 ? 7   LYS A CA  1 
ATOM   45   C  C   . LYS A 1 7   ? -11.411 -12.102 -2.449  1.00 22.13 ? 7   LYS A C   1 
ATOM   46   O  O   . LYS A 1 7   ? -11.378 -12.780 -3.479  1.00 20.85 ? 7   LYS A O   1 
ATOM   47   C  CB  . LYS A 1 7   ? -13.589 -10.939 -2.007  1.00 21.81 ? 7   LYS A CB  1 
ATOM   48   C  CG  . LYS A 1 7   ? -14.979 -11.024 -1.372  1.00 22.92 ? 7   LYS A CG  1 
ATOM   49   C  CD  . LYS A 1 7   ? -15.836 -10.078 -2.139  1.00 27.16 ? 7   LYS A CD  1 
ATOM   50   C  CE  . LYS A 1 7   ? -16.675 -9.238  -1.270  1.00 30.39 ? 7   LYS A CE  1 
ATOM   51   N  NZ  . LYS A 1 7   ? -17.064 -7.988  -2.017  1.00 30.79 ? 7   LYS A NZ  1 
ATOM   52   N  N   . LEU A 1 8   ? -10.403 -11.337 -2.020  1.00 22.23 ? 8   LEU A N   1 
ATOM   53   C  CA  . LEU A 1 8   ? -9.109  -11.336 -2.678  1.00 22.47 ? 8   LEU A CA  1 
ATOM   54   C  C   . LEU A 1 8   ? -8.414  -12.686 -2.569  1.00 22.92 ? 8   LEU A C   1 
ATOM   55   O  O   . LEU A 1 8   ? -7.643  -13.027 -3.442  1.00 24.52 ? 8   LEU A O   1 
ATOM   56   C  CB  . LEU A 1 8   ? -8.217  -10.202 -2.118  1.00 22.54 ? 8   LEU A CB  1 
ATOM   57   C  CG  . LEU A 1 8   ? -8.605  -8.781  -2.520  1.00 22.17 ? 8   LEU A CG  1 
ATOM   58   C  CD1 . LEU A 1 8   ? -7.856  -7.682  -1.724  1.00 21.52 ? 8   LEU A CD1 1 
ATOM   59   C  CD2 . LEU A 1 8   ? -8.412  -8.580  -4.029  1.00 23.11 ? 8   LEU A CD2 1 
ATOM   60   N  N   . GLY A 1 9   ? -8.663  -13.461 -1.514  1.00 22.80 ? 9   GLY A N   1 
ATOM   61   C  CA  . GLY A 1 9   ? -7.931  -14.701 -1.354  1.00 23.36 ? 9   GLY A CA  1 
ATOM   62   C  C   . GLY A 1 9   ? -7.241  -14.814 -0.018  1.00 23.39 ? 9   GLY A C   1 
ATOM   63   O  O   . GLY A 1 9   ? -6.426  -15.734 0.193   1.00 24.77 ? 9   GLY A O   1 
ATOM   64   N  N   . GLY A 1 10  ? -7.533  -13.899 0.904   1.00 23.21 ? 10  GLY A N   1 
ATOM   65   C  CA  . GLY A 1 10  ? -7.023  -14.023 2.260   1.00 23.50 ? 10  GLY A CA  1 
ATOM   66   C  C   . GLY A 1 10  ? -5.507  -13.891 2.339   1.00 24.52 ? 10  GLY A C   1 
ATOM   67   O  O   . GLY A 1 10  ? -4.907  -13.270 1.450   1.00 23.86 ? 10  GLY A O   1 
ATOM   68   N  N   . THR A 1 11  ? -4.904  -14.475 3.381   1.00 24.86 ? 11  THR A N   1 
ATOM   69   C  CA  . THR A 1 11  ? -3.468  -14.351 3.657   1.00 27.44 ? 11  THR A CA  1 
ATOM   70   C  C   . THR A 1 11  ? -2.582  -14.550 2.450   1.00 27.15 ? 11  THR A C   1 
ATOM   71   O  O   . THR A 1 11  ? -1.711  -13.721 2.206   1.00 26.96 ? 11  THR A O   1 
ATOM   72   C  CB  . THR A 1 11  ? -2.994  -15.361 4.727   1.00 28.71 ? 11  THR A CB  1 
ATOM   73   O  OG1 . THR A 1 11  ? -3.783  -15.181 5.880   1.00 32.90 ? 11  THR A OG1 1 
ATOM   74   C  CG2 . THR A 1 11  ? -1.640  -14.968 5.265   1.00 29.32 ? 11  THR A CG2 1 
ATOM   75   N  N   . THR A 1 12  ? -2.775  -15.662 1.732   1.00 27.25 ? 12  THR A N   1 
ATOM   76   C  CA  . THR A 1 12  ? -1.842  -16.009 0.654   1.00 27.44 ? 12  THR A CA  1 
ATOM   77   C  C   . THR A 1 12  ? -1.906  -15.036 -0.507  1.00 26.75 ? 12  THR A C   1 
ATOM   78   O  O   . THR A 1 12  ? -0.880  -14.714 -1.059  1.00 26.84 ? 12  THR A O   1 
ATOM   79   C  CB  . THR A 1 12  ? -1.994  -17.453 0.197   1.00 28.35 ? 12  THR A CB  1 
ATOM   80   O  OG1 . THR A 1 12  ? -3.263  -17.575 -0.406  1.00 31.88 ? 12  THR A OG1 1 
ATOM   81   C  CG2 . THR A 1 12  ? -2.134  -18.423 1.436   1.00 27.08 ? 12  THR A CG2 1 
ATOM   82   N  N   . ALA A 1 13  ? -3.094  -14.533 -0.839  1.00 26.41 ? 13  ALA A N   1 
ATOM   83   C  CA  . ALA A 1 13  ? -3.236  -13.471 -1.840  1.00 26.35 ? 13  ALA A CA  1 
ATOM   84   C  C   . ALA A 1 13  ? -2.581  -12.115 -1.434  1.00 26.00 ? 13  ALA A C   1 
ATOM   85   O  O   . ALA A 1 13  ? -1.878  -11.516 -2.234  1.00 25.96 ? 13  ALA A O   1 
ATOM   86   C  CB  . ALA A 1 13  ? -4.735  -13.272 -2.238  1.00 26.25 ? 13  ALA A CB  1 
ATOM   87   N  N   . VAL A 1 14  ? -2.863  -11.638 -0.221  1.00 26.42 ? 14  VAL A N   1 
ATOM   88   C  CA  . VAL A 1 14  ? -2.234  -10.438 0.325   1.00 26.45 ? 14  VAL A CA  1 
ATOM   89   C  C   . VAL A 1 14  ? -0.720  -10.605 0.436   1.00 26.06 ? 14  VAL A C   1 
ATOM   90   O  O   . VAL A 1 14  ? 0.001   -9.686  0.104   1.00 26.34 ? 14  VAL A O   1 
ATOM   91   C  CB  . VAL A 1 14  ? -2.820  -10.021 1.714   1.00 26.36 ? 14  VAL A CB  1 
ATOM   92   C  CG1 . VAL A 1 14  ? -1.954  -8.931  2.413   1.00 25.33 ? 14  VAL A CG1 1 
ATOM   93   C  CG2 . VAL A 1 14  ? -4.234  -9.566  1.578   1.00 26.70 ? 14  VAL A CG2 1 
ATOM   94   N  N   . ASP A 1 15  ? -0.236  -11.752 0.918   1.00 26.68 ? 15  ASP A N   1 
ATOM   95   C  CA  . ASP A 1 15  ? 1.228   -12.045 0.963   1.00 27.02 ? 15  ASP A CA  1 
ATOM   96   C  C   . ASP A 1 15  ? 1.868   -11.894 -0.402  1.00 26.22 ? 15  ASP A C   1 
ATOM   97   O  O   . ASP A 1 15  ? 2.897   -11.195 -0.522  1.00 25.71 ? 15  ASP A O   1 
ATOM   98   C  CB  . ASP A 1 15  ? 1.501   -13.478 1.519   1.00 29.42 ? 15  ASP A CB  1 
ATOM   99   C  CG  . ASP A 1 15  ? 3.029   -13.870 1.535   1.00 33.88 ? 15  ASP A CG  1 
ATOM   100  O  OD1 . ASP A 1 15  ? 3.717   -13.547 2.543   1.00 37.91 ? 15  ASP A OD1 1 
ATOM   101  O  OD2 . ASP A 1 15  ? 3.628   -14.513 0.615   1.00 37.04 ? 15  ASP A OD2 1 
ATOM   102  N  N   . LEU A 1 16  ? 1.292   -12.560 -1.418  1.00 25.14 ? 16  LEU A N   1 
ATOM   103  C  CA  . LEU A 1 16  ? 1.805   -12.533 -2.796  1.00 25.19 ? 16  LEU A CA  1 
ATOM   104  C  C   . LEU A 1 16  ? 1.693   -11.102 -3.353  1.00 24.15 ? 16  LEU A C   1 
ATOM   105  O  O   . LEU A 1 16  ? 2.622   -10.622 -3.978  1.00 23.55 ? 16  LEU A O   1 
ATOM   106  C  CB  . LEU A 1 16  ? 1.005   -13.456 -3.726  1.00 26.37 ? 16  LEU A CB  1 
ATOM   107  C  CG  . LEU A 1 16  ? 1.542   -14.137 -5.008  1.00 30.97 ? 16  LEU A CG  1 
ATOM   108  C  CD1 . LEU A 1 16  ? 0.538   -14.168 -6.258  1.00 32.51 ? 16  LEU A CD1 1 
ATOM   109  C  CD2 . LEU A 1 16  ? 2.950   -13.791 -5.448  1.00 32.69 ? 16  LEU A CD2 1 
ATOM   110  N  N   . ALA A 1 17  ? 0.549   -10.444 -3.156  1.00 22.16 ? 17  ALA A N   1 
ATOM   111  C  CA  . ALA A 1 17  ? 0.377   -9.080  -3.689  1.00 21.62 ? 17  ALA A CA  1 
ATOM   112  C  C   . ALA A 1 17  ? 1.432   -8.109  -3.161  1.00 19.83 ? 17  ALA A C   1 
ATOM   113  O  O   . ALA A 1 17  ? 1.968   -7.302  -3.902  1.00 21.33 ? 17  ALA A O   1 
ATOM   114  C  CB  . ALA A 1 17  ? -1.059  -8.525  -3.378  1.00 21.22 ? 17  ALA A CB  1 
ATOM   115  N  N   . VAL A 1 18  ? 1.681   -8.155  -1.874  1.00 19.91 ? 18  VAL A N   1 
ATOM   116  C  CA  . VAL A 1 18  ? 2.663   -7.261  -1.220  1.00 19.86 ? 18  VAL A CA  1 
ATOM   117  C  C   . VAL A 1 18  ? 4.085   -7.550  -1.733  1.00 20.11 ? 18  VAL A C   1 
ATOM   118  O  O   . VAL A 1 18  ? 4.824   -6.642  -2.068  1.00 20.32 ? 18  VAL A O   1 
ATOM   119  C  CB  . VAL A 1 18  ? 2.595   -7.360  0.333   1.00 18.59 ? 18  VAL A CB  1 
ATOM   120  C  CG1 . VAL A 1 18  ? 3.829   -6.687  0.992   1.00 18.89 ? 18  VAL A CG1 1 
ATOM   121  C  CG2 . VAL A 1 18  ? 1.350   -6.617  0.835   1.00 19.86 ? 18  VAL A CG2 1 
ATOM   122  N  N   . ASP A 1 19  ? 4.449   -8.825  -1.815  1.00 20.80 ? 19  ASP A N   1 
ATOM   123  C  CA  . ASP A 1 19  ? 5.743   -9.192  -2.400  1.00 21.18 ? 19  ASP A CA  1 
ATOM   124  C  C   . ASP A 1 19  ? 5.912   -8.650  -3.763  1.00 20.91 ? 19  ASP A C   1 
ATOM   125  O  O   . ASP A 1 19  ? 6.932   -8.000  -4.022  1.00 21.16 ? 19  ASP A O   1 
ATOM   126  C  CB  . ASP A 1 19  ? 5.973   -10.702 -2.413  1.00 21.28 ? 19  ASP A CB  1 
ATOM   127  C  CG  . ASP A 1 19  ? 6.220   -11.243 -1.034  1.00 23.61 ? 19  ASP A CG  1 
ATOM   128  O  OD1 . ASP A 1 19  ? 6.407   -10.481 -0.085  1.00 26.32 ? 19  ASP A OD1 1 
ATOM   129  O  OD2 . ASP A 1 19  ? 6.217   -12.442 -0.773  1.00 29.20 ? 19  ASP A OD2 1 
ATOM   130  N  N   . LYS A 1 20  ? 4.928   -8.898  -4.635  1.00 20.70 ? 20  LYS A N   1 
ATOM   131  C  CA  . LYS A 1 20  ? 4.960   -8.427  -6.015  1.00 20.97 ? 20  LYS A CA  1 
ATOM   132  C  C   . LYS A 1 20  ? 4.918   -6.904  -6.148  1.00 19.64 ? 20  LYS A C   1 
ATOM   133  O  O   . LYS A 1 20  ? 5.577   -6.321  -7.019  1.00 18.90 ? 20  LYS A O   1 
ATOM   134  C  CB  . LYS A 1 20  ? 3.816   -9.036  -6.857  1.00 22.83 ? 20  LYS A CB  1 
ATOM   135  C  CG  . LYS A 1 20  ? 3.837   -10.589 -7.023  1.00 25.89 ? 20  LYS A CG  1 
ATOM   136  C  CD  . LYS A 1 20  ? 5.274   -11.092 -7.123  1.00 35.38 ? 20  LYS A CD  1 
ATOM   137  C  CE  . LYS A 1 20  ? 5.585   -12.297 -6.133  1.00 41.01 ? 20  LYS A CE  1 
ATOM   138  N  NZ  . LYS A 1 20  ? 7.056   -12.468 -5.730  1.00 44.38 ? 20  LYS A NZ  1 
ATOM   139  N  N   . PHE A 1 21  ? 4.085   -6.278  -5.325  1.00 19.10 ? 21  PHE A N   1 
ATOM   140  C  CA  . PHE A 1 21  ? 3.972   -4.818  -5.256  1.00 17.67 ? 21  PHE A CA  1 
ATOM   141  C  C   . PHE A 1 21  ? 5.379   -4.202  -4.991  1.00 17.25 ? 21  PHE A C   1 
ATOM   142  O  O   . PHE A 1 21  ? 5.790   -3.295  -5.695  1.00 17.21 ? 21  PHE A O   1 
ATOM   143  C  CB  . PHE A 1 21  ? 2.930   -4.455  -4.179  1.00 17.41 ? 21  PHE A CB  1 
ATOM   144  C  CG  . PHE A 1 21  ? 2.922   -2.989  -3.775  1.00 18.52 ? 21  PHE A CG  1 
ATOM   145  C  CD1 . PHE A 1 21  ? 2.533   -1.997  -4.690  1.00 17.39 ? 21  PHE A CD1 1 
ATOM   146  C  CD2 . PHE A 1 21  ? 3.307   -2.605  -2.480  1.00 17.83 ? 21  PHE A CD2 1 
ATOM   147  C  CE1 . PHE A 1 21  ? 2.529   -0.633  -4.337  1.00 18.20 ? 21  PHE A CE1 1 
ATOM   148  C  CE2 . PHE A 1 21  ? 3.308   -1.231  -2.097  1.00 17.41 ? 21  PHE A CE2 1 
ATOM   149  C  CZ  . PHE A 1 21  ? 2.914   -0.250  -3.045  1.00 17.91 ? 21  PHE A CZ  1 
ATOM   150  N  N   . TYR A 1 22  ? 6.115   -4.698  -3.984  1.00 16.94 ? 22  TYR A N   1 
ATOM   151  C  CA  . TYR A 1 22  ? 7.404   -4.093  -3.649  1.00 17.49 ? 22  TYR A CA  1 
ATOM   152  C  C   . TYR A 1 22  ? 8.450   -4.374  -4.736  1.00 18.54 ? 22  TYR A C   1 
ATOM   153  O  O   . TYR A 1 22  ? 9.296   -3.526  -5.006  1.00 19.42 ? 22  TYR A O   1 
ATOM   154  C  CB  . TYR A 1 22  ? 7.875   -4.430  -2.224  1.00 17.06 ? 22  TYR A CB  1 
ATOM   155  C  CG  . TYR A 1 22  ? 7.111   -3.575  -1.193  1.00 17.17 ? 22  TYR A CG  1 
ATOM   156  C  CD1 . TYR A 1 22  ? 7.176   -2.177  -1.251  1.00 16.94 ? 22  TYR A CD1 1 
ATOM   157  C  CD2 . TYR A 1 22  ? 6.274   -4.170  -0.205  1.00 18.06 ? 22  TYR A CD2 1 
ATOM   158  C  CE1 . TYR A 1 22  ? 6.472   -1.362  -0.374  1.00 17.07 ? 22  TYR A CE1 1 
ATOM   159  C  CE2 . TYR A 1 22  ? 5.552   -3.364  0.681   1.00 17.10 ? 22  TYR A CE2 1 
ATOM   160  C  CZ  . TYR A 1 22  ? 5.654   -1.954  0.584   1.00 17.72 ? 22  TYR A CZ  1 
ATOM   161  O  OH  . TYR A 1 22  ? 4.938   -1.136  1.449   1.00 17.83 ? 22  TYR A OH  1 
ATOM   162  N  N   . GLU A 1 23  ? 8.334   -5.515  -5.426  1.00 19.10 ? 23  GLU A N   1 
ATOM   163  C  CA  . GLU A 1 23  ? 9.179   -5.772  -6.610  1.00 20.17 ? 23  GLU A CA  1 
ATOM   164  C  C   . GLU A 1 23  ? 8.957   -4.716  -7.696  1.00 19.96 ? 23  GLU A C   1 
ATOM   165  O  O   . GLU A 1 23  ? 9.920   -4.188  -8.283  1.00 19.88 ? 23  GLU A O   1 
ATOM   166  C  CB  . GLU A 1 23  ? 8.971   -7.201  -7.169  1.00 20.45 ? 23  GLU A CB  1 
ATOM   167  C  CG  . GLU A 1 23  ? 9.544   -8.261  -6.266  1.00 24.99 ? 23  GLU A CG  1 
ATOM   168  C  CD  . GLU A 1 23  ? 9.192   -9.678  -6.703  1.00 32.85 ? 23  GLU A CD  1 
ATOM   169  O  OE1 . GLU A 1 23  ? 8.938   -9.859  -7.929  1.00 33.10 ? 23  GLU A OE1 1 
ATOM   170  O  OE2 . GLU A 1 23  ? 9.159   -10.599 -5.799  1.00 35.57 ? 23  GLU A OE2 1 
ATOM   171  N  N   . ARG A 1 24  ? 7.693   -4.414  -7.968  1.00 19.52 ? 24  ARG A N   1 
ATOM   172  C  CA  . ARG A 1 24  ? 7.334   -3.357  -8.879  1.00 20.02 ? 24  ARG A CA  1 
ATOM   173  C  C   . ARG A 1 24  ? 7.802   -1.979  -8.373  1.00 20.06 ? 24  ARG A C   1 
ATOM   174  O  O   . ARG A 1 24  ? 8.399   -1.243  -9.148  1.00 20.76 ? 24  ARG A O   1 
ATOM   175  C  CB  . ARG A 1 24  ? 5.837   -3.361  -9.137  1.00 21.27 ? 24  ARG A CB  1 
ATOM   176  C  CG  . ARG A 1 24  ? 5.354   -2.321  -10.154 1.00 24.18 ? 24  ARG A CG  1 
ATOM   177  C  CD  . ARG A 1 24  ? 3.836   -2.433  -10.464 1.00 27.14 ? 24  ARG A CD  1 
ATOM   178  N  NE  . ARG A 1 24  ? 3.448   -3.782  -10.863 1.00 28.89 ? 24  ARG A NE  1 
ATOM   179  C  CZ  . ARG A 1 24  ? 3.204   -4.171  -12.124 1.00 30.83 ? 24  ARG A CZ  1 
ATOM   180  N  NH1 . ARG A 1 24  ? 3.301   -3.316  -13.136 1.00 29.75 ? 24  ARG A NH1 1 
ATOM   181  N  NH2 . ARG A 1 24  ? 2.847   -5.420  -12.371 1.00 32.45 ? 24  ARG A NH2 1 
ATOM   182  N  N   . VAL A 1 25  ? 7.507   -1.627  -7.109  1.00 18.18 ? 25  VAL A N   1 
ATOM   183  C  CA  . VAL A 1 25  ? 7.895   -0.311  -6.541  1.00 18.04 ? 25  VAL A CA  1 
ATOM   184  C  C   . VAL A 1 25  ? 9.447   -0.076  -6.660  1.00 17.63 ? 25  VAL A C   1 
ATOM   185  O  O   . VAL A 1 25  ? 9.931   1.034   -6.928  1.00 18.44 ? 25  VAL A O   1 
ATOM   186  C  CB  . VAL A 1 25  ? 7.474   -0.255  -5.047  1.00 16.63 ? 25  VAL A CB  1 
ATOM   187  C  CG1 . VAL A 1 25  ? 8.169   0.870   -4.304  1.00 17.16 ? 25  VAL A CG1 1 
ATOM   188  C  CG2 . VAL A 1 25  ? 5.932   -0.129  -4.893  1.00 15.29 ? 25  VAL A CG2 1 
ATOM   189  N  N   . LEU A 1 26  ? 10.229  -1.128  -6.429  1.00 18.97 ? 26  LEU A N   1 
ATOM   190  C  CA  . LEU A 1 26  ? 11.699  -0.972  -6.344  1.00 19.07 ? 26  LEU A CA  1 
ATOM   191  C  C   . LEU A 1 26  ? 12.296  -0.814  -7.746  1.00 19.19 ? 26  LEU A C   1 
ATOM   192  O  O   . LEU A 1 26  ? 13.451  -0.365  -7.887  1.00 19.79 ? 26  LEU A O   1 
ATOM   193  C  CB  . LEU A 1 26  ? 12.326  -2.140  -5.560  1.00 21.32 ? 26  LEU A CB  1 
ATOM   194  C  CG  . LEU A 1 26  ? 12.755  -2.088  -4.065  1.00 24.22 ? 26  LEU A CG  1 
ATOM   195  C  CD1 . LEU A 1 26  ? 12.267  -0.891  -3.176  1.00 24.78 ? 26  LEU A CD1 1 
ATOM   196  C  CD2 . LEU A 1 26  ? 12.636  -3.491  -3.348  1.00 23.46 ? 26  LEU A CD2 1 
ATOM   197  N  N   . GLN A 1 27  ? 11.507  -1.148  -8.776  1.00 18.21 ? 27  GLN A N   1 
ATOM   198  C  CA  . GLN A 1 27  ? 11.895  -0.847  -10.153 1.00 19.44 ? 27  GLN A CA  1 
ATOM   199  C  C   . GLN A 1 27  ? 11.253  0.392   -10.737 1.00 19.73 ? 27  GLN A C   1 
ATOM   200  O  O   . GLN A 1 27  ? 11.426  0.682   -11.929 1.00 20.19 ? 27  GLN A O   1 
ATOM   201  C  CB  . GLN A 1 27  ? 11.645  -2.049  -11.118 1.00 20.37 ? 27  GLN A CB  1 
ATOM   202  C  CG  . GLN A 1 27  ? 12.445  -3.323  -10.747 1.00 21.40 ? 27  GLN A CG  1 
ATOM   203  C  CD  . GLN A 1 27  ? 13.931  -3.045  -10.420 1.00 22.78 ? 27  GLN A CD  1 
ATOM   204  O  OE1 . GLN A 1 27  ? 14.601  -2.305  -11.138 1.00 24.47 ? 27  GLN A OE1 1 
ATOM   205  N  NE2 . GLN A 1 27  ? 14.414  -3.606  -9.338  1.00 21.33 ? 27  GLN A NE2 1 
ATOM   206  N  N   . ASP A 1 28  ? 10.478  1.094   -9.939  1.00 19.22 ? 28  ASP A N   1 
ATOM   207  C  CA  . ASP A 1 28  ? 9.704   2.249   -10.387 1.00 19.21 ? 28  ASP A CA  1 
ATOM   208  C  C   . ASP A 1 28  ? 10.553  3.504   -10.109 1.00 19.33 ? 28  ASP A C   1 
ATOM   209  O  O   . ASP A 1 28  ? 10.678  3.950   -8.979  1.00 18.76 ? 28  ASP A O   1 
ATOM   210  C  CB  . ASP A 1 28  ? 8.346   2.280   -9.642  1.00 17.46 ? 28  ASP A CB  1 
ATOM   211  C  CG  . ASP A 1 28  ? 7.409   3.388   -10.129 1.00 18.52 ? 28  ASP A CG  1 
ATOM   212  O  OD1 . ASP A 1 28  ? 7.876   4.381   -10.756 1.00 18.41 ? 28  ASP A OD1 1 
ATOM   213  O  OD2 . ASP A 1 28  ? 6.166   3.355   -9.899  1.00 18.36 ? 28  ASP A OD2 1 
ATOM   214  N  N   . ASP A 1 29  ? 11.133  4.059   -11.161 1.00 20.78 ? 29  ASP A N   1 
ATOM   215  C  CA  . ASP A 1 29  ? 11.993  5.253   -11.040 1.00 21.96 ? 29  ASP A CA  1 
ATOM   216  C  C   . ASP A 1 29  ? 11.356  6.495   -10.395 1.00 21.87 ? 29  ASP A C   1 
ATOM   217  O  O   . ASP A 1 29  ? 12.067  7.360   -9.868  1.00 21.55 ? 29  ASP A O   1 
ATOM   218  C  CB  . ASP A 1 29  ? 12.526  5.612   -12.410 1.00 23.08 ? 29  ASP A CB  1 
ATOM   219  C  CG  . ASP A 1 29  ? 13.618  4.684   -12.861 1.00 25.57 ? 29  ASP A CG  1 
ATOM   220  O  OD1 . ASP A 1 29  ? 14.016  3.702   -12.168 1.00 24.24 ? 29  ASP A OD1 1 
ATOM   221  O  OD2 . ASP A 1 29  ? 14.128  4.866   -13.959 1.00 30.14 ? 29  ASP A OD2 1 
ATOM   222  N  N   . ARG A 1 30  ? 10.018  6.548   -10.388 1.00 21.91 ? 30  ARG A N   1 
ATOM   223  C  CA  . ARG A 1 30  ? 9.298   7.656   -9.741  1.00 20.60 ? 30  ARG A CA  1 
ATOM   224  C  C   . ARG A 1 30  ? 9.437   7.612   -8.222  1.00 19.50 ? 30  ARG A C   1 
ATOM   225  O  O   . ARG A 1 30  ? 9.407   8.628   -7.572  1.00 20.66 ? 30  ARG A O   1 
ATOM   226  C  CB  . ARG A 1 30  ? 7.826   7.652   -10.142 1.00 20.11 ? 30  ARG A CB  1 
ATOM   227  C  CG  . ARG A 1 30  ? 7.589   7.683   -11.675 1.00 20.95 ? 30  ARG A CG  1 
ATOM   228  C  CD  . ARG A 1 30  ? 6.122   7.426   -12.061 1.00 21.79 ? 30  ARG A CD  1 
ATOM   229  N  NE  . ARG A 1 30  ? 5.689   6.069   -11.724 1.00 22.30 ? 30  ARG A NE  1 
ATOM   230  C  CZ  . ARG A 1 30  ? 4.444   5.584   -11.930 1.00 23.48 ? 30  ARG A CZ  1 
ATOM   231  N  NH1 . ARG A 1 30  ? 3.509   6.353   -12.481 1.00 22.91 ? 30  ARG A NH1 1 
ATOM   232  N  NH2 . ARG A 1 30  ? 4.120   4.357   -11.530 1.00 19.88 ? 30  ARG A NH2 1 
ATOM   233  N  N   . ILE A 1 31  ? 9.599   6.424   -7.654  1.00 19.04 ? 31  ILE A N   1 
ATOM   234  C  CA  . ILE A 1 31  ? 9.474   6.258   -6.201  1.00 17.40 ? 31  ILE A CA  1 
ATOM   235  C  C   . ILE A 1 31  ? 10.465  5.328   -5.489  1.00 17.33 ? 31  ILE A C   1 
ATOM   236  O  O   . ILE A 1 31  ? 10.453  5.221   -4.238  1.00 15.93 ? 31  ILE A O   1 
ATOM   237  C  CB  . ILE A 1 31  ? 8.034   5.816   -5.867  1.00 17.66 ? 31  ILE A CB  1 
ATOM   238  C  CG1 . ILE A 1 31  ? 7.654   4.504   -6.586  1.00 14.74 ? 31  ILE A CG1 1 
ATOM   239  C  CG2 . ILE A 1 31  ? 6.981   7.007   -6.083  1.00 15.47 ? 31  ILE A CG2 1 
ATOM   240  C  CD1 . ILE A 1 31  ? 6.235   3.941   -6.123  1.00 17.30 ? 31  ILE A CD1 1 
ATOM   241  N  N   . LYS A 1 32  ? 11.274  4.597   -6.242  1.00 17.33 ? 32  LYS A N   1 
ATOM   242  C  CA  . LYS A 1 32  ? 12.068  3.511   -5.601  1.00 17.67 ? 32  LYS A CA  1 
ATOM   243  C  C   . LYS A 1 32  ? 13.030  4.035   -4.511  1.00 17.69 ? 32  LYS A C   1 
ATOM   244  O  O   . LYS A 1 32  ? 13.316  3.333   -3.545  1.00 17.73 ? 32  LYS A O   1 
ATOM   245  C  CB  . LYS A 1 32  ? 12.870  2.710   -6.659  1.00 17.52 ? 32  LYS A CB  1 
ATOM   246  C  CG  . LYS A 1 32  ? 13.984  3.508   -7.410  1.00 17.69 ? 32  LYS A CG  1 
ATOM   247  C  CD  . LYS A 1 32  ? 14.430  2.793   -8.748  1.00 19.46 ? 32  LYS A CD  1 
ATOM   248  C  CE  . LYS A 1 32  ? 15.660  3.483   -9.379  1.00 17.68 ? 32  LYS A CE  1 
ATOM   249  N  NZ  . LYS A 1 32  ? 16.037  2.790   -10.696 1.00 19.88 ? 32  LYS A NZ  1 
ATOM   250  N  N   . HIS A 1 33  ? 13.520  5.270   -4.697  1.00 18.81 ? 33  HIS A N   1 
ATOM   251  C  CA  . HIS A 1 33  ? 14.533  5.875   -3.818  1.00 18.88 ? 33  HIS A CA  1 
ATOM   252  C  C   . HIS A 1 33  ? 13.970  6.205   -2.454  1.00 18.23 ? 33  HIS A C   1 
ATOM   253  O  O   . HIS A 1 33  ? 14.733  6.303   -1.474  1.00 19.09 ? 33  HIS A O   1 
ATOM   254  C  CB  . HIS A 1 33  ? 15.134  7.137   -4.483  1.00 19.44 ? 33  HIS A CB  1 
ATOM   255  C  CG  . HIS A 1 33  ? 14.091  8.098   -4.947  1.00 19.91 ? 33  HIS A CG  1 
ATOM   256  N  ND1 . HIS A 1 33  ? 13.331  7.889   -6.084  1.00 21.95 ? 33  HIS A ND1 1 
ATOM   257  C  CD2 . HIS A 1 33  ? 13.612  9.227   -4.377  1.00 21.75 ? 33  HIS A CD2 1 
ATOM   258  C  CE1 . HIS A 1 33  ? 12.461  8.871   -6.213  1.00 22.03 ? 33  HIS A CE1 1 
ATOM   259  N  NE2 . HIS A 1 33  ? 12.612  9.701   -5.195  1.00 22.26 ? 33  HIS A NE2 1 
ATOM   260  N  N   . PHE A 1 34  ? 12.648  6.328   -2.346  1.00 17.43 ? 34  PHE A N   1 
ATOM   261  C  CA  . PHE A 1 34  ? 12.017  6.454   -1.007  1.00 16.94 ? 34  PHE A CA  1 
ATOM   262  C  C   . PHE A 1 34  ? 12.327  5.280   -0.074  1.00 17.02 ? 34  PHE A C   1 
ATOM   263  O  O   . PHE A 1 34  ? 12.287  5.408   1.166   1.00 15.64 ? 34  PHE A O   1 
ATOM   264  C  CB  . PHE A 1 34  ? 10.495  6.690   -1.115  1.00 16.73 ? 34  PHE A CB  1 
ATOM   265  C  CG  . PHE A 1 34  ? 10.172  8.072   -1.555  1.00 17.91 ? 34  PHE A CG  1 
ATOM   266  C  CD1 . PHE A 1 34  ? 10.324  9.145   -0.661  1.00 16.62 ? 34  PHE A CD1 1 
ATOM   267  C  CD2 . PHE A 1 34  ? 9.810   8.335   -2.859  1.00 18.20 ? 34  PHE A CD2 1 
ATOM   268  C  CE1 . PHE A 1 34  ? 10.100  10.487  -1.077  1.00 15.07 ? 34  PHE A CE1 1 
ATOM   269  C  CE2 . PHE A 1 34  ? 9.576   9.675   -3.287  1.00 17.71 ? 34  PHE A CE2 1 
ATOM   270  C  CZ  . PHE A 1 34  ? 9.681   10.730  -2.374  1.00 18.13 ? 34  PHE A CZ  1 
ATOM   271  N  N   . PHE A 1 35  ? 12.613  4.129   -0.680  1.00 16.67 ? 35  PHE A N   1 
ATOM   272  C  CA  . PHE A 1 35  ? 12.883  2.892   0.062   1.00 15.90 ? 35  PHE A CA  1 
ATOM   273  C  C   . PHE A 1 35  ? 14.349  2.596   0.261   1.00 16.01 ? 35  PHE A C   1 
ATOM   274  O  O   . PHE A 1 35  ? 14.676  1.553   0.773   1.00 14.83 ? 35  PHE A O   1 
ATOM   275  C  CB  . PHE A 1 35  ? 12.164  1.723   -0.601  1.00 15.35 ? 35  PHE A CB  1 
ATOM   276  C  CG  . PHE A 1 35  ? 10.655  1.870   -0.512  1.00 17.13 ? 35  PHE A CG  1 
ATOM   277  C  CD1 . PHE A 1 35  ? 9.946   2.653   -1.474  1.00 16.78 ? 35  PHE A CD1 1 
ATOM   278  C  CD2 . PHE A 1 35  ? 9.958   1.326   0.581   1.00 17.69 ? 35  PHE A CD2 1 
ATOM   279  C  CE1 . PHE A 1 35  ? 8.498   2.861   -1.341  1.00 16.66 ? 35  PHE A CE1 1 
ATOM   280  C  CE2 . PHE A 1 35  ? 8.484   1.523   0.728   1.00 14.94 ? 35  PHE A CE2 1 
ATOM   281  C  CZ  . PHE A 1 35  ? 7.788   2.265   -0.247  1.00 13.93 ? 35  PHE A CZ  1 
ATOM   282  N  N   . ALA A 1 36  ? 15.231  3.526   -0.112  1.00 18.69 ? 36  ALA A N   1 
ATOM   283  C  CA  . ALA A 1 36  ? 16.686  3.260   -0.135  1.00 19.91 ? 36  ALA A CA  1 
ATOM   284  C  C   . ALA A 1 36  ? 17.209  2.886   1.256   1.00 21.30 ? 36  ALA A C   1 
ATOM   285  O  O   . ALA A 1 36  ? 18.074  2.030   1.391   1.00 22.50 ? 36  ALA A O   1 
ATOM   286  C  CB  . ALA A 1 36  ? 17.444  4.465   -0.697  1.00 19.16 ? 36  ALA A CB  1 
ATOM   287  N  N   . ASP A 1 37  ? 16.682  3.490   2.317   1.00 21.58 ? 37  ASP A N   1 
ATOM   288  C  CA  . ASP A 1 37  ? 17.203  3.155   3.620   1.00 23.48 ? 37  ASP A CA  1 
ATOM   289  C  C   . ASP A 1 37  ? 16.217  2.372   4.445   1.00 22.48 ? 37  ASP A C   1 
ATOM   290  O  O   . ASP A 1 37  ? 16.371  2.302   5.664   1.00 23.22 ? 37  ASP A O   1 
ATOM   291  C  CB  . ASP A 1 37  ? 17.711  4.426   4.332   1.00 25.94 ? 37  ASP A CB  1 
ATOM   292  C  CG  . ASP A 1 37  ? 18.872  5.112   3.518   1.00 32.74 ? 37  ASP A CG  1 
ATOM   293  O  OD1 . ASP A 1 37  ? 19.922  4.434   3.289   1.00 36.96 ? 37  ASP A OD1 1 
ATOM   294  O  OD2 . ASP A 1 37  ? 18.809  6.278   2.996   1.00 37.68 ? 37  ASP A OD2 1 
ATOM   295  N  N   . VAL A 1 38  ? 15.235  1.764   3.784   1.00 19.78 ? 38  VAL A N   1 
ATOM   296  C  CA  . VAL A 1 38  ? 14.184  1.035   4.465   1.00 18.82 ? 38  VAL A CA  1 
ATOM   297  C  C   . VAL A 1 38  ? 14.486  -0.473  4.531   1.00 18.42 ? 38  VAL A C   1 
ATOM   298  O  O   . VAL A 1 38  ? 14.882  -1.086  3.542   1.00 17.61 ? 38  VAL A O   1 
ATOM   299  C  CB  . VAL A 1 38  ? 12.804  1.288   3.774   1.00 18.06 ? 38  VAL A CB  1 
ATOM   300  C  CG1 . VAL A 1 38  ? 11.732  0.365   4.365   1.00 17.82 ? 38  VAL A CG1 1 
ATOM   301  C  CG2 . VAL A 1 38  ? 12.420  2.788   3.896   1.00 17.84 ? 38  VAL A CG2 1 
ATOM   302  N  N   . ASP A 1 39  ? 14.320  -1.062  5.704   1.00 19.53 ? 39  ASP A N   1 
ATOM   303  C  CA  . ASP A 1 39  ? 14.411  -2.525  5.825   1.00 21.10 ? 39  ASP A CA  1 
ATOM   304  C  C   . ASP A 1 39  ? 13.159  -3.131  5.128   1.00 20.77 ? 39  ASP A C   1 
ATOM   305  O  O   . ASP A 1 39  ? 12.050  -2.998  5.601   1.00 20.61 ? 39  ASP A O   1 
ATOM   306  C  CB  . ASP A 1 39  ? 14.462  -2.849  7.301   1.00 21.50 ? 39  ASP A CB  1 
ATOM   307  C  CG  . ASP A 1 39  ? 14.593  -4.340  7.609   1.00 23.79 ? 39  ASP A CG  1 
ATOM   308  O  OD1 . ASP A 1 39  ? 14.226  -5.233  6.824   1.00 21.12 ? 39  ASP A OD1 1 
ATOM   309  O  OD2 . ASP A 1 39  ? 15.074  -4.688  8.698   1.00 27.76 ? 39  ASP A OD2 1 
ATOM   310  N  N   . MET A 1 40  ? 13.367  -3.773  3.987   1.00 20.83 ? 40  MET A N   1 
ATOM   311  C  CA  . MET A 1 40  ? 12.255  -4.247  3.146   1.00 21.40 ? 40  MET A CA  1 
ATOM   312  C  C   . MET A 1 40  ? 11.546  -5.481  3.715   1.00 22.26 ? 40  MET A C   1 
ATOM   313  O  O   . MET A 1 40  ? 10.343  -5.632  3.528   1.00 22.62 ? 40  MET A O   1 
ATOM   314  C  CB  . MET A 1 40  ? 12.719  -4.470  1.718   1.00 21.59 ? 40  MET A CB  1 
ATOM   315  C  CG  . MET A 1 40  ? 13.117  -3.195  1.001   1.00 20.87 ? 40  MET A CG  1 
ATOM   316  S  SD  . MET A 1 40  ? 11.896  -1.867  0.988   1.00 20.65 ? 40  MET A SD  1 
ATOM   317  C  CE  . MET A 1 40  ? 10.469  -2.647  0.065   1.00 21.83 ? 40  MET A CE  1 
ATOM   318  N  N   . ALA A 1 41  ? 12.282  -6.333  4.440   1.00 22.40 ? 41  ALA A N   1 
ATOM   319  C  CA  . ALA A 1 41  ? 11.667  -7.427  5.191   1.00 22.21 ? 41  ALA A CA  1 
ATOM   320  C  C   . ALA A 1 41  ? 10.653  -6.908  6.218   1.00 22.12 ? 41  ALA A C   1 
ATOM   321  O  O   . ALA A 1 41  ? 9.536   -7.419  6.269   1.00 22.45 ? 41  ALA A O   1 
ATOM   322  C  CB  . ALA A 1 41  ? 12.717  -8.339  5.845   1.00 20.96 ? 41  ALA A CB  1 
ATOM   323  N  N   . LYS A 1 42  ? 11.027  -5.908  7.001   1.00 21.38 ? 42  LYS A N   1 
ATOM   324  C  CA  . LYS A 1 42  ? 10.094  -5.291  7.947   1.00 22.30 ? 42  LYS A CA  1 
ATOM   325  C  C   . LYS A 1 42  ? 8.938   -4.615  7.215   1.00 21.16 ? 42  LYS A C   1 
ATOM   326  O  O   . LYS A 1 42  ? 7.794   -4.710  7.628   1.00 21.59 ? 42  LYS A O   1 
ATOM   327  C  CB  . LYS A 1 42  ? 10.772  -4.243  8.805   1.00 22.67 ? 42  LYS A CB  1 
ATOM   328  C  CG  . LYS A 1 42  ? 11.608  -4.756  9.963   1.00 29.65 ? 42  LYS A CG  1 
ATOM   329  C  CD  . LYS A 1 42  ? 12.307  -3.530  10.623  1.00 38.09 ? 42  LYS A CD  1 
ATOM   330  C  CE  . LYS A 1 42  ? 13.303  -3.915  11.741  1.00 44.32 ? 42  LYS A CE  1 
ATOM   331  N  NZ  . LYS A 1 42  ? 13.461  -5.404  11.884  1.00 47.15 ? 42  LYS A NZ  1 
ATOM   332  N  N   . GLN A 1 43  ? 9.257   -3.894  6.159   1.00 19.84 ? 43  GLN A N   1 
ATOM   333  C  CA  . GLN A 1 43  ? 8.247   -3.140  5.391   1.00 19.53 ? 43  GLN A CA  1 
ATOM   334  C  C   . GLN A 1 43  ? 7.218   -4.090  4.793   1.00 18.86 ? 43  GLN A C   1 
ATOM   335  O  O   . GLN A 1 43  ? 6.038   -3.804  4.852   1.00 18.73 ? 43  GLN A O   1 
ATOM   336  C  CB  . GLN A 1 43  ? 8.902   -2.305  4.283   1.00 19.46 ? 43  GLN A CB  1 
ATOM   337  C  CG  . GLN A 1 43  ? 7.933   -1.464  3.392   1.00 20.33 ? 43  GLN A CG  1 
ATOM   338  C  CD  . GLN A 1 43  ? 7.158   -0.383  4.200   1.00 22.47 ? 43  GLN A CD  1 
ATOM   339  O  OE1 . GLN A 1 43  ? 7.667   0.128   5.185   1.00 23.71 ? 43  GLN A OE1 1 
ATOM   340  N  NE2 . GLN A 1 43  ? 5.914   -0.069  3.785   1.00 23.47 ? 43  GLN A NE2 1 
ATOM   341  N  N   . ARG A 1 44  ? 7.690   -5.178  4.186   1.00 18.25 ? 44  ARG A N   1 
ATOM   342  C  CA  . ARG A 1 44  ? 6.822   -6.201  3.634   1.00 18.34 ? 44  ARG A CA  1 
ATOM   343  C  C   . ARG A 1 44  ? 5.884   -6.752  4.698   1.00 18.52 ? 44  ARG A C   1 
ATOM   344  O  O   . ARG A 1 44  ? 4.705   -6.880  4.415   1.00 17.01 ? 44  ARG A O   1 
ATOM   345  C  CB  . ARG A 1 44  ? 7.597   -7.333  2.941   1.00 18.69 ? 44  ARG A CB  1 
ATOM   346  C  CG  . ARG A 1 44  ? 7.993   -7.021  1.524   1.00 20.28 ? 44  ARG A CG  1 
ATOM   347  C  CD  . ARG A 1 44  ? 8.620   -8.227  0.758   1.00 25.69 ? 44  ARG A CD  1 
ATOM   348  N  NE  . ARG A 1 44  ? 9.893   -8.585  1.343   1.00 29.16 ? 44  ARG A NE  1 
ATOM   349  C  CZ  . ARG A 1 44  ? 11.099  -8.145  0.907   1.00 31.59 ? 44  ARG A CZ  1 
ATOM   350  N  NH1 . ARG A 1 44  ? 11.219  -7.368  -0.166  1.00 33.16 ? 44  ARG A NH1 1 
ATOM   351  N  NH2 . ARG A 1 44  ? 12.198  -8.481  1.556   1.00 32.32 ? 44  ARG A NH2 1 
ATOM   352  N  N   . ALA A 1 45  ? 6.401   -7.035  5.908   1.00 19.26 ? 45  ALA A N   1 
ATOM   353  C  CA  . ALA A 1 45  ? 5.585   -7.524  7.001   1.00 19.94 ? 45  ALA A CA  1 
ATOM   354  C  C   . ALA A 1 45  ? 4.553   -6.497  7.514   1.00 20.33 ? 45  ALA A C   1 
ATOM   355  O  O   . ALA A 1 45  ? 3.400   -6.868  7.861   1.00 19.40 ? 45  ALA A O   1 
ATOM   356  C  CB  . ALA A 1 45  ? 6.470   -7.973  8.179   1.00 20.56 ? 45  ALA A CB  1 
ATOM   357  N  N   . HIS A 1 46  ? 4.991   -5.244  7.658   1.00 18.38 ? 46  HIS A N   1 
ATOM   358  C  CA  . HIS A 1 46  ? 4.061   -4.167  8.019   1.00 18.68 ? 46  HIS A CA  1 
ATOM   359  C  C   . HIS A 1 46  ? 2.923   -4.019  6.990   1.00 17.62 ? 46  HIS A C   1 
ATOM   360  O  O   . HIS A 1 46  ? 1.767   -3.819  7.342   1.00 16.14 ? 46  HIS A O   1 
ATOM   361  C  CB  . HIS A 1 46  ? 4.792   -2.840  8.025   1.00 18.56 ? 46  HIS A CB  1 
ATOM   362  C  CG  . HIS A 1 46  ? 5.751   -2.687  9.159   1.00 22.73 ? 46  HIS A CG  1 
ATOM   363  N  ND1 . HIS A 1 46  ? 5.506   -3.210  10.409  1.00 27.16 ? 46  HIS A ND1 1 
ATOM   364  C  CD2 . HIS A 1 46  ? 6.922   -2.010  9.251   1.00 24.04 ? 46  HIS A CD2 1 
ATOM   365  C  CE1 . HIS A 1 46  ? 6.506   -2.890  11.216  1.00 28.77 ? 46  HIS A CE1 1 
ATOM   366  N  NE2 . HIS A 1 46  ? 7.373   -2.160  10.535  1.00 25.98 ? 46  HIS A NE2 1 
ATOM   367  N  N   . GLN A 1 47  ? 3.269   -4.050  5.709   1.00 16.17 ? 47  GLN A N   1 
ATOM   368  C  CA  . GLN A 1 47  ? 2.251   -3.827  4.653   1.00 16.66 ? 47  GLN A CA  1 
ATOM   369  C  C   . GLN A 1 47  ? 1.262   -5.004  4.559   1.00 17.06 ? 47  GLN A C   1 
ATOM   370  O  O   . GLN A 1 47  ? 0.055   -4.812  4.334   1.00 17.74 ? 47  GLN A O   1 
ATOM   371  C  CB  . GLN A 1 47  ? 2.906   -3.556  3.303   1.00 14.95 ? 47  GLN A CB  1 
ATOM   372  C  CG  . GLN A 1 47  ? 1.916   -3.070  2.159   1.00 15.99 ? 47  GLN A CG  1 
ATOM   373  C  CD  . GLN A 1 47  ? 1.482   -1.628  2.400   1.00 16.82 ? 47  GLN A CD  1 
ATOM   374  O  OE1 . GLN A 1 47  ? 2.117   -0.667  1.889   1.00 17.48 ? 47  GLN A OE1 1 
ATOM   375  N  NE2 . GLN A 1 47  ? 0.471   -1.454  3.206   1.00 14.83 ? 47  GLN A NE2 1 
ATOM   376  N  N   . LYS A 1 48  ? 1.754   -6.228  4.769   1.00 17.53 ? 48  LYS A N   1 
ATOM   377  C  CA  . LYS A 1 48  ? 0.852   -7.398  4.800   1.00 18.48 ? 48  LYS A CA  1 
ATOM   378  C  C   . LYS A 1 48  ? -0.143  -7.240  5.929   1.00 18.67 ? 48  LYS A C   1 
ATOM   379  O  O   . LYS A 1 48  ? -1.359  -7.421  5.742   1.00 19.14 ? 48  LYS A O   1 
ATOM   380  C  CB  . LYS A 1 48  ? 1.623   -8.695  4.949   1.00 18.42 ? 48  LYS A CB  1 
ATOM   381  C  CG  . LYS A 1 48  ? 2.282   -9.043  3.629   1.00 18.13 ? 48  LYS A CG  1 
ATOM   382  C  CD  . LYS A 1 48  ? 3.384   -10.078 3.789   1.00 20.02 ? 48  LYS A CD  1 
ATOM   383  C  CE  . LYS A 1 48  ? 4.298   -10.072 2.563   1.00 17.52 ? 48  LYS A CE  1 
ATOM   384  N  NZ  . LYS A 1 48  ? 5.272   -11.226 2.674   1.00 19.14 ? 48  LYS A NZ  1 
ATOM   385  N  N   . ALA A 1 49  ? 0.383   -6.911  7.107   1.00 18.26 ? 49  ALA A N   1 
ATOM   386  C  CA  . ALA A 1 49  ? -0.465  -6.627  8.277   1.00 16.97 ? 49  ALA A CA  1 
ATOM   387  C  C   . ALA A 1 49  ? -1.428  -5.422  8.067   1.00 17.40 ? 49  ALA A C   1 
ATOM   388  O  O   . ALA A 1 49  ? -2.619  -5.451  8.426   1.00 17.59 ? 49  ALA A O   1 
ATOM   389  C  CB  . ALA A 1 49  ? 0.425   -6.419  9.507   1.00 17.87 ? 49  ALA A CB  1 
ATOM   390  N  N   . PHE A 1 50  ? -0.925  -4.344  7.494   1.00 16.46 ? 50  PHE A N   1 
ATOM   391  C  CA  . PHE A 1 50  ? -1.754  -3.144  7.261   1.00 17.02 ? 50  PHE A CA  1 
ATOM   392  C  C   . PHE A 1 50  ? -2.868  -3.411  6.217   1.00 17.37 ? 50  PHE A C   1 
ATOM   393  O  O   . PHE A 1 50  ? -4.015  -3.005  6.388   1.00 17.83 ? 50  PHE A O   1 
ATOM   394  C  CB  . PHE A 1 50  ? -0.913  -1.901  6.839   1.00 16.86 ? 50  PHE A CB  1 
ATOM   395  C  CG  . PHE A 1 50  ? -1.762  -0.700  6.632   1.00 15.84 ? 50  PHE A CG  1 
ATOM   396  C  CD1 . PHE A 1 50  ? -2.144  0.063   7.732   1.00 17.20 ? 50  PHE A CD1 1 
ATOM   397  C  CD2 . PHE A 1 50  ? -2.337  -0.438  5.382   1.00 16.48 ? 50  PHE A CD2 1 
ATOM   398  C  CE1 . PHE A 1 50  ? -3.029  1.115   7.602   1.00 17.56 ? 50  PHE A CE1 1 
ATOM   399  C  CE2 . PHE A 1 50  ? -3.265  0.648   5.214   1.00 17.03 ? 50  PHE A CE2 1 
ATOM   400  C  CZ  . PHE A 1 50  ? -3.601  1.427   6.336   1.00 16.19 ? 50  PHE A CZ  1 
ATOM   401  N  N   . LEU A 1 51  ? -2.523  -4.055  5.119   1.00 17.67 ? 51  LEU A N   1 
ATOM   402  C  CA  . LEU A 1 51  ? -3.544  -4.301  4.102   1.00 18.18 ? 51  LEU A CA  1 
ATOM   403  C  C   . LEU A 1 51  ? -4.528  -5.337  4.575   1.00 18.45 ? 51  LEU A C   1 
ATOM   404  O  O   . LEU A 1 51  ? -5.703  -5.246  4.232   1.00 18.87 ? 51  LEU A O   1 
ATOM   405  C  CB  . LEU A 1 51  ? -2.936  -4.679  2.752   1.00 17.83 ? 51  LEU A CB  1 
ATOM   406  C  CG  . LEU A 1 51  ? -2.159  -3.569  2.020   1.00 18.42 ? 51  LEU A CG  1 
ATOM   407  C  CD1 . LEU A 1 51  ? -1.587  -4.141  0.746   1.00 18.09 ? 51  LEU A CD1 1 
ATOM   408  C  CD2 . LEU A 1 51  ? -3.031  -2.305  1.745   1.00 18.77 ? 51  LEU A CD2 1 
ATOM   409  N  N   . THR A 1 52  ? -4.073  -6.272  5.420   1.00 18.11 ? 52  THR A N   1 
ATOM   410  C  CA  . THR A 1 52  ? -5.010  -7.200  6.039   1.00 18.92 ? 52  THR A CA  1 
ATOM   411  C  C   . THR A 1 52  ? -6.064  -6.424  6.833   1.00 18.95 ? 52  THR A C   1 
ATOM   412  O  O   . THR A 1 52  ? -7.284  -6.654  6.673   1.00 20.43 ? 52  THR A O   1 
ATOM   413  C  CB  . THR A 1 52  ? -4.260  -8.185  6.952   1.00 18.75 ? 52  THR A CB  1 
ATOM   414  O  OG1 . THR A 1 52  ? -3.422  -9.001  6.142   1.00 19.16 ? 52  THR A OG1 1 
ATOM   415  C  CG2 . THR A 1 52  ? -5.280  -9.183  7.646   1.00 19.32 ? 52  THR A CG2 1 
ATOM   416  N  N   . TYR A 1 53  ? -5.613  -5.482  7.658   1.00 18.60 ? 53  TYR A N   1 
ATOM   417  C  CA  . TYR A 1 53  ? -6.504  -4.555  8.340   1.00 19.72 ? 53  TYR A CA  1 
ATOM   418  C  C   . TYR A 1 53  ? -7.365  -3.680  7.391   1.00 18.93 ? 53  TYR A C   1 
ATOM   419  O  O   . TYR A 1 53  ? -8.592  -3.627  7.517   1.00 17.98 ? 53  TYR A O   1 
ATOM   420  C  CB  . TYR A 1 53  ? -5.726  -3.718  9.372   1.00 20.83 ? 53  TYR A CB  1 
ATOM   421  C  CG  . TYR A 1 53  ? -6.360  -2.392  9.662   1.00 24.95 ? 53  TYR A CG  1 
ATOM   422  C  CD1 . TYR A 1 53  ? -7.388  -2.279  10.607  1.00 28.35 ? 53  TYR A CD1 1 
ATOM   423  C  CD2 . TYR A 1 53  ? -5.928  -1.241  8.989   1.00 28.14 ? 53  TYR A CD2 1 
ATOM   424  C  CE1 . TYR A 1 53  ? -7.973  -1.025  10.881  1.00 32.19 ? 53  TYR A CE1 1 
ATOM   425  C  CE2 . TYR A 1 53  ? -6.513  0.000   9.225   1.00 32.40 ? 53  TYR A CE2 1 
ATOM   426  C  CZ  . TYR A 1 53  ? -7.519  0.096   10.176  1.00 34.72 ? 53  TYR A CZ  1 
ATOM   427  O  OH  . TYR A 1 53  ? -8.061  1.325   10.414  1.00 40.37 ? 53  TYR A OH  1 
ATOM   428  N  N   . ALA A 1 54  ? -6.743  -3.011  6.434   1.00 18.84 ? 54  ALA A N   1 
ATOM   429  C  CA  . ALA A 1 54  ? -7.460  -2.082  5.550   1.00 19.22 ? 54  ALA A CA  1 
ATOM   430  C  C   . ALA A 1 54  ? -8.519  -2.797  4.691   1.00 20.42 ? 54  ALA A C   1 
ATOM   431  O  O   . ALA A 1 54  ? -9.497  -2.185  4.248   1.00 20.01 ? 54  ALA A O   1 
ATOM   432  C  CB  . ALA A 1 54  ? -6.442  -1.293  4.626   1.00 19.19 ? 54  ALA A CB  1 
ATOM   433  N  N   . PHE A 1 55  ? -8.322  -4.096  4.464   1.00 21.13 ? 55  PHE A N   1 
ATOM   434  C  CA  . PHE A 1 55  ? -9.247  -4.908  3.657   1.00 21.61 ? 55  PHE A CA  1 
ATOM   435  C  C   . PHE A 1 55  ? -10.272 -5.666  4.522   1.00 22.37 ? 55  PHE A C   1 
ATOM   436  O  O   . PHE A 1 55  ? -10.978 -6.528  3.997   1.00 22.52 ? 55  PHE A O   1 
ATOM   437  C  CB  . PHE A 1 55  ? -8.473  -5.887  2.710   1.00 21.13 ? 55  PHE A CB  1 
ATOM   438  C  CG  . PHE A 1 55  ? -7.601  -5.203  1.694   1.00 21.50 ? 55  PHE A CG  1 
ATOM   439  C  CD1 . PHE A 1 55  ? -7.745  -3.829  1.410   1.00 21.27 ? 55  PHE A CD1 1 
ATOM   440  C  CD2 . PHE A 1 55  ? -6.616  -5.934  1.007   1.00 21.76 ? 55  PHE A CD2 1 
ATOM   441  C  CE1 . PHE A 1 55  ? -6.939  -3.193  0.468   1.00 19.70 ? 55  PHE A CE1 1 
ATOM   442  C  CE2 . PHE A 1 55  ? -5.807  -5.310  0.070   1.00 20.12 ? 55  PHE A CE2 1 
ATOM   443  C  CZ  . PHE A 1 55  ? -5.976  -3.935  -0.206  1.00 18.42 ? 55  PHE A CZ  1 
ATOM   444  N  N   . GLY A 1 56  ? -10.308 -5.376  5.831   1.00 22.70 ? 56  GLY A N   1 
ATOM   445  C  CA  . GLY A 1 56  ? -11.268 -5.930  6.761   1.00 24.09 ? 56  GLY A CA  1 
ATOM   446  C  C   . GLY A 1 56  ? -10.952 -7.299  7.365   1.00 25.26 ? 56  GLY A C   1 
ATOM   447  O  O   . GLY A 1 56  ? -11.805 -7.910  7.976   1.00 24.52 ? 56  GLY A O   1 
ATOM   448  N  N   . GLY A 1 57  ? -9.719  -7.777  7.186   1.00 26.11 ? 57  GLY A N   1 
ATOM   449  C  CA  . GLY A 1 57  ? -9.286  -9.041  7.735   1.00 28.00 ? 57  GLY A CA  1 
ATOM   450  C  C   . GLY A 1 57  ? -8.955  -8.989  9.216   1.00 29.90 ? 57  GLY A C   1 
ATOM   451  O  O   . GLY A 1 57  ? -8.857  -10.047 9.852   1.00 30.26 ? 57  GLY A O   1 
ATOM   452  N  N   . THR A 1 58  ? -8.745  -7.796  9.776   1.00 31.19 ? 58  THR A N   1 
ATOM   453  C  CA  . THR A 1 58  ? -8.537  -7.665  11.214  1.00 33.62 ? 58  THR A CA  1 
ATOM   454  C  C   . THR A 1 58  ? -9.152  -6.341  11.583  1.00 34.98 ? 58  THR A C   1 
ATOM   455  O  O   . THR A 1 58  ? -9.329  -5.492  10.710  1.00 34.62 ? 58  THR A O   1 
ATOM   456  C  CB  . THR A 1 58  ? -7.037  -7.689  11.677  1.00 33.38 ? 58  THR A CB  1 
ATOM   457  O  OG1 . THR A 1 58  ? -6.295  -6.717  10.941  1.00 34.07 ? 58  THR A OG1 1 
ATOM   458  C  CG2 . THR A 1 58  ? -6.345  -8.968  11.337  1.00 33.58 ? 58  THR A CG2 1 
ATOM   459  N  N   . ASP A 1 59  ? -9.455  -6.182  12.876  1.00 37.01 ? 59  ASP A N   1 
ATOM   460  C  CA  . ASP A 1 59  ? -10.059 -4.958  13.414  1.00 39.47 ? 59  ASP A CA  1 
ATOM   461  C  C   . ASP A 1 59  ? -9.095  -3.811  13.574  1.00 39.98 ? 59  ASP A C   1 
ATOM   462  O  O   . ASP A 1 59  ? -9.540  -2.662  13.516  1.00 40.76 ? 59  ASP A O   1 
ATOM   463  C  CB  . ASP A 1 59  ? -10.677 -5.199  14.791  1.00 41.07 ? 59  ASP A CB  1 
ATOM   464  C  CG  . ASP A 1 59  ? -11.746 -6.279  14.768  1.00 44.33 ? 59  ASP A CG  1 
ATOM   465  O  OD1 . ASP A 1 59  ? -12.547 -6.321  13.801  1.00 46.47 ? 59  ASP A OD1 1 
ATOM   466  O  OD2 . ASP A 1 59  ? -11.834 -7.141  15.671  1.00 48.31 ? 59  ASP A OD2 1 
ATOM   467  N  N   . LYS A 1 60  ? -7.808  -4.116  13.823  1.00 39.96 ? 60  LYS A N   1 
ATOM   468  C  CA  . LYS A 1 60  ? -6.792  -3.095  14.141  1.00 39.82 ? 60  LYS A CA  1 
ATOM   469  C  C   . LYS A 1 60  ? -5.516  -3.359  13.377  1.00 38.69 ? 60  LYS A C   1 
ATOM   470  O  O   . LYS A 1 60  ? -5.243  -4.494  13.001  1.00 38.65 ? 60  LYS A O   1 
ATOM   471  C  CB  . LYS A 1 60  ? -6.438  -3.093  15.641  1.00 41.02 ? 60  LYS A CB  1 
ATOM   472  C  CG  . LYS A 1 60  ? -7.556  -2.639  16.619  1.00 45.33 ? 60  LYS A CG  1 
ATOM   473  C  CD  . LYS A 1 60  ? -7.671  -1.091  16.741  1.00 50.53 ? 60  LYS A CD  1 
ATOM   474  C  CE  . LYS A 1 60  ? -8.625  -0.465  15.676  1.00 53.07 ? 60  LYS A CE  1 
ATOM   475  N  NZ  . LYS A 1 60  ? -9.688  0.408   16.296  1.00 54.39 ? 60  LYS A NZ  1 
ATOM   476  N  N   . TYR A 1 61  ? -4.730  -2.303  13.151  1.00 37.60 ? 61  TYR A N   1 
ATOM   477  C  CA  . TYR A 1 61  ? -3.358  -2.443  12.651  1.00 36.23 ? 61  TYR A CA  1 
ATOM   478  C  C   . TYR A 1 61  ? -2.375  -2.239  13.821  1.00 36.83 ? 61  TYR A C   1 
ATOM   479  O  O   . TYR A 1 61  ? -2.368  -1.200  14.485  1.00 36.48 ? 61  TYR A O   1 
ATOM   480  C  CB  . TYR A 1 61  ? -3.053  -1.442  11.524  1.00 34.78 ? 61  TYR A CB  1 
ATOM   481  C  CG  . TYR A 1 61  ? -1.583  -1.423  11.096  1.00 30.06 ? 61  TYR A CG  1 
ATOM   482  C  CD1 . TYR A 1 61  ? -0.949  -2.602  10.736  1.00 26.29 ? 61  TYR A CD1 1 
ATOM   483  C  CD2 . TYR A 1 61  ? -0.849  -0.224  11.060  1.00 25.91 ? 61  TYR A CD2 1 
ATOM   484  C  CE1 . TYR A 1 61  ? 0.336   -2.614  10.358  1.00 23.33 ? 61  TYR A CE1 1 
ATOM   485  C  CE2 . TYR A 1 61  ? 0.491   -0.217  10.651  1.00 23.25 ? 61  TYR A CE2 1 
ATOM   486  C  CZ  . TYR A 1 61  ? 1.072   -1.443  10.314  1.00 23.39 ? 61  TYR A CZ  1 
ATOM   487  O  OH  . TYR A 1 61  ? 2.394   -1.534  9.926   1.00 21.23 ? 61  TYR A OH  1 
ATOM   488  N  N   . ASP A 1 62  ? -1.564  -3.253  14.058  1.00 37.45 ? 62  ASP A N   1 
ATOM   489  C  CA  . ASP A 1 62  ? -0.482  -3.150  14.993  1.00 37.92 ? 62  ASP A CA  1 
ATOM   490  C  C   . ASP A 1 62  ? 0.799   -2.600  14.325  1.00 36.21 ? 62  ASP A C   1 
ATOM   491  O  O   . ASP A 1 62  ? 1.687   -3.377  13.920  1.00 36.82 ? 62  ASP A O   1 
ATOM   492  C  CB  . ASP A 1 62  ? -0.177  -4.536  15.546  1.00 40.12 ? 62  ASP A CB  1 
ATOM   493  C  CG  . ASP A 1 62  ? 0.732   -4.467  16.729  1.00 44.74 ? 62  ASP A CG  1 
ATOM   494  O  OD1 . ASP A 1 62  ? 0.274   -3.878  17.731  1.00 48.79 ? 62  ASP A OD1 1 
ATOM   495  O  OD2 . ASP A 1 62  ? 1.923   -4.880  16.723  1.00 49.60 ? 62  ASP A OD2 1 
ATOM   496  N  N   . GLY A 1 63  ? 0.882   -1.281  14.208  1.00 32.86 ? 63  GLY A N   1 
ATOM   497  C  CA  . GLY A 1 63  ? 2.050   -0.589  13.675  1.00 29.48 ? 63  GLY A CA  1 
ATOM   498  C  C   . GLY A 1 63  ? 1.724   0.905   13.678  1.00 26.25 ? 63  GLY A C   1 
ATOM   499  O  O   . GLY A 1 63  ? 0.770   1.313   14.311  1.00 25.19 ? 63  GLY A O   1 
ATOM   500  N  N   . ARG A 1 64  ? 2.490   1.710   12.955  1.00 24.92 ? 64  ARG A N   1 
ATOM   501  C  CA  . ARG A 1 64  ? 2.327   3.163   12.985  1.00 23.50 ? 64  ARG A CA  1 
ATOM   502  C  C   . ARG A 1 64  ? 1.120   3.668   12.200  1.00 21.22 ? 64  ARG A C   1 
ATOM   503  O  O   . ARG A 1 64  ? 0.678   3.051   11.237  1.00 19.28 ? 64  ARG A O   1 
ATOM   504  C  CB  . ARG A 1 64  ? 3.550   3.864   12.415  1.00 23.24 ? 64  ARG A CB  1 
ATOM   505  C  CG  . ARG A 1 64  ? 4.808   3.717   13.275  1.00 28.93 ? 64  ARG A CG  1 
ATOM   506  C  CD  . ARG A 1 64  ? 5.998   4.253   12.559  1.00 34.55 ? 64  ARG A CD  1 
ATOM   507  N  NE  . ARG A 1 64  ? 7.192   4.162   13.382  1.00 43.75 ? 64  ARG A NE  1 
ATOM   508  C  CZ  . ARG A 1 64  ? 8.064   3.113   13.396  1.00 47.87 ? 64  ARG A CZ  1 
ATOM   509  N  NH1 . ARG A 1 64  ? 7.856   2.003   12.652  1.00 48.91 ? 64  ARG A NH1 1 
ATOM   510  N  NH2 . ARG A 1 64  ? 9.146   3.179   14.168  1.00 49.09 ? 64  ARG A NH2 1 
ATOM   511  N  N   . TYR A 1 65  ? 0.617   4.825   12.635  1.00 20.42 ? 65  TYR A N   1 
ATOM   512  C  CA  . TYR A 1 65  ? -0.353  5.569   11.849  1.00 19.12 ? 65  TYR A CA  1 
ATOM   513  C  C   . TYR A 1 65  ? 0.287   6.050   10.587  1.00 18.51 ? 65  TYR A C   1 
ATOM   514  O  O   . TYR A 1 65  ? 1.510   6.299   10.551  1.00 19.63 ? 65  TYR A O   1 
ATOM   515  C  CB  . TYR A 1 65  ? -0.932  6.755   12.626  1.00 18.94 ? 65  TYR A CB  1 
ATOM   516  C  CG  . TYR A 1 65  ? -1.850  6.251   13.684  1.00 20.98 ? 65  TYR A CG  1 
ATOM   517  C  CD1 . TYR A 1 65  ? -3.201  5.998   13.393  1.00 23.09 ? 65  TYR A CD1 1 
ATOM   518  C  CD2 . TYR A 1 65  ? -1.365  5.995   14.988  1.00 22.80 ? 65  TYR A CD2 1 
ATOM   519  C  CE1 . TYR A 1 65  ? -4.064  5.507   14.403  1.00 24.92 ? 65  TYR A CE1 1 
ATOM   520  C  CE2 . TYR A 1 65  ? -2.176  5.514   15.970  1.00 26.16 ? 65  TYR A CE2 1 
ATOM   521  C  CZ  . TYR A 1 65  ? -3.521  5.251   15.679  1.00 27.89 ? 65  TYR A CZ  1 
ATOM   522  O  OH  . TYR A 1 65  ? -4.326  4.784   16.691  1.00 29.92 ? 65  TYR A OH  1 
ATOM   523  N  N   . MET A 1 66  ? -0.540  6.230   9.563   1.00 17.08 ? 66  MET A N   1 
ATOM   524  C  CA  . MET A 1 66  ? 0.006   6.682   8.269   1.00 16.87 ? 66  MET A CA  1 
ATOM   525  C  C   . MET A 1 66  ? 0.726   8.024   8.283   1.00 16.56 ? 66  MET A C   1 
ATOM   526  O  O   . MET A 1 66  ? 1.740   8.211   7.578   1.00 16.68 ? 66  MET A O   1 
ATOM   527  C  CB  . MET A 1 66  ? -1.058  6.639   7.171   1.00 15.73 ? 66  MET A CB  1 
ATOM   528  C  CG  . MET A 1 66  ? -1.495  5.174   6.855   1.00 17.01 ? 66  MET A CG  1 
ATOM   529  S  SD  . MET A 1 66  ? -0.250  4.104   6.166   1.00 18.76 ? 66  MET A SD  1 
ATOM   530  C  CE  . MET A 1 66  ? 0.269   3.187   7.595   1.00 18.50 ? 66  MET A CE  1 
ATOM   531  N  N   . ARG A 1 67  ? 0.194   8.963   9.051   1.00 15.73 ? 67  ARG A N   1 
ATOM   532  C  CA  . ARG A 1 67  ? 0.785   10.290  9.086   1.00 16.69 ? 67  ARG A CA  1 
ATOM   533  C  C   . ARG A 1 67  ? 2.205   10.260  9.673   1.00 16.90 ? 67  ARG A C   1 
ATOM   534  O  O   . ARG A 1 67  ? 3.172   10.756  9.018   1.00 17.55 ? 67  ARG A O   1 
ATOM   535  C  CB  . ARG A 1 67  ? -0.136  11.295  9.773   1.00 15.09 ? 67  ARG A CB  1 
ATOM   536  C  CG  . ARG A 1 67  ? 0.451   12.701  9.857   1.00 16.50 ? 67  ARG A CG  1 
ATOM   537  C  CD  . ARG A 1 67  ? -0.568  13.709  10.484  1.00 20.73 ? 67  ARG A CD  1 
ATOM   538  N  NE  . ARG A 1 67  ? -1.616  13.946  9.517   1.00 22.90 ? 67  ARG A NE  1 
ATOM   539  C  CZ  . ARG A 1 67  ? -1.714  15.045  8.774   1.00 21.24 ? 67  ARG A CZ  1 
ATOM   540  N  NH1 . ARG A 1 67  ? -0.867  16.046  8.960   1.00 20.45 ? 67  ARG A NH1 1 
ATOM   541  N  NH2 . ARG A 1 67  ? -2.693  15.155  7.904   1.00 21.91 ? 67  ARG A NH2 1 
ATOM   542  N  N   . GLU A 1 68  ? 2.357   9.650   10.849  1.00 17.93 ? 68  GLU A N   1 
ATOM   543  C  CA  . GLU A 1 68  ? 3.688   9.518   11.458  1.00 18.45 ? 68  GLU A CA  1 
ATOM   544  C  C   . GLU A 1 68  ? 4.632   8.644   10.626  1.00 18.20 ? 68  GLU A C   1 
ATOM   545  O  O   . GLU A 1 68  ? 5.845   8.964   10.556  1.00 18.49 ? 68  GLU A O   1 
ATOM   546  C  CB  . GLU A 1 68  ? 3.617   9.020   12.919  1.00 19.77 ? 68  GLU A CB  1 
ATOM   547  C  CG  . GLU A 1 68  ? 2.992   7.617   13.034  1.00 24.29 ? 68  GLU A CG  1 
ATOM   548  C  CD  . GLU A 1 68  ? 2.859   7.087   14.462  1.00 27.39 ? 68  GLU A CD  1 
ATOM   549  O  OE1 . GLU A 1 68  ? 3.554   7.651   15.352  1.00 30.90 ? 68  GLU A OE1 1 
ATOM   550  O  OE2 . GLU A 1 68  ? 2.032   6.158   14.698  1.00 26.45 ? 68  GLU A OE2 1 
ATOM   551  N  N   . ALA A 1 69  ? 4.100   7.578   9.997   1.00 16.63 ? 69  ALA A N   1 
ATOM   552  C  CA  . ALA A 1 69  ? 4.889   6.644   9.189   1.00 16.35 ? 69  ALA A CA  1 
ATOM   553  C  C   . ALA A 1 69  ? 5.586   7.368   8.049   1.00 16.27 ? 69  ALA A C   1 
ATOM   554  O  O   . ALA A 1 69  ? 6.700   7.024   7.744   1.00 16.58 ? 69  ALA A O   1 
ATOM   555  C  CB  . ALA A 1 69  ? 4.034   5.526   8.620   1.00 14.89 ? 69  ALA A CB  1 
ATOM   556  N  N   . HIS A 1 70  ? 4.907   8.368   7.445   1.00 16.42 ? 70  HIS A N   1 
ATOM   557  C  CA  . HIS A 1 70  ? 5.395   9.022   6.239   1.00 16.70 ? 70  HIS A CA  1 
ATOM   558  C  C   . HIS A 1 70  ? 5.891   10.435  6.497   1.00 17.31 ? 70  HIS A C   1 
ATOM   559  O  O   . HIS A 1 70  ? 6.386   11.037  5.604   1.00 16.48 ? 70  HIS A O   1 
ATOM   560  C  CB  . HIS A 1 70  ? 4.334   9.001   5.100   1.00 16.80 ? 70  HIS A CB  1 
ATOM   561  C  CG  . HIS A 1 70  ? 3.867   7.610   4.765   1.00 17.08 ? 70  HIS A CG  1 
ATOM   562  N  ND1 . HIS A 1 70  ? 2.872   6.968   5.479   1.00 16.62 ? 70  HIS A ND1 1 
ATOM   563  C  CD2 . HIS A 1 70  ? 4.327   6.702   3.870   1.00 14.67 ? 70  HIS A CD2 1 
ATOM   564  C  CE1 . HIS A 1 70  ? 2.708   5.739   5.001   1.00 15.67 ? 70  HIS A CE1 1 
ATOM   565  N  NE2 . HIS A 1 70  ? 3.588   5.547   4.044   1.00 13.70 ? 70  HIS A NE2 1 
ATOM   566  N  N   . LYS A 1 71  ? 5.794   10.932  7.734   1.00 16.88 ? 71  LYS A N   1 
ATOM   567  C  CA  . LYS A 1 71  ? 6.121   12.338  8.011   1.00 18.91 ? 71  LYS A CA  1 
ATOM   568  C  C   . LYS A 1 71  ? 7.529   12.754  7.495   1.00 19.10 ? 71  LYS A C   1 
ATOM   569  O  O   . LYS A 1 71  ? 7.713   13.787  6.846   1.00 19.20 ? 71  LYS A O   1 
ATOM   570  C  CB  . LYS A 1 71  ? 6.047   12.572  9.526   1.00 18.61 ? 71  LYS A CB  1 
ATOM   571  C  CG  . LYS A 1 71  ? 6.455   14.003  9.953   1.00 22.45 ? 71  LYS A CG  1 
ATOM   572  C  CD  . LYS A 1 71  ? 6.569   14.040  11.428  1.00 27.67 ? 71  LYS A CD  1 
ATOM   573  C  CE  . LYS A 1 71  ? 6.595   15.477  11.938  1.00 29.87 ? 71  LYS A CE  1 
ATOM   574  N  NZ  . LYS A 1 71  ? 7.731   15.469  12.882  1.00 34.72 ? 71  LYS A NZ  1 
ATOM   575  N  N   . GLU A 1 72  ? 8.526   11.931  7.804   1.00 19.85 ? 72  GLU A N   1 
ATOM   576  C  CA  . GLU A 1 72  ? 9.914   12.229  7.443   1.00 19.51 ? 72  GLU A CA  1 
ATOM   577  C  C   . GLU A 1 72  ? 10.069  12.245  5.906   1.00 18.89 ? 72  GLU A C   1 
ATOM   578  O  O   . GLU A 1 72  ? 10.823  13.045  5.365   1.00 18.10 ? 72  GLU A O   1 
ATOM   579  C  CB  . GLU A 1 72  ? 10.842  11.209  8.107   1.00 20.97 ? 72  GLU A CB  1 
ATOM   580  C  CG  . GLU A 1 72  ? 12.322  11.555  8.179   1.00 25.16 ? 72  GLU A CG  1 
ATOM   581  C  CD  . GLU A 1 72  ? 13.113  11.227  6.892   1.00 27.16 ? 72  GLU A CD  1 
ATOM   582  O  OE1 . GLU A 1 72  ? 12.622  10.369  6.061   1.00 27.24 ? 72  GLU A OE1 1 
ATOM   583  O  OE2 . GLU A 1 72  ? 14.237  11.829  6.717   1.00 25.95 ? 72  GLU A OE2 1 
ATOM   584  N  N   . LEU A 1 73  ? 9.327   11.403  5.187   1.00 17.96 ? 73  LEU A N   1 
ATOM   585  C  CA  . LEU A 1 73  ? 9.404   11.453  3.719   1.00 16.76 ? 73  LEU A CA  1 
ATOM   586  C  C   . LEU A 1 73  ? 8.875   12.791  3.172   1.00 16.74 ? 73  LEU A C   1 
ATOM   587  O  O   . LEU A 1 73  ? 9.451   13.361  2.284   1.00 17.14 ? 73  LEU A O   1 
ATOM   588  C  CB  . LEU A 1 73  ? 8.632   10.298  3.066   1.00 16.20 ? 73  LEU A CB  1 
ATOM   589  C  CG  . LEU A 1 73  ? 8.851   8.927   3.679   1.00 17.58 ? 73  LEU A CG  1 
ATOM   590  C  CD1 . LEU A 1 73  ? 7.802   7.923   3.039   1.00 17.99 ? 73  LEU A CD1 1 
ATOM   591  C  CD2 . LEU A 1 73  ? 10.299  8.473   3.437   1.00 13.33 ? 73  LEU A CD2 1 
ATOM   592  N  N   . VAL A 1 74  ? 7.759   13.258  3.711   1.00 15.88 ? 74  VAL A N   1 
ATOM   593  C  CA  . VAL A 1 74  ? 7.127   14.498  3.289   1.00 15.97 ? 74  VAL A CA  1 
ATOM   594  C  C   . VAL A 1 74  ? 8.032   15.720  3.610   1.00 16.96 ? 74  VAL A C   1 
ATOM   595  O  O   . VAL A 1 74  ? 8.217   16.643  2.805   1.00 16.69 ? 74  VAL A O   1 
ATOM   596  C  CB  . VAL A 1 74  ? 5.714   14.655  4.027   1.00 15.88 ? 74  VAL A CB  1 
ATOM   597  C  CG1 . VAL A 1 74  ? 5.192   16.082  3.926   1.00 15.13 ? 74  VAL A CG1 1 
ATOM   598  C  CG2 . VAL A 1 74  ? 4.692   13.673  3.488   1.00 12.77 ? 74  VAL A CG2 1 
ATOM   599  N  N   . GLU A 1 75  ? 8.568   15.722  4.805   1.00 17.53 ? 75  GLU A N   1 
ATOM   600  C  CA  . GLU A 1 75  ? 9.327   16.868  5.315   1.00 19.29 ? 75  GLU A CA  1 
ATOM   601  C  C   . GLU A 1 75  ? 10.730  16.961  4.769   1.00 18.91 ? 75  GLU A C   1 
ATOM   602  O  O   . GLU A 1 75  ? 11.219  18.048  4.573   1.00 18.83 ? 75  GLU A O   1 
ATOM   603  C  CB  . GLU A 1 75  ? 9.390   16.794  6.845   1.00 20.42 ? 75  GLU A CB  1 
ATOM   604  C  CG  . GLU A 1 75  ? 8.050   17.097  7.453   1.00 26.08 ? 75  GLU A CG  1 
ATOM   605  C  CD  . GLU A 1 75  ? 8.082   17.121  8.984   1.00 33.19 ? 75  GLU A CD  1 
ATOM   606  O  OE1 . GLU A 1 75  ? 9.129   16.763  9.575   1.00 36.93 ? 75  GLU A OE1 1 
ATOM   607  O  OE2 . GLU A 1 75  ? 7.042   17.463  9.609   1.00 36.07 ? 75  GLU A OE2 1 
ATOM   608  N  N   . ASN A 1 76  ? 11.386  15.831  4.542   1.00 18.83 ? 76  ASN A N   1 
ATOM   609  C  CA  . ASN A 1 76  ? 12.812  15.857  4.119   1.00 18.95 ? 76  ASN A CA  1 
ATOM   610  C  C   . ASN A 1 76  ? 13.072  15.404  2.683   1.00 18.66 ? 76  ASN A C   1 
ATOM   611  O  O   . ASN A 1 76  ? 14.134  15.712  2.108   1.00 18.49 ? 76  ASN A O   1 
ATOM   612  C  CB  . ASN A 1 76  ? 13.649  15.026  5.085   1.00 20.19 ? 76  ASN A CB  1 
ATOM   613  C  CG  . ASN A 1 76  ? 13.503  15.480  6.507   1.00 22.11 ? 76  ASN A CG  1 
ATOM   614  O  OD1 . ASN A 1 76  ? 13.317  16.675  6.776   1.00 23.14 ? 76  ASN A OD1 1 
ATOM   615  N  ND2 . ASN A 1 76  ? 13.582  14.542  7.442   1.00 25.31 ? 76  ASN A ND2 1 
ATOM   616  N  N   . HIS A 1 77  ? 12.109  14.698  2.083   1.00 17.34 ? 77  HIS A N   1 
ATOM   617  C  CA  . HIS A 1 77  ? 12.379  14.038  0.827   1.00 16.49 ? 77  HIS A CA  1 
ATOM   618  C  C   . HIS A 1 77  ? 11.347  14.363  -0.265  1.00 16.75 ? 77  HIS A C   1 
ATOM   619  O  O   . HIS A 1 77  ? 11.233  13.634  -1.243  1.00 16.35 ? 77  HIS A O   1 
ATOM   620  C  CB  . HIS A 1 77  ? 12.583  12.509  1.037   1.00 15.70 ? 77  HIS A CB  1 
ATOM   621  C  CG  . HIS A 1 77  ? 13.636  12.201  2.064   1.00 14.45 ? 77  HIS A CG  1 
ATOM   622  N  ND1 . HIS A 1 77  ? 14.988  12.317  1.805   1.00 13.92 ? 77  HIS A ND1 1 
ATOM   623  C  CD2 . HIS A 1 77  ? 13.537  11.921  3.379   1.00 13.23 ? 77  HIS A CD2 1 
ATOM   624  C  CE1 . HIS A 1 77  ? 15.680  12.060  2.895   1.00 13.98 ? 77  HIS A CE1 1 
ATOM   625  N  NE2 . HIS A 1 77  ? 14.819  11.822  3.869   1.00 13.21 ? 77  HIS A NE2 1 
ATOM   626  N  N   . GLY A 1 78  ? 10.556  15.424  -0.082  1.00 16.95 ? 78  GLY A N   1 
ATOM   627  C  CA  . GLY A 1 78  ? 9.679   15.871  -1.160  1.00 16.39 ? 78  GLY A CA  1 
ATOM   628  C  C   . GLY A 1 78  ? 8.487   14.971  -1.482  1.00 17.37 ? 78  GLY A C   1 
ATOM   629  O  O   . GLY A 1 78  ? 7.908   15.100  -2.566  1.00 17.46 ? 78  GLY A O   1 
ATOM   630  N  N   . LEU A 1 79  ? 8.108   14.063  -0.578  1.00 16.10 ? 79  LEU A N   1 
ATOM   631  C  CA  . LEU A 1 79  ? 6.981   13.141  -0.859  1.00 17.55 ? 79  LEU A CA  1 
ATOM   632  C  C   . LEU A 1 79  ? 5.709   13.952  -1.211  1.00 18.58 ? 79  LEU A C   1 
ATOM   633  O  O   . LEU A 1 79  ? 5.259   14.786  -0.408  1.00 18.49 ? 79  LEU A O   1 
ATOM   634  C  CB  . LEU A 1 79  ? 6.678   12.197  0.316   1.00 16.27 ? 79  LEU A CB  1 
ATOM   635  C  CG  . LEU A 1 79  ? 5.567   11.138  0.074   1.00 15.85 ? 79  LEU A CG  1 
ATOM   636  C  CD1 . LEU A 1 79  ? 6.110   10.093  -1.008  1.00 18.01 ? 79  LEU A CD1 1 
ATOM   637  C  CD2 . LEU A 1 79  ? 5.116   10.443  1.400   1.00 16.38 ? 79  LEU A CD2 1 
ATOM   638  N  N   . ASN A 1 80  ? 5.127   13.687  -2.381  1.00 19.01 ? 80  ASN A N   1 
ATOM   639  C  CA  . ASN A 1 80  ? 3.967   14.455  -2.886  1.00 20.82 ? 80  ASN A CA  1 
ATOM   640  C  C   . ASN A 1 80  ? 2.879   13.614  -3.596  1.00 20.36 ? 80  ASN A C   1 
ATOM   641  O  O   . ASN A 1 80  ? 2.985   12.384  -3.646  1.00 19.00 ? 80  ASN A O   1 
ATOM   642  C  CB  . ASN A 1 80  ? 4.444   15.600  -3.831  1.00 21.65 ? 80  ASN A CB  1 
ATOM   643  C  CG  . ASN A 1 80  ? 5.090   15.081  -5.154  1.00 23.65 ? 80  ASN A CG  1 
ATOM   644  O  OD1 . ASN A 1 80  ? 4.688   14.067  -5.756  1.00 25.59 ? 80  ASN A OD1 1 
ATOM   645  N  ND2 . ASN A 1 80  ? 6.107   15.780  -5.593  1.00 26.02 ? 80  ASN A ND2 1 
ATOM   646  N  N   . GLY A 1 81  ? 1.865   14.294  -4.167  1.00 19.99 ? 81  GLY A N   1 
ATOM   647  C  CA  . GLY A 1 81  ? 0.748   13.654  -4.850  1.00 19.88 ? 81  GLY A CA  1 
ATOM   648  C  C   . GLY A 1 81  ? 1.118   12.752  -6.002  1.00 21.24 ? 81  GLY A C   1 
ATOM   649  O  O   . GLY A 1 81  ? 0.450   11.731  -6.227  1.00 21.14 ? 81  GLY A O   1 
ATOM   650  N  N   . GLU A 1 82  ? 2.189   13.089  -6.728  1.00 21.61 ? 82  GLU A N   1 
ATOM   651  C  CA  . GLU A 1 82  ? 2.652   12.257  -7.846  1.00 22.70 ? 82  GLU A CA  1 
ATOM   652  C  C   . GLU A 1 82  ? 3.226   10.941  -7.387  1.00 20.30 ? 82  GLU A C   1 
ATOM   653  O  O   . GLU A 1 82  ? 3.011   9.924   -8.038  1.00 20.63 ? 82  GLU A O   1 
ATOM   654  C  CB  . GLU A 1 82  ? 3.733   12.961  -8.667  1.00 24.49 ? 82  GLU A CB  1 
ATOM   655  C  CG  . GLU A 1 82  ? 3.510   14.444  -8.764  1.00 32.90 ? 82  GLU A CG  1 
ATOM   656  C  CD  . GLU A 1 82  ? 2.787   14.789  -10.041 1.00 42.98 ? 82  GLU A CD  1 
ATOM   657  O  OE1 . GLU A 1 82  ? 1.597   14.338  -10.193 1.00 47.04 ? 82  GLU A OE1 1 
ATOM   658  O  OE2 . GLU A 1 82  ? 3.429   15.479  -10.896 1.00 46.84 ? 82  GLU A OE2 1 
ATOM   659  N  N   . HIS A 1 83  ? 3.984   10.973  -6.292  1.00 18.96 ? 83  HIS A N   1 
ATOM   660  C  CA  . HIS A 1 83  ? 4.459   9.745   -5.621  1.00 17.67 ? 83  HIS A CA  1 
ATOM   661  C  C   . HIS A 1 83  ? 3.304   8.873   -5.097  1.00 18.15 ? 83  HIS A C   1 
ATOM   662  O  O   . HIS A 1 83  ? 3.303   7.636   -5.261  1.00 17.21 ? 83  HIS A O   1 
ATOM   663  C  CB  . HIS A 1 83  ? 5.384   10.140  -4.472  1.00 16.85 ? 83  HIS A CB  1 
ATOM   664  C  CG  . HIS A 1 83  ? 6.524   11.034  -4.897  1.00 18.33 ? 83  HIS A CG  1 
ATOM   665  N  ND1 . HIS A 1 83  ? 6.844   12.209  -4.251  1.00 18.61 ? 83  HIS A ND1 1 
ATOM   666  C  CD2 . HIS A 1 83  ? 7.402   10.919  -5.922  1.00 18.43 ? 83  HIS A CD2 1 
ATOM   667  C  CE1 . HIS A 1 83  ? 7.879   12.766  -4.850  1.00 18.21 ? 83  HIS A CE1 1 
ATOM   668  N  NE2 . HIS A 1 83  ? 8.237   11.994  -5.864  1.00 18.10 ? 83  HIS A NE2 1 
ATOM   669  N  N   . PHE A 1 84  ? 2.361   9.501   -4.388  1.00 17.07 ? 84  PHE A N   1 
ATOM   670  C  CA  . PHE A 1 84  ? 1.146   8.844   -3.979  1.00 16.99 ? 84  PHE A CA  1 
ATOM   671  C  C   . PHE A 1 84  ? 0.421   8.151   -5.157  1.00 17.07 ? 84  PHE A C   1 
ATOM   672  O  O   . PHE A 1 84  ? 0.075   6.966   -5.064  1.00 17.82 ? 84  PHE A O   1 
ATOM   673  C  CB  . PHE A 1 84  ? 0.260   9.845   -3.204  1.00 16.51 ? 84  PHE A CB  1 
ATOM   674  C  CG  . PHE A 1 84  ? -0.919  9.214   -2.547  1.00 16.76 ? 84  PHE A CG  1 
ATOM   675  C  CD1 . PHE A 1 84  ? -2.104  9.021   -3.251  1.00 18.42 ? 84  PHE A CD1 1 
ATOM   676  C  CD2 . PHE A 1 84  ? -0.850  8.822   -1.211  1.00 15.12 ? 84  PHE A CD2 1 
ATOM   677  C  CE1 . PHE A 1 84  ? -3.221  8.428   -2.654  1.00 19.44 ? 84  PHE A CE1 1 
ATOM   678  C  CE2 . PHE A 1 84  ? -1.941  8.224   -0.611  1.00 16.50 ? 84  PHE A CE2 1 
ATOM   679  C  CZ  . PHE A 1 84  ? -3.129  8.026   -1.326  1.00 18.37 ? 84  PHE A CZ  1 
ATOM   680  N  N   . ASP A 1 85  ? 0.227   8.837   -6.274  1.00 17.53 ? 85  ASP A N   1 
ATOM   681  C  CA  . ASP A 1 85  ? -0.455  8.203   -7.386  1.00 19.14 ? 85  ASP A CA  1 
ATOM   682  C  C   . ASP A 1 85  ? 0.327   7.033   -7.943  1.00 19.10 ? 85  ASP A C   1 
ATOM   683  O  O   . ASP A 1 85  ? -0.292  6.019   -8.305  1.00 17.47 ? 85  ASP A O   1 
ATOM   684  C  CB  . ASP A 1 85  ? -0.741  9.212   -8.495  1.00 20.70 ? 85  ASP A CB  1 
ATOM   685  C  CG  . ASP A 1 85  ? -1.795  10.244  -8.089  1.00 23.30 ? 85  ASP A CG  1 
ATOM   686  O  OD1 . ASP A 1 85  ? -2.587  10.017  -7.146  1.00 23.52 ? 85  ASP A OD1 1 
ATOM   687  O  OD2 . ASP A 1 85  ? -1.892  11.335  -8.649  1.00 25.47 ? 85  ASP A OD2 1 
ATOM   688  N  N   . ALA A 1 86  ? 1.676   7.171   -8.020  1.00 19.41 ? 86  ALA A N   1 
ATOM   689  C  CA  . ALA A 1 86  ? 2.543   6.074   -8.481  1.00 19.17 ? 86  ALA A CA  1 
ATOM   690  C  C   . ALA A 1 86  ? 2.386   4.801   -7.621  1.00 18.97 ? 86  ALA A C   1 
ATOM   691  O  O   . ALA A 1 86  ? 2.354   3.683   -8.154  1.00 18.23 ? 86  ALA A O   1 
ATOM   692  C  CB  . ALA A 1 86  ? 4.024   6.504   -8.543  1.00 19.22 ? 86  ALA A CB  1 
ATOM   693  N  N   . VAL A 1 87  ? 2.303   4.984   -6.302  1.00 18.02 ? 87  VAL A N   1 
ATOM   694  C  CA  . VAL A 1 87  ? 2.090   3.873   -5.353  1.00 18.26 ? 87  VAL A CA  1 
ATOM   695  C  C   . VAL A 1 87  ? 0.729   3.196   -5.580  1.00 18.21 ? 87  VAL A C   1 
ATOM   696  O  O   . VAL A 1 87  ? 0.634   1.978   -5.707  1.00 17.36 ? 87  VAL A O   1 
ATOM   697  C  CB  . VAL A 1 87  ? 2.238   4.348   -3.864  1.00 17.88 ? 87  VAL A CB  1 
ATOM   698  C  CG1 . VAL A 1 87  ? 1.502   3.408   -2.894  1.00 19.57 ? 87  VAL A CG1 1 
ATOM   699  C  CG2 . VAL A 1 87  ? 3.691   4.368   -3.465  1.00 17.12 ? 87  VAL A CG2 1 
ATOM   700  N  N   . ALA A 1 88  ? -0.309  3.993   -5.724  1.00 18.85 ? 88  ALA A N   1 
ATOM   701  C  CA  . ALA A 1 88  ? -1.643  3.442   -5.934  1.00 20.75 ? 88  ALA A CA  1 
ATOM   702  C  C   . ALA A 1 88  ? -1.680  2.709   -7.266  1.00 21.63 ? 88  ALA A C   1 
ATOM   703  O  O   . ALA A 1 88  ? -2.217  1.605   -7.378  1.00 21.60 ? 88  ALA A O   1 
ATOM   704  C  CB  . ALA A 1 88  ? -2.727  4.593   -5.890  1.00 21.10 ? 88  ALA A CB  1 
ATOM   705  N  N   . GLU A 1 89  ? -1.075  3.320   -8.273  1.00 22.44 ? 89  GLU A N   1 
ATOM   706  C  CA  . GLU A 1 89  ? -1.035  2.736   -9.600  1.00 23.54 ? 89  GLU A CA  1 
ATOM   707  C  C   . GLU A 1 89  ? -0.273  1.404   -9.634  1.00 22.53 ? 89  GLU A C   1 
ATOM   708  O  O   . GLU A 1 89  ? -0.717  0.453   -10.306 1.00 22.13 ? 89  GLU A O   1 
ATOM   709  C  CB  . GLU A 1 89  ? -0.382  3.744   -10.535 1.00 24.84 ? 89  GLU A CB  1 
ATOM   710  C  CG  . GLU A 1 89  ? -0.219  3.338   -11.982 1.00 30.20 ? 89  GLU A CG  1 
ATOM   711  C  CD  . GLU A 1 89  ? 0.671   4.354   -12.674 1.00 36.64 ? 89  GLU A CD  1 
ATOM   712  O  OE1 . GLU A 1 89  ? 0.507   5.568   -12.386 1.00 40.02 ? 89  GLU A OE1 1 
ATOM   713  O  OE2 . GLU A 1 89  ? 1.557   3.953   -13.439 1.00 40.01 ? 89  GLU A OE2 1 
ATOM   714  N  N   . ASP A 1 90  ? 0.871   1.354   -8.933  1.00 20.93 ? 90  ASP A N   1 
ATOM   715  C  CA  . ASP A 1 90  ? 1.700   0.150   -8.846  1.00 20.07 ? 90  ASP A CA  1 
ATOM   716  C  C   . ASP A 1 90  ? 0.945   -0.925  -8.066  1.00 20.07 ? 90  ASP A C   1 
ATOM   717  O  O   . ASP A 1 90  ? 1.071   -2.095  -8.364  1.00 19.89 ? 90  ASP A O   1 
ATOM   718  C  CB  . ASP A 1 90  ? 3.017   0.427   -8.107  1.00 19.70 ? 90  ASP A CB  1 
ATOM   719  C  CG  . ASP A 1 90  ? 4.005   1.222   -8.922  1.00 20.41 ? 90  ASP A CG  1 
ATOM   720  O  OD1 . ASP A 1 90  ? 3.732   1.462   -10.107 1.00 20.01 ? 90  ASP A OD1 1 
ATOM   721  O  OD2 . ASP A 1 90  ? 5.108   1.634   -8.458  1.00 20.82 ? 90  ASP A OD2 1 
ATOM   722  N  N   . LEU A 1 91  ? 0.190   -0.542  -7.029  1.00 20.05 ? 91  LEU A N   1 
ATOM   723  C  CA  . LEU A 1 91  ? -0.605  -1.548  -6.307  1.00 19.85 ? 91  LEU A CA  1 
ATOM   724  C  C   . LEU A 1 91  ? -1.697  -2.163  -7.191  1.00 19.16 ? 91  LEU A C   1 
ATOM   725  O  O   . LEU A 1 91  ? -1.903  -3.389  -7.190  1.00 18.85 ? 91  LEU A O   1 
ATOM   726  C  CB  . LEU A 1 91  ? -1.241  -1.003  -4.991  1.00 19.45 ? 91  LEU A CB  1 
ATOM   727  C  CG  . LEU A 1 91  ? -2.167  -1.875  -4.151  1.00 20.82 ? 91  LEU A CG  1 
ATOM   728  C  CD1 . LEU A 1 91  ? -1.380  -3.056  -3.624  1.00 20.49 ? 91  LEU A CD1 1 
ATOM   729  C  CD2 . LEU A 1 91  ? -2.778  -1.046  -2.954  1.00 21.46 ? 91  LEU A CD2 1 
ATOM   730  N  N   . LEU A 1 92  ? -2.422  -1.302  -7.884  1.00 18.89 ? 92  LEU A N   1 
ATOM   731  C  CA  . LEU A 1 92  ? -3.472  -1.754  -8.809  1.00 20.09 ? 92  LEU A CA  1 
ATOM   732  C  C   . LEU A 1 92  ? -2.947  -2.581  -10.000 1.00 20.41 ? 92  LEU A C   1 
ATOM   733  O  O   . LEU A 1 92  ? -3.546  -3.605  -10.341 1.00 20.48 ? 92  LEU A O   1 
ATOM   734  C  CB  . LEU A 1 92  ? -4.406  -0.602  -9.236  1.00 19.03 ? 92  LEU A CB  1 
ATOM   735  C  CG  . LEU A 1 92  ? -5.072  0.231   -8.120  1.00 18.32 ? 92  LEU A CG  1 
ATOM   736  C  CD1 . LEU A 1 92  ? -5.895  1.363   -8.736  1.00 17.43 ? 92  LEU A CD1 1 
ATOM   737  C  CD2 . LEU A 1 92  ? -5.908  -0.551  -7.174  1.00 17.73 ? 92  LEU A CD2 1 
ATOM   738  N  N   . ALA A 1 93  ? -1.815  -2.169  -10.567 1.00 20.84 ? 93  ALA A N   1 
ATOM   739  C  CA  . ALA A 1 93  ? -1.134  -2.940  -11.623 1.00 21.55 ? 93  ALA A CA  1 
ATOM   740  C  C   . ALA A 1 93  ? -0.777  -4.360  -11.163 1.00 22.20 ? 93  ALA A C   1 
ATOM   741  O  O   . ALA A 1 93  ? -0.993  -5.346  -11.903 1.00 22.09 ? 93  ALA A O   1 
ATOM   742  C  CB  . ALA A 1 93  ? 0.127   -2.166  -12.196 1.00 21.72 ? 93  ALA A CB  1 
ATOM   743  N  N   . THR A 1 94  ? -0.284  -4.463  -9.928  1.00 21.68 ? 94  THR A N   1 
ATOM   744  C  CA  . THR A 1 94  ? 0.075   -5.741  -9.313  1.00 22.83 ? 94  THR A CA  1 
ATOM   745  C  C   . THR A 1 94  ? -1.150  -6.672  -9.182  1.00 23.35 ? 94  THR A C   1 
ATOM   746  O  O   . THR A 1 94  ? -1.093  -7.850  -9.565  1.00 23.02 ? 94  THR A O   1 
ATOM   747  C  CB  . THR A 1 94  ? 0.653   -5.479  -7.904  1.00 23.13 ? 94  THR A CB  1 
ATOM   748  O  OG1 . THR A 1 94  ? 1.897   -4.795  -8.052  1.00 24.88 ? 94  THR A OG1 1 
ATOM   749  C  CG2 . THR A 1 94  ? 0.998   -6.828  -7.139  1.00 21.73 ? 94  THR A CG2 1 
ATOM   750  N  N   . LEU A 1 95  ? -2.237  -6.139  -8.633  1.00 22.89 ? 95  LEU A N   1 
ATOM   751  C  CA  . LEU A 1 95  ? -3.472  -6.920  -8.482  1.00 24.26 ? 95  LEU A CA  1 
ATOM   752  C  C   . LEU A 1 95  ? -4.014  -7.372  -9.859  1.00 25.53 ? 95  LEU A C   1 
ATOM   753  O  O   . LEU A 1 95  ? -4.417  -8.525  -10.032 1.00 25.16 ? 95  LEU A O   1 
ATOM   754  C  CB  . LEU A 1 95  ? -4.527  -6.098  -7.762  1.00 24.24 ? 95  LEU A CB  1 
ATOM   755  C  CG  . LEU A 1 95  ? -4.243  -5.749  -6.294  1.00 23.57 ? 95  LEU A CG  1 
ATOM   756  C  CD1 . LEU A 1 95  ? -5.449  -4.969  -5.782  1.00 23.46 ? 95  LEU A CD1 1 
ATOM   757  C  CD2 . LEU A 1 95  ? -3.973  -6.992  -5.448  1.00 22.97 ? 95  LEU A CD2 1 
ATOM   758  N  N   . LYS A 1 96  ? -3.995  -6.458  -10.815 1.00 26.59 ? 96  LYS A N   1 
ATOM   759  C  CA  . LYS A 1 96  ? -4.435  -6.741  -12.160 1.00 30.18 ? 96  LYS A CA  1 
ATOM   760  C  C   . LYS A 1 96  ? -3.628  -7.892  -12.730 1.00 31.51 ? 96  LYS A C   1 
ATOM   761  O  O   . LYS A 1 96  ? -4.173  -8.889  -13.194 1.00 32.23 ? 96  LYS A O   1 
ATOM   762  C  CB  . LYS A 1 96  ? -4.273  -5.497  -12.993 1.00 30.81 ? 96  LYS A CB  1 
ATOM   763  C  CG  . LYS A 1 96  ? -4.574  -5.697  -14.457 1.00 35.24 ? 96  LYS A CG  1 
ATOM   764  C  CD  . LYS A 1 96  ? -5.798  -4.883  -14.837 1.00 42.38 ? 96  LYS A CD  1 
ATOM   765  C  CE  . LYS A 1 96  ? -6.109  -5.053  -16.334 1.00 46.10 ? 96  LYS A CE  1 
ATOM   766  N  NZ  . LYS A 1 96  ? -5.325  -4.031  -17.103 1.00 48.42 ? 96  LYS A NZ  1 
ATOM   767  N  N   . GLU A 1 97  ? -2.311  -7.782  -12.628 1.00 32.94 ? 97  GLU A N   1 
ATOM   768  C  CA  . GLU A 1 97  ? -1.410  -8.837  -13.041 1.00 34.23 ? 97  GLU A CA  1 
ATOM   769  C  C   . GLU A 1 97  ? -1.712  -10.163 -12.371 1.00 33.54 ? 97  GLU A C   1 
ATOM   770  O  O   . GLU A 1 97  ? -1.476  -11.224 -12.955 1.00 33.55 ? 97  GLU A O   1 
ATOM   771  C  CB  . GLU A 1 97  ? 0.016   -8.439  -12.709 1.00 35.59 ? 97  GLU A CB  1 
ATOM   772  C  CG  . GLU A 1 97  ? 0.976   -8.770  -13.808 1.00 41.52 ? 97  GLU A CG  1 
ATOM   773  C  CD  . GLU A 1 97  ? 2.216   -9.396  -13.243 1.00 49.72 ? 97  GLU A CD  1 
ATOM   774  O  OE1 . GLU A 1 97  ? 2.212   -10.656 -13.090 1.00 53.71 ? 97  GLU A OE1 1 
ATOM   775  O  OE2 . GLU A 1 97  ? 3.170   -8.621  -12.925 1.00 51.93 ? 97  GLU A OE2 1 
ATOM   776  N  N   . MET A 1 98  ? -2.222  -10.120 -11.147 1.00 32.92 ? 98  MET A N   1 
ATOM   777  C  CA  . MET A 1 98  ? -2.498  -11.342 -10.409 1.00 32.49 ? 98  MET A CA  1 
ATOM   778  C  C   . MET A 1 98  ? -3.827  -11.948 -10.828 1.00 32.32 ? 98  MET A C   1 
ATOM   779  O  O   . MET A 1 98  ? -4.144  -13.038 -10.419 1.00 33.30 ? 98  MET A O   1 
ATOM   780  C  CB  . MET A 1 98  ? -2.497  -11.092 -8.910  1.00 31.88 ? 98  MET A CB  1 
ATOM   781  C  CG  . MET A 1 98  ? -1.108  -10.969 -8.303  1.00 30.64 ? 98  MET A CG  1 
ATOM   782  S  SD  . MET A 1 98  ? -1.241  -10.383 -6.619  1.00 30.38 ? 98  MET A SD  1 
ATOM   783  C  CE  . MET A 1 98  ? -2.226  -11.716 -5.761  1.00 29.50 ? 98  MET A CE  1 
ATOM   784  N  N   . GLY A 1 99  ? -4.599  -11.237 -11.632 1.00 31.81 ? 99  GLY A N   1 
ATOM   785  C  CA  . GLY A 1 99  ? -5.861  -11.760 -12.102 1.00 31.30 ? 99  GLY A CA  1 
ATOM   786  C  C   . GLY A 1 99  ? -7.048  -11.376 -11.239 1.00 31.30 ? 99  GLY A C   1 
ATOM   787  O  O   . GLY A 1 99  ? -8.161  -11.937 -11.416 1.00 29.95 ? 99  GLY A O   1 
ATOM   788  N  N   . VAL A 1 100 ? -6.827  -10.417 -10.326 1.00 30.14 ? 100 VAL A N   1 
ATOM   789  C  CA  . VAL A 1 100 ? -7.898  -9.877  -9.516  1.00 29.63 ? 100 VAL A CA  1 
ATOM   790  C  C   . VAL A 1 100 ? -8.996  -9.245  -10.390 1.00 30.51 ? 100 VAL A C   1 
ATOM   791  O  O   . VAL A 1 100 ? -8.712  -8.410  -11.256 1.00 31.08 ? 100 VAL A O   1 
ATOM   792  C  CB  . VAL A 1 100 ? -7.371  -8.905  -8.407  1.00 29.34 ? 100 VAL A CB  1 
ATOM   793  C  CG1 . VAL A 1 100 ? -8.522  -8.263  -7.652  1.00 27.70 ? 100 VAL A CG1 1 
ATOM   794  C  CG2 . VAL A 1 100 ? -6.422  -9.637  -7.455  1.00 27.95 ? 100 VAL A CG2 1 
ATOM   795  N  N   . PRO A 1 101 ? -10.253 -9.652  -10.175 1.00 30.97 ? 101 PRO A N   1 
ATOM   796  C  CA  . PRO A 1 101 ? -11.370 -9.108  -10.949 1.00 31.06 ? 101 PRO A CA  1 
ATOM   797  C  C   . PRO A 1 101 ? -11.528 -7.609  -10.759 1.00 31.35 ? 101 PRO A C   1 
ATOM   798  O  O   . PRO A 1 101 ? -11.307 -7.090  -9.658  1.00 30.54 ? 101 PRO A O   1 
ATOM   799  C  CB  . PRO A 1 101 ? -12.591 -9.814  -10.356 1.00 31.11 ? 101 PRO A CB  1 
ATOM   800  C  CG  . PRO A 1 101 ? -12.076 -10.956 -9.606  1.00 30.72 ? 101 PRO A CG  1 
ATOM   801  C  CD  . PRO A 1 101 ? -10.677 -10.702 -9.229  1.00 30.47 ? 101 PRO A CD  1 
ATOM   802  N  N   . GLU A 1 102 ? -11.975 -6.937  -11.813 1.00 31.58 ? 102 GLU A N   1 
ATOM   803  C  CA  . GLU A 1 102 ? -12.061 -5.485  -11.817 1.00 32.42 ? 102 GLU A CA  1 
ATOM   804  C  C   . GLU A 1 102 ? -12.930 -4.864  -10.715 1.00 30.84 ? 102 GLU A C   1 
ATOM   805  O  O   . GLU A 1 102 ? -12.642 -3.755  -10.283 1.00 30.44 ? 102 GLU A O   1 
ATOM   806  C  CB  . GLU A 1 102 ? -12.471 -4.939  -13.216 1.00 34.43 ? 102 GLU A CB  1 
ATOM   807  C  CG  . GLU A 1 102 ? -11.504 -5.273  -14.379 1.00 40.88 ? 102 GLU A CG  1 
ATOM   808  C  CD  . GLU A 1 102 ? -10.091 -4.642  -14.249 1.00 48.36 ? 102 GLU A CD  1 
ATOM   809  O  OE1 . GLU A 1 102 ? -9.943  -3.625  -13.505 1.00 51.89 ? 102 GLU A OE1 1 
ATOM   810  O  OE2 . GLU A 1 102 ? -9.102  -5.149  -14.894 1.00 50.31 ? 102 GLU A OE2 1 
ATOM   811  N  N   . ASP A 1 103 ? -13.994 -5.545  -10.263 1.00 29.45 ? 103 ASP A N   1 
ATOM   812  C  CA  . ASP A 1 103 ? -14.783 -5.026  -9.128  1.00 28.50 ? 103 ASP A CA  1 
ATOM   813  C  C   . ASP A 1 103 ? -13.980 -4.924  -7.767  1.00 26.80 ? 103 ASP A C   1 
ATOM   814  O  O   . ASP A 1 103 ? -14.143 -3.975  -6.971  1.00 24.29 ? 103 ASP A O   1 
ATOM   815  C  CB  . ASP A 1 103 ? -16.132 -5.788  -8.980  1.00 30.07 ? 103 ASP A CB  1 
ATOM   816  C  CG  . ASP A 1 103 ? -16.039 -7.001  -8.063  1.00 30.33 ? 103 ASP A CG  1 
ATOM   817  O  OD1 . ASP A 1 103 ? -15.492 -8.044  -8.496  1.00 30.44 ? 103 ASP A OD1 1 
ATOM   818  O  OD2 . ASP A 1 103 ? -16.496 -6.990  -6.876  1.00 33.30 ? 103 ASP A OD2 1 
ATOM   819  N  N   . LEU A 1 104 ? -13.102 -5.889  -7.556  1.00 25.58 ? 104 LEU A N   1 
ATOM   820  C  CA  . LEU A 1 104 ? -12.200 -5.890  -6.391  1.00 24.92 ? 104 LEU A CA  1 
ATOM   821  C  C   . LEU A 1 104 ? -11.070 -4.854  -6.550  1.00 24.45 ? 104 LEU A C   1 
ATOM   822  O  O   . LEU A 1 104 ? -10.688 -4.196  -5.604  1.00 24.95 ? 104 LEU A O   1 
ATOM   823  C  CB  . LEU A 1 104 ? -11.617 -7.309  -6.184  1.00 23.83 ? 104 LEU A CB  1 
ATOM   824  C  CG  . LEU A 1 104 ? -12.703 -8.360  -5.914  1.00 22.90 ? 104 LEU A CG  1 
ATOM   825  C  CD1 . LEU A 1 104 ? -12.087 -9.670  -5.506  1.00 21.97 ? 104 LEU A CD1 1 
ATOM   826  C  CD2 . LEU A 1 104 ? -13.694 -7.903  -4.849  1.00 23.50 ? 104 LEU A CD2 1 
ATOM   827  N  N   . ILE A 1 105 ? -10.521 -4.726  -7.750  1.00 24.92 ? 105 ILE A N   1 
ATOM   828  C  CA  . ILE A 1 105 ? -9.595  -3.630  -8.049  1.00 24.85 ? 105 ILE A CA  1 
ATOM   829  C  C   . ILE A 1 105 ? -10.229 -2.263  -7.788  1.00 24.88 ? 105 ILE A C   1 
ATOM   830  O  O   . ILE A 1 105 ? -9.564  -1.379  -7.214  1.00 24.23 ? 105 ILE A O   1 
ATOM   831  C  CB  . ILE A 1 105 ? -9.050  -3.774  -9.487  1.00 25.28 ? 105 ILE A CB  1 
ATOM   832  C  CG1 . ILE A 1 105 ? -8.235  -5.075  -9.605  1.00 26.66 ? 105 ILE A CG1 1 
ATOM   833  C  CG2 . ILE A 1 105 ? -8.147  -2.567  -9.841  1.00 25.77 ? 105 ILE A CG2 1 
ATOM   834  C  CD1 . ILE A 1 105 ? -7.737  -5.348  -10.954 1.00 27.33 ? 105 ILE A CD1 1 
ATOM   835  N  N   . ALA A 1 106 ? -11.501 -2.079  -8.201  1.00 24.36 ? 106 ALA A N   1 
ATOM   836  C  CA  . ALA A 1 106 ? -12.272 -0.893  -7.837  1.00 23.95 ? 106 ALA A CA  1 
ATOM   837  C  C   . ALA A 1 106 ? -12.340 -0.673  -6.322  1.00 23.73 ? 106 ALA A C   1 
ATOM   838  O  O   . ALA A 1 106 ? -12.159 0.456   -5.864  1.00 23.07 ? 106 ALA A O   1 
ATOM   839  C  CB  . ALA A 1 106 ? -13.723 -0.960  -8.435  1.00 25.07 ? 106 ALA A CB  1 
ATOM   840  N  N   . GLU A 1 107 ? -12.620 -1.736  -5.556  1.00 23.51 ? 107 GLU A N   1 
ATOM   841  C  CA  . GLU A 1 107 ? -12.668 -1.646  -4.093  1.00 24.43 ? 107 GLU A CA  1 
ATOM   842  C  C   . GLU A 1 107 ? -11.307 -1.249  -3.482  1.00 22.89 ? 107 GLU A C   1 
ATOM   843  O  O   . GLU A 1 107 ? -11.224 -0.413  -2.571  1.00 22.61 ? 107 GLU A O   1 
ATOM   844  C  CB  . GLU A 1 107 ? -13.092 -2.977  -3.474  1.00 25.64 ? 107 GLU A CB  1 
ATOM   845  C  CG  . GLU A 1 107 ? -14.595 -3.109  -3.403  1.00 31.09 ? 107 GLU A CG  1 
ATOM   846  C  CD  . GLU A 1 107 ? -15.051 -4.304  -2.590  1.00 36.36 ? 107 GLU A CD  1 
ATOM   847  O  OE1 . GLU A 1 107 ? -14.750 -4.317  -1.369  1.00 38.36 ? 107 GLU A OE1 1 
ATOM   848  O  OE2 . GLU A 1 107 ? -15.721 -5.210  -3.175  1.00 38.33 ? 107 GLU A OE2 1 
ATOM   849  N  N   . VAL A 1 108 ? -10.254 -1.879  -3.971  1.00 21.58 ? 108 VAL A N   1 
ATOM   850  C  CA  . VAL A 1 108 ? -8.908  -1.493  -3.535  1.00 19.29 ? 108 VAL A CA  1 
ATOM   851  C  C   . VAL A 1 108 ? -8.576  -0.065  -3.961  1.00 19.19 ? 108 VAL A C   1 
ATOM   852  O  O   . VAL A 1 108 ? -7.982  0.652   -3.184  1.00 19.09 ? 108 VAL A O   1 
ATOM   853  C  CB  . VAL A 1 108 ? -7.833  -2.447  -4.037  1.00 18.55 ? 108 VAL A CB  1 
ATOM   854  C  CG1 . VAL A 1 108 ? -6.397  -1.923  -3.549  1.00 15.22 ? 108 VAL A CG1 1 
ATOM   855  C  CG2 . VAL A 1 108 ? -8.110  -3.854  -3.551  1.00 18.29 ? 108 VAL A CG2 1 
ATOM   856  N  N   . ALA A 1 109 ? -8.912  0.340   -5.197  1.00 19.41 ? 109 ALA A N   1 
ATOM   857  C  CA  . ALA A 1 109 ? -8.705  1.734   -5.626  1.00 19.45 ? 109 ALA A CA  1 
ATOM   858  C  C   . ALA A 1 109 ? -9.313  2.765   -4.651  1.00 20.53 ? 109 ALA A C   1 
ATOM   859  O  O   . ALA A 1 109 ? -8.684  3.785   -4.321  1.00 20.61 ? 109 ALA A O   1 
ATOM   860  C  CB  . ALA A 1 109 ? -9.221  1.959   -7.093  1.00 19.02 ? 109 ALA A CB  1 
ATOM   861  N  N   . ALA A 1 110 ? -10.532 2.483   -4.179  1.00 21.39 ? 110 ALA A N   1 
ATOM   862  C  CA  . ALA A 1 110 ? -11.253 3.342   -3.266  1.00 21.98 ? 110 ALA A CA  1 
ATOM   863  C  C   . ALA A 1 110 ? -10.563 3.439   -1.889  1.00 22.53 ? 110 ALA A C   1 
ATOM   864  O  O   . ALA A 1 110 ? -10.472 4.532   -1.327  1.00 24.03 ? 110 ALA A O   1 
ATOM   865  C  CB  . ALA A 1 110 ? -12.719 2.876   -3.132  1.00 22.37 ? 110 ALA A CB  1 
ATOM   866  N  N   . VAL A 1 111 ? -10.041 2.317   -1.380  1.00 21.43 ? 111 VAL A N   1 
ATOM   867  C  CA  . VAL A 1 111 ? -9.267  2.318   -0.138  1.00 21.57 ? 111 VAL A CA  1 
ATOM   868  C  C   . VAL A 1 111 ? -7.962  3.136   -0.275  1.00 21.31 ? 111 VAL A C   1 
ATOM   869  O  O   . VAL A 1 111 ? -7.652  3.993   0.602   1.00 21.31 ? 111 VAL A O   1 
ATOM   870  C  CB  . VAL A 1 111 ? -8.926  0.825   0.341   1.00 20.76 ? 111 VAL A CB  1 
ATOM   871  C  CG1 . VAL A 1 111 ? -7.885  0.744   1.540   1.00 21.07 ? 111 VAL A CG1 1 
ATOM   872  C  CG2 . VAL A 1 111 ? -10.191 0.021   0.601   1.00 20.39 ? 111 VAL A CG2 1 
ATOM   873  N  N   . ALA A 1 112 ? -7.186  2.831   -1.320  1.00 20.94 ? 112 ALA A N   1 
ATOM   874  C  CA  . ALA A 1 112 ? -5.873  3.461   -1.502  1.00 21.78 ? 112 ALA A CA  1 
ATOM   875  C  C   . ALA A 1 112 ? -6.002  4.961   -1.848  1.00 21.57 ? 112 ALA A C   1 
ATOM   876  O  O   . ALA A 1 112 ? -5.115  5.735   -1.555  1.00 21.12 ? 112 ALA A O   1 
ATOM   877  C  CB  . ALA A 1 112 ? -5.058  2.721   -2.587  1.00 21.93 ? 112 ALA A CB  1 
ATOM   878  N  N   . GLY A 1 113 ? -7.108  5.361   -2.480  1.00 21.38 ? 113 GLY A N   1 
ATOM   879  C  CA  . GLY A 1 113 ? -7.316  6.744   -2.868  1.00 20.85 ? 113 GLY A CA  1 
ATOM   880  C  C   . GLY A 1 113 ? -8.142  7.615   -1.951  1.00 21.91 ? 113 GLY A C   1 
ATOM   881  O  O   . GLY A 1 113 ? -8.343  8.813   -2.229  1.00 22.86 ? 113 GLY A O   1 
ATOM   882  N  N   . ALA A 1 114 ? -8.593  7.054   -0.833  1.00 21.71 ? 114 ALA A N   1 
ATOM   883  C  CA  . ALA A 1 114 ? -9.476  7.779   0.078   1.00 21.65 ? 114 ALA A CA  1 
ATOM   884  C  C   . ALA A 1 114 ? -8.688  8.941   0.666   1.00 21.18 ? 114 ALA A C   1 
ATOM   885  O  O   . ALA A 1 114 ? -7.482  8.780   0.898   1.00 20.96 ? 114 ALA A O   1 
ATOM   886  C  CB  . ALA A 1 114 ? -9.946  6.878   1.164   1.00 21.56 ? 114 ALA A CB  1 
ATOM   887  N  N   . PRO A 1 115 ? -9.330  10.120  0.815   1.00 20.74 ? 115 PRO A N   1 
ATOM   888  C  CA  . PRO A 1 115 ? -8.736  11.278  1.511   1.00 19.82 ? 115 PRO A CA  1 
ATOM   889  C  C   . PRO A 1 115 ? -8.197  10.964  2.908   1.00 19.43 ? 115 PRO A C   1 
ATOM   890  O  O   . PRO A 1 115 ? -7.137  11.489  3.208   1.00 19.63 ? 115 PRO A O   1 
ATOM   891  C  CB  . PRO A 1 115 ? -9.881  12.324  1.557   1.00 19.55 ? 115 PRO A CB  1 
ATOM   892  C  CG  . PRO A 1 115 ? -10.776 11.931  0.415   1.00 21.07 ? 115 PRO A CG  1 
ATOM   893  C  CD  . PRO A 1 115 ? -10.638 10.455  0.190   1.00 20.14 ? 115 PRO A CD  1 
ATOM   894  N  N   . ALA A 1 116 ? -8.884  10.136  3.697   1.00 17.97 ? 116 ALA A N   1 
ATOM   895  C  CA  . ALA A 1 116 ? -8.399  9.791   5.039   1.00 18.44 ? 116 ALA A CA  1 
ATOM   896  C  C   . ALA A 1 116 ? -7.040  9.076   4.984   1.00 17.68 ? 116 ALA A C   1 
ATOM   897  O  O   . ALA A 1 116 ? -6.254  9.123   5.935   1.00 17.32 ? 116 ALA A O   1 
ATOM   898  C  CB  . ALA A 1 116 ? -9.421  8.942   5.795   1.00 18.09 ? 116 ALA A CB  1 
ATOM   899  N  N   . HIS A 1 117 ? -6.774  8.414   3.847   1.00 17.46 ? 117 HIS A N   1 
ATOM   900  C  CA  . HIS A 1 117 ? -5.465  7.856   3.567   1.00 16.30 ? 117 HIS A CA  1 
ATOM   901  C  C   . HIS A 1 117 ? -4.453  8.856   3.008   1.00 16.58 ? 117 HIS A C   1 
ATOM   902  O  O   . HIS A 1 117 ? -3.374  9.034   3.585   1.00 15.51 ? 117 HIS A O   1 
ATOM   903  C  CB  . HIS A 1 117 ? -5.566  6.674   2.595   1.00 16.08 ? 117 HIS A CB  1 
ATOM   904  C  CG  . HIS A 1 117 ? -4.268  5.956   2.434   1.00 16.58 ? 117 HIS A CG  1 
ATOM   905  N  ND1 . HIS A 1 117 ? -3.582  5.438   3.514   1.00 16.22 ? 117 HIS A ND1 1 
ATOM   906  C  CD2 . HIS A 1 117 ? -3.545  5.647   1.335   1.00 15.93 ? 117 HIS A CD2 1 
ATOM   907  C  CE1 . HIS A 1 117 ? -2.479  4.859   3.093   1.00 16.03 ? 117 HIS A CE1 1 
ATOM   908  N  NE2 . HIS A 1 117 ? -2.417  4.993   1.778   1.00 16.35 ? 117 HIS A NE2 1 
ATOM   909  N  N   . LYS A 1 118 ? -4.818  9.475   1.883   1.00 17.33 ? 118 LYS A N   1 
ATOM   910  C  CA  . LYS A 1 118 ? -3.977  10.430  1.146   1.00 17.88 ? 118 LYS A CA  1 
ATOM   911  C  C   . LYS A 1 118 ? -3.509  11.606  2.021   1.00 18.34 ? 118 LYS A C   1 
ATOM   912  O  O   . LYS A 1 118 ? -2.329  11.953  2.021   1.00 18.61 ? 118 LYS A O   1 
ATOM   913  C  CB  . LYS A 1 118 ? -4.678  10.906  -0.133  1.00 17.57 ? 118 LYS A CB  1 
ATOM   914  C  CG  . LYS A 1 118 ? -3.766  11.754  -1.008  1.00 19.30 ? 118 LYS A CG  1 
ATOM   915  C  CD  . LYS A 1 118 ? -4.377  12.075  -2.355  1.00 20.11 ? 118 LYS A CD  1 
ATOM   916  C  CE  . LYS A 1 118 ? -3.402  12.941  -3.171  1.00 22.43 ? 118 LYS A CE  1 
ATOM   917  N  NZ  . LYS A 1 118 ? -4.077  13.152  -4.481  1.00 24.32 ? 118 LYS A NZ  1 
ATOM   918  N  N   . ARG A 1 119 ? -4.433  12.219  2.770   1.00 18.46 ? 119 ARG A N   1 
ATOM   919  C  CA  . ARG A 1 119 ? -4.133  13.395  3.575   1.00 19.36 ? 119 ARG A CA  1 
ATOM   920  C  C   . ARG A 1 119 ? -3.138  13.070  4.668   1.00 18.74 ? 119 ARG A C   1 
ATOM   921  O  O   . ARG A 1 119 ? -2.218  13.828  4.925   1.00 19.25 ? 119 ARG A O   1 
ATOM   922  C  CB  . ARG A 1 119 ? -5.414  13.940  4.209   1.00 19.29 ? 119 ARG A CB  1 
ATOM   923  C  CG  . ARG A 1 119 ? -6.342  14.620  3.184   1.00 21.85 ? 119 ARG A CG  1 
ATOM   924  C  CD  . ARG A 1 119 ? -5.972  16.053  3.050   1.00 29.08 ? 119 ARG A CD  1 
ATOM   925  N  NE  . ARG A 1 119 ? -6.565  16.631  1.867   1.00 34.43 ? 119 ARG A NE  1 
ATOM   926  C  CZ  . ARG A 1 119 ? -6.830  17.919  1.738   1.00 38.50 ? 119 ARG A CZ  1 
ATOM   927  N  NH1 . ARG A 1 119 ? -6.574  18.767  2.754   1.00 39.73 ? 119 ARG A NH1 1 
ATOM   928  N  NH2 . ARG A 1 119 ? -7.376  18.354  0.602   1.00 39.03 ? 119 ARG A NH2 1 
ATOM   929  N  N   . ASP A 1 120 ? -3.303  11.911  5.282   1.00 18.24 ? 120 ASP A N   1 
ATOM   930  C  CA  . ASP A 1 120 ? -2.373  11.473  6.337   1.00 18.35 ? 120 ASP A CA  1 
ATOM   931  C  C   . ASP A 1 120 ? -0.998  11.095  5.773   1.00 17.10 ? 120 ASP A C   1 
ATOM   932  O  O   . ASP A 1 120 ? 0.011   11.601  6.235   1.00 17.92 ? 120 ASP A O   1 
ATOM   933  C  CB  . ASP A 1 120 ? -2.975  10.363  7.217   1.00 17.96 ? 120 ASP A CB  1 
ATOM   934  C  CG  . ASP A 1 120 ? -3.915  10.911  8.314   1.00 18.51 ? 120 ASP A CG  1 
ATOM   935  O  OD1 . ASP A 1 120 ? -3.668  12.022  8.883   1.00 15.65 ? 120 ASP A OD1 1 
ATOM   936  O  OD2 . ASP A 1 120 ? -4.934  10.269  8.679   1.00 19.97 ? 120 ASP A OD2 1 
ATOM   937  N  N   . VAL A 1 121 ? -0.965  10.239  4.761   1.00 16.66 ? 121 VAL A N   1 
ATOM   938  C  CA  . VAL A 1 121 ? 0.302   9.893   4.102   1.00 16.72 ? 121 VAL A CA  1 
ATOM   939  C  C   . VAL A 1 121 ? 1.045   11.145  3.708   1.00 17.14 ? 121 VAL A C   1 
ATOM   940  O  O   . VAL A 1 121 ? 2.226   11.283  4.018   1.00 17.30 ? 121 VAL A O   1 
ATOM   941  C  CB  . VAL A 1 121 ? 0.114   8.983   2.857   1.00 14.77 ? 121 VAL A CB  1 
ATOM   942  C  CG1 . VAL A 1 121 ? 1.461   8.813   2.064   1.00 11.96 ? 121 VAL A CG1 1 
ATOM   943  C  CG2 . VAL A 1 121 ? -0.432  7.625   3.264   1.00 15.38 ? 121 VAL A CG2 1 
ATOM   944  N  N   . LEU A 1 122 ? 0.357   12.057  3.012   1.00 17.98 ? 122 LEU A N   1 
ATOM   945  C  CA  . LEU A 1 122 ? 1.031   13.246  2.551   1.00 17.37 ? 122 LEU A CA  1 
ATOM   946  C  C   . LEU A 1 122 ? 1.136   14.331  3.646   1.00 17.94 ? 122 LEU A C   1 
ATOM   947  O  O   . LEU A 1 122 ? 1.691   15.365  3.389   1.00 18.38 ? 122 LEU A O   1 
ATOM   948  C  CB  . LEU A 1 122 ? 0.405   13.758  1.226   1.00 17.11 ? 122 LEU A CB  1 
ATOM   949  C  CG  . LEU A 1 122 ? 0.429   12.797  0.043   1.00 17.46 ? 122 LEU A CG  1 
ATOM   950  C  CD1 . LEU A 1 122 ? -0.295  13.421  -1.204  1.00 16.36 ? 122 LEU A CD1 1 
ATOM   951  C  CD2 . LEU A 1 122 ? 1.853   12.306  -0.290  1.00 17.52 ? 122 LEU A CD2 1 
ATOM   952  N  N   . ASN A 1 123 ? 0.653   14.083  4.870   1.00 17.96 ? 123 ASN A N   1 
ATOM   953  C  CA  . ASN A 1 123 ? 0.806   15.051  5.974   1.00 19.71 ? 123 ASN A CA  1 
ATOM   954  C  C   . ASN A 1 123 ? 0.185   16.416  5.578   1.00 21.59 ? 123 ASN A C   1 
ATOM   955  O  O   . ASN A 1 123 ? 0.738   17.487  5.884   1.00 21.24 ? 123 ASN A O   1 
ATOM   956  C  CB  . ASN A 1 123 ? 2.281   15.284  6.329   1.00 18.46 ? 123 ASN A CB  1 
ATOM   957  C  CG  . ASN A 1 123 ? 2.895   14.176  7.196   1.00 20.30 ? 123 ASN A CG  1 
ATOM   958  O  OD1 . ASN A 1 123 ? 3.593   14.519  8.145   1.00 24.38 ? 123 ASN A OD1 1 
ATOM   959  N  ND2 . ASN A 1 123 ? 2.724   12.857  6.839   1.00 18.04 ? 123 ASN A ND2 1 
ATOM   960  N  N   . GLN A 1 124 ? -0.924  16.339  4.863   1.00 23.62 ? 124 GLN A N   1 
ATOM   961  C  CA  . GLN A 1 124 ? -1.637  17.508  4.382   1.00 27.38 ? 124 GLN A CA  1 
ATOM   962  C  C   . GLN A 1 124 ? -2.729  17.926  5.358   1.00 29.50 ? 124 GLN A C   1 
ATOM   963  O  O   . GLN A 1 124 ? -3.303  18.990  5.129   1.00 32.39 ? 124 GLN A O   1 
ATOM   964  C  CB  . GLN A 1 124 ? -2.261  17.219  3.026   1.00 26.86 ? 124 GLN A CB  1 
ATOM   965  C  CG  . GLN A 1 124 ? -1.314  17.284  1.872   1.00 28.77 ? 124 GLN A CG  1 
ATOM   966  C  CD  . GLN A 1 124 ? -1.945  16.673  0.643   1.00 30.46 ? 124 GLN A CD  1 
ATOM   967  O  OE1 . GLN A 1 124 ? -2.926  15.937  0.738   1.00 31.91 ? 124 GLN A OE1 1 
ATOM   968  N  NE2 . GLN A 1 124 ? -1.365  16.928  -0.498  1.00 31.41 ? 124 GLN A NE2 1 
ATOM   969  O  OXT . GLN A 1 124 ? -3.042  17.264  6.351   1.00 29.65 ? 124 GLN A OXT 1 
HETATM 970  C  CAC . FLC B 2 .   ? -4.841  5.130   6.648   1.00 16.61 ? 227 FLC A CAC 1 
HETATM 971  C  CA  . FLC B 2 .   ? -5.247  4.327   7.876   1.00 16.66 ? 227 FLC A CA  1 
HETATM 972  C  CB  . FLC B 2 .   ? -5.467  5.136   9.163   1.00 18.39 ? 227 FLC A CB  1 
HETATM 973  C  CBC . FLC B 2 .   ? -4.245  5.945   9.582   1.00 17.65 ? 227 FLC A CBC 1 
HETATM 974  C  CG  . FLC B 2 .   ? -5.883  4.156   10.252  1.00 19.08 ? 227 FLC A CG  1 
HETATM 975  C  CGC . FLC B 2 .   ? -6.437  4.844   11.506  1.00 21.54 ? 227 FLC A CGC 1 
HETATM 976  O  OA1 . FLC B 2 .   ? -4.667  6.380   6.670   1.00 14.44 ? 227 FLC A OA1 1 
HETATM 977  O  OA2 . FLC B 2 .   ? -4.689  4.459   5.592   1.00 15.93 ? 227 FLC A OA2 1 
HETATM 978  O  OB1 . FLC B 2 .   ? -4.353  7.192   9.663   1.00 17.69 ? 227 FLC A OB1 1 
HETATM 979  O  OB2 . FLC B 2 .   ? -3.185  5.352   9.862   1.00 15.51 ? 227 FLC A OB2 1 
HETATM 980  O  OG1 . FLC B 2 .   ? -6.913  6.008   11.530  1.00 20.10 ? 227 FLC A OG1 1 
HETATM 981  O  OG2 . FLC B 2 .   ? -6.321  4.205   12.549  1.00 23.47 ? 227 FLC A OG2 1 
HETATM 982  O  OHB . FLC B 2 .   ? -6.538  6.045   8.923   1.00 19.39 ? 227 FLC A OHB 1 
HETATM 983  N  N1  . AZI C 3 .   ? 4.641   0.916   0.565   1.00 31.48 ? 126 AZI A N1  1 
HETATM 984  N  N2  . AZI C 3 .   ? 4.439   1.701   1.321   1.00 26.64 ? 126 AZI A N2  1 
HETATM 985  N  N3  . AZI C 3 .   ? 4.217   2.490   2.068   1.00 29.87 ? 126 AZI A N3  1 
HETATM 986  C  CHA . HEM D 4 .   ? 5.837   3.081   5.639   1.00 16.32 ? 125 HEM A CHA 1 
HETATM 987  C  CHB . HEM D 4 .   ? 1.495   1.754   3.934   1.00 16.53 ? 125 HEM A CHB 1 
HETATM 988  C  CHC . HEM D 4 .   ? 1.746   5.481   0.841   1.00 16.34 ? 125 HEM A CHC 1 
HETATM 989  C  CHD . HEM D 4 .   ? 6.579   4.924   1.195   1.00 16.28 ? 125 HEM A CHD 1 
HETATM 990  C  C1A . HEM D 4 .   ? 4.600   2.487   5.499   1.00 17.49 ? 125 HEM A C1A 1 
HETATM 991  C  C2A . HEM D 4 .   ? 4.062   1.484   6.380   1.00 16.11 ? 125 HEM A C2A 1 
HETATM 992  C  C3A . HEM D 4 .   ? 2.887   1.084   5.918   1.00 15.40 ? 125 HEM A C3A 1 
HETATM 993  C  C4A . HEM D 4 .   ? 2.610   1.845   4.722   1.00 17.49 ? 125 HEM A C4A 1 
HETATM 994  C  CMA . HEM D 4 .   ? 1.953   0.009   6.524   1.00 15.61 ? 125 HEM A CMA 1 
HETATM 995  C  CAA . HEM D 4 .   ? 4.833   0.975   7.620   1.00 17.32 ? 125 HEM A CAA 1 
HETATM 996  C  CBA . HEM D 4 .   ? 4.181   1.581   8.871   1.00 20.61 ? 125 HEM A CBA 1 
HETATM 997  C  CGA . HEM D 4 .   ? 4.761   1.097   10.205  1.00 23.36 ? 125 HEM A CGA 1 
HETATM 998  O  O1A . HEM D 4 .   ? 5.911   1.440   10.511  1.00 23.19 ? 125 HEM A O1A 1 
HETATM 999  O  O2A . HEM D 4 .   ? 4.060   0.405   10.999  1.00 24.22 ? 125 HEM A O2A 1 
HETATM 1000 C  C1B . HEM D 4 .   ? 1.140   2.694   2.983   1.00 16.98 ? 125 HEM A C1B 1 
HETATM 1001 C  C2B . HEM D 4 .   ? -0.167  2.852   2.393   1.00 14.41 ? 125 HEM A C2B 1 
HETATM 1002 C  C3B . HEM D 4 .   ? -0.116  3.900   1.548   1.00 15.72 ? 125 HEM A C3B 1 
HETATM 1003 C  C4B . HEM D 4 .   ? 1.236   4.430   1.578   1.00 15.42 ? 125 HEM A C4B 1 
HETATM 1004 C  CMB . HEM D 4 .   ? -1.359  1.945   2.718   1.00 11.91 ? 125 HEM A CMB 1 
HETATM 1005 C  CAB . HEM D 4 .   ? -1.228  4.478   0.622   1.00 16.39 ? 125 HEM A CAB 1 
HETATM 1006 C  CBB . HEM D 4 .   ? -1.674  3.749   -0.466  1.00 15.70 ? 125 HEM A CBB 1 
HETATM 1007 C  C1C . HEM D 4 .   ? 3.112   5.656   0.560   1.00 15.41 ? 125 HEM A C1C 1 
HETATM 1008 C  C2C . HEM D 4 .   ? 3.725   6.447   -0.461  1.00 15.45 ? 125 HEM A C2C 1 
HETATM 1009 C  C3C . HEM D 4 .   ? 5.079   6.239   -0.378  1.00 17.41 ? 125 HEM A C3C 1 
HETATM 1010 C  C4C . HEM D 4 .   ? 5.342   5.358   0.713   1.00 16.53 ? 125 HEM A C4C 1 
HETATM 1011 C  CMC . HEM D 4 .   ? 2.939   7.315   -1.468  1.00 13.63 ? 125 HEM A CMC 1 
HETATM 1012 C  CAC . HEM D 4 .   ? 6.260   6.815   -1.222  1.00 18.21 ? 125 HEM A CAC 1 
HETATM 1013 C  CBC . HEM D 4 .   ? 6.270   6.743   -2.546  1.00 18.85 ? 125 HEM A CBC 1 
HETATM 1014 C  C1D . HEM D 4 .   ? 6.841   4.425   2.449   1.00 14.89 ? 125 HEM A C1D 1 
HETATM 1015 C  C2D . HEM D 4 .   ? 8.155   4.331   3.050   1.00 13.12 ? 125 HEM A C2D 1 
HETATM 1016 C  C3D . HEM D 4 .   ? 7.921   3.761   4.457   1.00 17.69 ? 125 HEM A C3D 1 
HETATM 1017 C  C4D . HEM D 4 .   ? 6.507   3.572   4.563   1.00 16.03 ? 125 HEM A C4D 1 
HETATM 1018 C  CMD . HEM D 4 .   ? 9.439   4.732   2.275   1.00 14.01 ? 125 HEM A CMD 1 
HETATM 1019 C  CAD . HEM D 4 .   ? 8.938   3.423   5.567   1.00 22.03 ? 125 HEM A CAD 1 
HETATM 1020 C  CBD . HEM D 4 .   ? 9.207   4.783   6.197   1.00 24.62 ? 125 HEM A CBD 1 
HETATM 1021 C  CGD . HEM D 4 .   ? 10.433  4.624   7.036   1.00 30.17 ? 125 HEM A CGD 1 
HETATM 1022 O  O1D . HEM D 4 .   ? 10.316  4.164   8.171   1.00 31.41 ? 125 HEM A O1D 1 
HETATM 1023 O  O2D . HEM D 4 .   ? 11.549  4.928   6.593   1.00 34.01 ? 125 HEM A O2D 1 
HETATM 1024 N  NA  . HEM D 4 .   ? 3.705   2.681   4.456   1.00 16.84 ? 125 HEM A NA  1 
HETATM 1025 N  NB  . HEM D 4 .   ? 1.945   3.679   2.477   1.00 16.52 ? 125 HEM A NB  1 
HETATM 1026 N  NC  . HEM D 4 .   ? 4.131   5.039   1.234   1.00 15.37 ? 125 HEM A NC  1 
HETATM 1027 N  ND  . HEM D 4 .   ? 5.912   4.003   3.394   1.00 17.81 ? 125 HEM A ND  1 
HETATM 1028 FE FE  . HEM D 4 .   ? 3.940   3.879   2.904   1.00 18.43 ? 125 HEM A FE  1 
HETATM 1029 O  O   . HOH E 5 .   ? -5.812  8.115   7.947   1.00 7.86  ? 228 HOH A O   1 
HETATM 1030 O  O   . HOH E 5 .   ? 15.037  18.277  2.936   1.00 17.30 ? 229 HOH A O   1 
HETATM 1031 O  O   . HOH E 5 .   ? -2.402  8.817   10.377  1.00 17.21 ? 230 HOH A O   1 
HETATM 1032 O  O   . HOH E 5 .   ? -2.381  2.899   10.616  1.00 19.22 ? 231 HOH A O   1 
HETATM 1033 O  O   . HOH E 5 .   ? 10.424  17.768  1.429   1.00 18.87 ? 232 HOH A O   1 
HETATM 1034 O  O   . HOH E 5 .   ? 6.726   17.031  0.608   1.00 16.07 ? 233 HOH A O   1 
HETATM 1035 O  O   . HOH E 5 .   ? 12.317  -5.256  -7.991  1.00 21.42 ? 234 HOH A O   1 
HETATM 1036 O  O   . HOH E 5 .   ? 15.559  1.692   -3.166  1.00 16.69 ? 235 HOH A O   1 
HETATM 1037 O  O   . HOH E 5 .   ? 12.667  19.484  2.056   1.00 19.40 ? 236 HOH A O   1 
HETATM 1038 O  O   . HOH E 5 .   ? 14.424  6.944   -8.705  1.00 22.90 ? 237 HOH A O   1 
HETATM 1039 O  O   . HOH E 5 .   ? -7.872  8.697   9.062   1.00 17.88 ? 238 HOH A O   1 
HETATM 1040 O  O   . HOH E 5 .   ? 11.394  7.968   6.985   1.00 25.82 ? 239 HOH A O   1 
HETATM 1041 O  O   . HOH E 5 .   ? 8.854   8.758   7.219   1.00 25.93 ? 240 HOH A O   1 
HETATM 1042 O  O   . HOH E 5 .   ? 13.070  12.243  -2.888  1.00 22.67 ? 241 HOH A O   1 
HETATM 1043 O  O   . HOH E 5 .   ? -16.464 -12.272 6.279   1.00 22.22 ? 242 HOH A O   1 
HETATM 1044 O  O   . HOH E 5 .   ? -11.884 -11.060 6.781   1.00 26.06 ? 243 HOH A O   1 
HETATM 1045 O  O   . HOH E 5 .   ? 8.312   9.584   9.627   1.00 22.96 ? 244 HOH A O   1 
HETATM 1046 O  O   . HOH E 5 .   ? -11.769 9.081   3.260   1.00 20.39 ? 245 HOH A O   1 
HETATM 1047 O  O   . HOH E 5 .   ? -15.293 -10.657 -7.641  1.00 26.84 ? 246 HOH A O   1 
HETATM 1048 O  O   . HOH E 5 .   ? 14.232  19.007  5.305   1.00 25.56 ? 247 HOH A O   1 
HETATM 1049 O  O   . HOH E 5 .   ? -6.929  12.128  7.898   1.00 29.07 ? 248 HOH A O   1 
HETATM 1050 O  O   . HOH E 5 .   ? 9.111   -7.773  -2.586  1.00 21.08 ? 249 HOH A O   1 
HETATM 1051 O  O   . HOH E 5 .   ? -16.480 -11.063 -5.374  1.00 26.22 ? 250 HOH A O   1 
HETATM 1052 O  O   . HOH E 5 .   ? -18.329 -10.068 6.045   1.00 27.01 ? 251 HOH A O   1 
HETATM 1053 O  O   . HOH E 5 .   ? -14.145 -5.456  3.499   1.00 29.19 ? 252 HOH A O   1 
HETATM 1054 O  O   . HOH E 5 .   ? -8.779  5.178   7.390   1.00 22.08 ? 253 HOH A O   1 
HETATM 1055 O  O   . HOH E 5 .   ? 18.105  4.811   -11.080 1.00 25.58 ? 254 HOH A O   1 
HETATM 1056 O  O   . HOH E 5 .   ? 17.245  3.696   -4.278  1.00 25.67 ? 255 HOH A O   1 
HETATM 1057 O  O   . HOH E 5 .   ? 6.546   -10.745 5.134   1.00 26.61 ? 256 HOH A O   1 
HETATM 1058 O  O   . HOH E 5 .   ? -10.420 -16.415 0.670   1.00 21.82 ? 257 HOH A O   1 
HETATM 1059 O  O   . HOH E 5 .   ? 17.117  0.472   -9.892  1.00 31.39 ? 258 HOH A O   1 
HETATM 1060 O  O   . HOH E 5 .   ? 16.013  -0.582  -7.668  1.00 22.13 ? 259 HOH A O   1 
HETATM 1061 O  O   . HOH E 5 .   ? -5.634  17.036  7.181   1.00 28.35 ? 260 HOH A O   1 
HETATM 1062 O  O   . HOH E 5 .   ? 4.439   17.088  8.165   1.00 27.49 ? 261 HOH A O   1 
HETATM 1063 O  O   . HOH E 5 .   ? 3.128   16.148  0.557   1.00 28.34 ? 262 HOH A O   1 
HETATM 1064 O  O   . HOH E 5 .   ? 9.001   -10.065 5.736   1.00 27.45 ? 263 HOH A O   1 
HETATM 1065 O  O   . HOH E 5 .   ? 2.882   -9.268  8.446   1.00 27.20 ? 264 HOH A O   1 
HETATM 1066 O  O   . HOH E 5 .   ? -6.605  2.607   4.669   1.00 28.95 ? 265 HOH A O   1 
HETATM 1067 O  O   . HOH E 5 .   ? 14.849  5.520   2.463   1.00 27.40 ? 266 HOH A O   1 
HETATM 1068 O  O   . HOH E 5 .   ? -1.743  -5.678  12.987  1.00 39.81 ? 267 HOH A O   1 
HETATM 1069 O  O   . HOH E 5 .   ? 5.423   -0.433  13.043  1.00 36.38 ? 268 HOH A O   1 
HETATM 1070 O  O   . HOH E 5 .   ? 14.698  8.874   -0.182  1.00 22.21 ? 269 HOH A O   1 
HETATM 1071 O  O   . HOH E 5 .   ? -8.170  11.540  -2.276  1.00 24.95 ? 270 HOH A O   1 
HETATM 1072 O  O   . HOH E 5 .   ? -3.680  2.340   12.722  1.00 34.90 ? 271 HOH A O   1 
HETATM 1073 O  O   . HOH E 5 .   ? -2.316  0.753   -12.563 1.00 32.78 ? 272 HOH A O   1 
HETATM 1074 O  O   . HOH E 5 .   ? 13.895  8.771   4.178   1.00 26.07 ? 273 HOH A O   1 
HETATM 1075 O  O   . HOH E 5 .   ? 7.961   4.926   9.935   1.00 43.60 ? 274 HOH A O   1 
HETATM 1076 O  O   . HOH E 5 .   ? -17.484 -8.376  -4.754  1.00 25.76 ? 275 HOH A O   1 
HETATM 1077 O  O   . HOH E 5 .   ? 13.463  0.420   8.035   1.00 29.10 ? 276 HOH A O   1 
HETATM 1078 O  O   . HOH E 5 .   ? -7.266  13.510  -0.669  1.00 27.87 ? 277 HOH A O   1 
HETATM 1079 O  O   . HOH E 5 .   ? 5.999   -7.229  -9.678  1.00 23.75 ? 278 HOH A O   1 
HETATM 1080 O  O   . HOH E 5 .   ? -8.539  4.077   2.936   1.00 24.94 ? 279 HOH A O   1 
HETATM 1081 O  O   . HOH E 5 .   ? 3.202   12.769  12.646  1.00 27.35 ? 280 HOH A O   1 
HETATM 1082 O  O   . HOH E 5 .   ? 13.121  8.309   1.846   1.00 31.83 ? 281 HOH A O   1 
HETATM 1083 O  O   . HOH E 5 .   ? -6.541  4.489   -5.914  1.00 25.36 ? 282 HOH A O   1 
HETATM 1084 O  O   . HOH E 5 .   ? -5.286  -17.570 1.972   1.00 35.14 ? 283 HOH A O   1 
HETATM 1085 O  O   . HOH E 5 .   ? -6.602  -16.019 5.084   1.00 29.15 ? 284 HOH A O   1 
HETATM 1086 O  O   . HOH E 5 .   ? 10.632  3.363   -13.914 1.00 30.52 ? 285 HOH A O   1 
HETATM 1087 O  O   . HOH E 5 .   ? 8.036   -0.705  -11.634 1.00 24.72 ? 286 HOH A O   1 
HETATM 1088 O  O   . HOH E 5 .   ? 8.775   -0.001  7.582   1.00 33.59 ? 287 HOH A O   1 
HETATM 1089 O  O   . HOH E 5 .   ? 1.631   -13.461 4.089   1.00 41.19 ? 288 HOH A O   1 
HETATM 1090 O  O   . HOH E 5 .   ? -9.499  15.374  -0.456  1.00 30.47 ? 289 HOH A O   1 
HETATM 1091 O  O   . HOH E 5 .   ? 4.964   -11.113 6.982   1.00 36.73 ? 290 HOH A O   1 
HETATM 1092 O  O   . HOH E 5 .   ? 1.223   17.005  -3.561  1.00 31.39 ? 291 HOH A O   1 
HETATM 1093 O  O   . HOH E 5 .   ? 1.295   16.528  10.828  1.00 27.95 ? 292 HOH A O   1 
HETATM 1094 O  O   . HOH E 5 .   ? 13.390  1.439   -13.338 1.00 36.67 ? 293 HOH A O   1 
HETATM 1095 O  O   . HOH E 5 .   ? 2.640   9.639   -10.554 1.00 30.48 ? 294 HOH A O   1 
HETATM 1096 O  O   . HOH E 5 .   ? 3.045   -4.433  11.495  1.00 41.67 ? 295 HOH A O   1 
HETATM 1097 O  O   . HOH E 5 .   ? -2.880  -11.634 6.193   1.00 33.30 ? 296 HOH A O   1 
HETATM 1098 O  O   . HOH E 5 .   ? -16.091 -13.252 -3.772  1.00 35.74 ? 297 HOH A O   1 
HETATM 1099 O  O   . HOH E 5 .   ? 3.233   14.969  11.079  1.00 34.84 ? 298 HOH A O   1 
HETATM 1100 O  O   . HOH E 5 .   ? -11.992 6.578   4.356   1.00 23.07 ? 299 HOH A O   1 
HETATM 1101 O  O   . HOH E 5 .   ? 11.930  20.183  4.599   1.00 25.96 ? 300 HOH A O   1 
HETATM 1102 O  O   . HOH E 5 .   ? -11.047 -3.724  9.594   1.00 35.15 ? 301 HOH A O   1 
HETATM 1103 O  O   . HOH E 5 .   ? 2.299   16.642  -6.732  1.00 40.30 ? 302 HOH A O   1 
HETATM 1104 O  O   . HOH E 5 .   ? -3.488  -6.929  10.425  1.00 38.22 ? 303 HOH A O   1 
HETATM 1105 O  O   . HOH E 5 .   ? -4.575  11.091  -6.026  1.00 34.09 ? 304 HOH A O   1 
HETATM 1106 O  O   . HOH E 5 .   ? -4.190  2.610   -12.236 1.00 30.64 ? 305 HOH A O   1 
HETATM 1107 O  O   . HOH E 5 .   ? -9.129  6.993   12.301  1.00 29.84 ? 306 HOH A O   1 
HETATM 1108 O  O   . HOH E 5 .   ? -0.923  -5.163  -14.270 1.00 40.01 ? 307 HOH A O   1 
HETATM 1109 O  O   . HOH E 5 .   ? 7.613   2.805   9.050   1.00 41.48 ? 308 HOH A O   1 
HETATM 1110 O  O   . HOH E 5 .   ? -0.083  -10.184 8.301   1.00 39.23 ? 309 HOH A O   1 
HETATM 1111 O  O   . HOH E 5 .   ? -3.388  -1.283  -13.658 1.00 37.72 ? 310 HOH A O   1 
HETATM 1112 O  O   . HOH E 5 .   ? -4.898  15.251  -0.873  1.00 35.99 ? 311 HOH A O   1 
HETATM 1113 O  O   . HOH E 5 .   ? 16.999  -1.723  -11.176 1.00 40.91 ? 312 HOH A O   1 
HETATM 1114 O  O   . HOH E 5 .   ? -14.421 -13.104 8.304   1.00 39.20 ? 313 HOH A O   1 
HETATM 1115 O  O   . HOH E 5 .   ? -17.205 -5.291  -5.277  1.00 34.52 ? 314 HOH A O   1 
HETATM 1116 O  O   . HOH E 5 .   ? -12.335 -3.274  3.357   1.00 35.45 ? 315 HOH A O   1 
HETATM 1117 O  O   . HOH E 5 .   ? -1.852  2.127   14.601  1.00 38.99 ? 316 HOH A O   1 
HETATM 1118 O  O   . HOH E 5 .   ? -15.624 -6.420  -0.311  1.00 36.15 ? 317 HOH A O   1 
HETATM 1119 O  O   . HOH E 5 .   ? -7.187  -13.494 -8.341  1.00 39.79 ? 318 HOH A O   1 
HETATM 1120 O  O   . HOH E 5 .   ? -18.836 -8.245  -0.168  1.00 40.91 ? 319 HOH A O   1 
HETATM 1121 O  O   . HOH E 5 .   ? 4.551   18.737  6.127   1.00 34.50 ? 320 HOH A O   1 
HETATM 1122 O  O   . HOH E 5 .   ? 5.757   0.970   -12.258 1.00 41.68 ? 321 HOH A O   1 
HETATM 1123 O  O   . HOH E 5 .   ? -9.668  6.227   -5.859  1.00 37.44 ? 322 HOH A O   1 
HETATM 1124 O  O   . HOH E 5 .   ? 12.234  -7.066  -9.605  1.00 39.29 ? 323 HOH A O   1 
HETATM 1125 O  O   . HOH E 5 .   ? -11.669 -1.580  -11.700 1.00 39.10 ? 324 HOH A O   1 
HETATM 1126 O  O   . HOH E 5 .   ? 16.585  10.813  7.784   1.00 34.92 ? 325 HOH A O   1 
HETATM 1127 O  O   . HOH E 5 .   ? 4.774   0.860   15.681  1.00 45.72 ? 326 HOH A O   1 
HETATM 1128 O  O   . HOH E 5 .   ? -16.122 -8.936  -10.529 1.00 39.69 ? 327 HOH A O   1 
HETATM 1129 O  O   . HOH E 5 .   ? 10.265  11.333  -8.137  1.00 39.29 ? 328 HOH A O   1 
HETATM 1130 O  O   . HOH E 5 .   ? 9.381   19.446  -0.332  1.00 29.25 ? 329 HOH A O   1 
HETATM 1131 O  O   . HOH E 5 .   ? -5.043  7.000   -5.492  1.00 38.42 ? 330 HOH A O   1 
HETATM 1132 O  O   . HOH E 5 .   ? -2.524  20.810  3.137   1.00 39.01 ? 331 HOH A O   1 
HETATM 1133 O  O   . HOH E 5 .   ? 5.052   -6.673  11.221  1.00 43.70 ? 332 HOH A O   1 
HETATM 1134 O  O   . HOH E 5 .   ? -14.058 -6.260  8.784   1.00 33.90 ? 333 HOH A O   1 
HETATM 1135 O  O   . HOH E 5 .   ? 5.406   11.836  14.281  1.00 38.36 ? 334 HOH A O   1 
HETATM 1136 O  O   . HOH E 5 .   ? 13.287  5.953   5.178   1.00 37.70 ? 335 HOH A O   1 
HETATM 1137 O  O   . HOH E 5 .   ? -4.478  4.172   -9.951  1.00 39.42 ? 336 HOH A O   1 
HETATM 1138 O  O   . HOH E 5 .   ? 2.228   18.068  2.781   1.00 39.71 ? 337 HOH A O   1 
HETATM 1139 O  O   . HOH E 5 .   ? -2.294  13.493  -6.741  1.00 40.86 ? 338 HOH A O   1 
HETATM 1140 O  O   . HOH E 5 .   ? 6.983   10.326  12.824  1.00 39.82 ? 339 HOH A O   1 
HETATM 1141 O  O   . HOH E 5 .   ? -1.960  -2.321  -15.254 1.00 45.40 ? 340 HOH A O   1 
HETATM 1142 O  O   . HOH E 5 .   ? 8.039   17.327  -3.738  1.00 36.18 ? 341 HOH A O   1 
HETATM 1143 O  O   . HOH E 5 .   ? 9.960   -10.422 -2.058  1.00 39.46 ? 342 HOH A O   1 
HETATM 1144 O  O   . HOH E 5 .   ? 0.815   19.764  7.227   1.00 43.05 ? 343 HOH A O   1 
HETATM 1145 O  O   . HOH E 5 .   ? 9.860   21.223  4.161   1.00 40.91 ? 344 HOH A O   1 
HETATM 1146 O  O   . HOH E 5 .   ? -3.921  6.333   19.488  1.00 47.16 ? 345 HOH A O   1 
HETATM 1147 O  O   . HOH E 5 .   ? -6.920  4.694   -8.520  1.00 36.38 ? 346 HOH A O   1 
HETATM 1148 O  O   . HOH E 5 .   ? 7.527   11.265  -10.033 1.00 46.24 ? 347 HOH A O   1 
HETATM 1149 O  O   . HOH E 5 .   ? -10.300 0.308   4.788   1.00 37.86 ? 348 HOH A O   1 
HETATM 1150 O  O   . HOH E 5 .   ? -6.455  -14.165 -5.459  1.00 47.33 ? 349 HOH A O   1 
HETATM 1151 O  O   . HOH E 5 .   ? -0.176  -12.030 4.135   1.00 41.75 ? 350 HOH A O   1 
HETATM 1152 O  O   . HOH E 5 .   ? 17.170  7.498   2.470   1.00 24.50 ? 351 HOH A O   1 
HETATM 1153 O  O   . HOH E 5 .   ? -1.086  5.634   -2.605  1.00 65.24 ? 352 HOH A O   1 
HETATM 1154 O  O   . HOH E 5 .   ? 1.380   -1.333  16.791  1.00 59.09 ? 353 HOH A O   1 
HETATM 1155 O  O   . HOH E 5 .   ? -5.489  -2.345  -12.884 1.00 51.19 ? 354 HOH A O   1 
HETATM 1156 O  O   . HOH E 5 .   ? -2.551  -4.518  17.275  1.00 56.41 ? 355 HOH A O   1 
HETATM 1157 O  O   . HOH E 5 .   ? -12.735 -8.511  -14.018 1.00 44.77 ? 356 HOH A O   1 
HETATM 1158 O  O   . HOH E 5 .   ? 10.634  14.649  10.119  1.00 47.54 ? 357 HOH A O   1 
HETATM 1159 O  O   . HOH E 5 .   ? 12.359  -1.880  13.863  1.00 65.16 ? 358 HOH A O   1 
HETATM 1160 O  O   . HOH E 5 .   ? -8.530  -12.409 -6.467  1.00 49.30 ? 359 HOH A O   1 
HETATM 1161 O  O   . HOH E 5 .   ? -2.032  -9.475  9.777   1.00 45.65 ? 360 HOH A O   1 
HETATM 1162 O  O   . HOH E 5 .   ? 9.934   -10.274 3.430   1.00 57.25 ? 361 HOH A O   1 
HETATM 1163 O  O   . HOH E 5 .   ? 9.600   -8.625  9.571   1.00 48.73 ? 362 HOH A O   1 
HETATM 1164 O  O   . HOH E 5 .   ? 10.724  20.316  6.682   1.00 41.96 ? 363 HOH A O   1 
HETATM 1165 O  O   . HOH E 5 .   ? 9.940   -1.949  12.267  1.00 67.16 ? 364 HOH A O   1 
HETATM 1166 O  O   . HOH E 5 .   ? 7.746   5.873   11.607  1.00 45.28 ? 365 HOH A O   1 
HETATM 1167 O  O   . HOH E 5 .   ? 9.709   10.718  -11.922 1.00 49.92 ? 366 HOH A O   1 
HETATM 1168 O  O   . HOH E 5 .   ? 4.373   -3.318  14.050  1.00 56.98 ? 367 HOH A O   1 
HETATM 1169 O  O   . HOH E 5 .   ? -0.451  0.842   -14.491 1.00 58.42 ? 368 HOH A O   1 
HETATM 1170 O  O   . HOH E 5 .   ? 6.263   7.343   14.616  1.00 53.39 ? 369 HOH A O   1 
# 
